data_3HHG
#
_entry.id   3HHG
#
_cell.length_a   104.638
_cell.length_b   119.091
_cell.length_c   250.204
_cell.angle_alpha   90.00
_cell.angle_beta   90.00
_cell.angle_gamma   90.00
#
_symmetry.space_group_name_H-M   'P 21 21 21'
#
_entity_poly.entity_id   1
_entity_poly.type   'polypeptide(L)'
_entity_poly.pdbx_seq_one_letter_code
;MKTNSEELTVFVQVVESGSFSRAAEQLAMANSAVSRIVKRLEEKLGVNLLNRTTRQLSLTEEGAQYFRRAQRILQEMAAA
ETEMLAVHEIPQGVLSVDSAMPMVLHLLAPLAAKFNERYPHIRLSLVSSEGYINLIERKVDIALRAGELDDSGLRARHLF
DSRFRVIASPEYLAKHGTPQSTEELAGHQCLGFTEPGSLNTWAVLDAQGNPYKISPHFTASSGEILRSLCLSGCGIVCLS
DFLVDNDIAEGKLIPLLAEQTSDKTHPFNAVYYSDKAVNLRLRVFLDFLVEELGNNLCGKHHHHHH
;
_entity_poly.pdbx_strand_id   A,B,C,D,E,F,G,H
#
# COMPACT_ATOMS: atom_id res chain seq x y z
N LYS A 2 38.95 -36.30 -26.41
CA LYS A 2 40.03 -36.71 -27.38
C LYS A 2 39.98 -35.91 -28.69
N THR A 3 38.98 -35.04 -28.83
CA THR A 3 38.88 -34.18 -30.03
C THR A 3 40.04 -33.20 -30.08
N ASN A 4 40.25 -32.58 -31.24
CA ASN A 4 41.22 -31.50 -31.36
C ASN A 4 40.85 -30.49 -32.45
N SER A 5 41.50 -29.33 -32.41
CA SER A 5 41.24 -28.28 -33.37
C SER A 5 41.63 -28.70 -34.78
N GLU A 6 42.79 -29.34 -34.90
CA GLU A 6 43.34 -29.75 -36.20
C GLU A 6 42.35 -30.57 -37.04
N GLU A 7 41.44 -31.29 -36.38
CA GLU A 7 40.39 -32.04 -37.07
C GLU A 7 39.05 -31.30 -37.09
N LEU A 8 38.75 -30.55 -36.03
CA LEU A 8 37.51 -29.79 -35.98
C LEU A 8 37.50 -28.70 -37.05
N THR A 9 38.68 -28.11 -37.29
CA THR A 9 38.85 -27.14 -38.38
C THR A 9 38.62 -27.77 -39.76
N VAL A 10 39.08 -29.01 -39.93
CA VAL A 10 39.00 -29.71 -41.21
C VAL A 10 37.57 -30.11 -41.58
N PHE A 11 36.78 -30.47 -40.57
CA PHE A 11 35.36 -30.77 -40.79
C PHE A 11 34.58 -29.48 -41.05
N VAL A 12 34.89 -28.42 -40.30
CA VAL A 12 34.20 -27.14 -40.47
C VAL A 12 34.55 -26.49 -41.81
N GLN A 13 35.66 -26.93 -42.41
CA GLN A 13 36.02 -26.51 -43.77
C GLN A 13 35.24 -27.29 -44.83
N VAL A 14 35.36 -28.62 -44.79
CA VAL A 14 34.80 -29.50 -45.82
C VAL A 14 33.30 -29.25 -46.11
N VAL A 15 32.54 -28.93 -45.06
CA VAL A 15 31.11 -28.63 -45.22
C VAL A 15 30.90 -27.34 -46.00
N GLU A 16 31.46 -26.24 -45.48
CA GLU A 16 31.28 -24.92 -46.10
C GLU A 16 32.06 -24.77 -47.41
N SER A 17 33.14 -25.55 -47.58
CA SER A 17 34.00 -25.44 -48.77
C SER A 17 33.60 -26.40 -49.89
N GLY A 18 32.30 -26.42 -50.21
CA GLY A 18 31.78 -27.24 -51.31
C GLY A 18 31.89 -28.73 -51.08
N SER A 19 32.76 -29.38 -51.85
CA SER A 19 32.95 -30.82 -51.78
C SER A 19 34.23 -31.18 -51.04
N PHE A 20 34.40 -32.47 -50.78
CA PHE A 20 35.57 -32.99 -50.08
C PHE A 20 36.87 -32.65 -50.79
N SER A 21 36.88 -32.84 -52.11
CA SER A 21 38.07 -32.57 -52.93
C SER A 21 38.52 -31.11 -52.85
N ARG A 22 37.57 -30.20 -52.71
CA ARG A 22 37.84 -28.77 -52.67
C ARG A 22 38.35 -28.30 -51.32
N ALA A 23 37.90 -28.95 -50.24
CA ALA A 23 38.32 -28.60 -48.89
C ALA A 23 39.83 -28.70 -48.71
N ALA A 24 40.44 -29.71 -49.35
CA ALA A 24 41.88 -29.92 -49.27
C ALA A 24 42.66 -28.78 -49.95
N GLU A 25 42.05 -28.16 -50.95
CA GLU A 25 42.68 -27.06 -51.68
C GLU A 25 42.82 -25.81 -50.81
N GLN A 26 41.80 -25.52 -50.01
CA GLN A 26 41.80 -24.32 -49.17
C GLN A 26 42.72 -24.44 -47.96
N LEU A 27 42.78 -25.63 -47.36
CA LEU A 27 43.62 -25.86 -46.17
C LEU A 27 45.09 -26.14 -46.50
N ALA A 28 45.42 -26.26 -47.78
CA ALA A 28 46.77 -26.55 -48.23
C ALA A 28 47.23 -27.93 -47.74
N MET A 29 46.40 -28.95 -47.99
CA MET A 29 46.73 -30.33 -47.66
C MET A 29 46.10 -31.31 -48.65
N ALA A 30 46.66 -32.51 -48.73
CA ALA A 30 46.22 -33.52 -49.70
C ALA A 30 44.87 -34.11 -49.34
N ASN A 31 44.26 -34.78 -50.33
CA ASN A 31 42.97 -35.44 -50.15
C ASN A 31 43.09 -36.76 -49.40
N SER A 32 44.31 -37.31 -49.35
CA SER A 32 44.62 -38.47 -48.51
C SER A 32 44.62 -38.09 -47.04
N ALA A 33 45.03 -36.86 -46.75
CA ALA A 33 45.03 -36.34 -45.39
C ALA A 33 43.62 -36.05 -44.89
N VAL A 34 42.82 -35.38 -45.73
CA VAL A 34 41.49 -34.92 -45.34
C VAL A 34 40.52 -36.07 -45.03
N SER A 35 40.69 -37.20 -45.70
CA SER A 35 39.81 -38.36 -45.48
C SER A 35 40.15 -39.04 -44.16
N ARG A 36 41.46 -39.17 -43.91
CA ARG A 36 41.97 -39.76 -42.68
C ARG A 36 41.40 -39.08 -41.43
N ILE A 37 41.56 -37.77 -41.38
CA ILE A 37 41.17 -36.98 -40.19
C ILE A 37 39.65 -36.78 -40.06
N VAL A 38 38.95 -36.66 -41.20
CA VAL A 38 37.48 -36.57 -41.19
C VAL A 38 36.87 -37.89 -40.72
N LYS A 39 37.36 -39.01 -41.24
CA LYS A 39 36.90 -40.33 -40.82
C LYS A 39 37.23 -40.60 -39.35
N ARG A 40 38.37 -40.08 -38.89
CA ARG A 40 38.79 -40.21 -37.50
C ARG A 40 37.91 -39.43 -36.52
N LEU A 41 37.38 -38.29 -36.98
CA LEU A 41 36.52 -37.45 -36.13
C LEU A 41 35.17 -38.12 -35.92
N GLU A 42 34.55 -38.56 -37.00
CA GLU A 42 33.26 -39.25 -36.92
C GLU A 42 33.38 -40.66 -36.32
N GLU A 43 34.62 -41.13 -36.16
CA GLU A 43 34.90 -42.32 -35.36
C GLU A 43 34.83 -41.97 -33.87
N LYS A 44 35.48 -40.88 -33.47
CA LYS A 44 35.55 -40.49 -32.05
C LYS A 44 34.35 -39.68 -31.56
N LEU A 45 33.47 -39.29 -32.48
CA LEU A 45 32.16 -38.70 -32.13
C LEU A 45 31.14 -39.79 -31.82
N GLY A 46 31.24 -40.91 -32.54
CA GLY A 46 30.29 -42.01 -32.40
C GLY A 46 29.08 -41.83 -33.29
N VAL A 47 29.23 -41.06 -34.37
CA VAL A 47 28.16 -40.82 -35.33
C VAL A 47 28.70 -40.65 -36.75
N ASN A 48 27.86 -40.99 -37.73
CA ASN A 48 28.15 -40.73 -39.13
C ASN A 48 27.64 -39.34 -39.45
N LEU A 49 28.56 -38.41 -39.68
CA LEU A 49 28.18 -37.01 -39.91
C LEU A 49 27.65 -36.82 -41.33
N LEU A 50 28.48 -37.15 -42.31
CA LEU A 50 28.16 -36.93 -43.73
C LEU A 50 27.71 -38.20 -44.45
N ASN A 51 27.21 -38.00 -45.68
CA ASN A 51 26.67 -39.07 -46.53
C ASN A 51 27.28 -38.99 -47.93
N ARG A 52 28.25 -39.86 -48.21
CA ARG A 52 29.01 -39.79 -49.47
C ARG A 52 28.48 -40.69 -50.58
N THR A 53 27.29 -41.26 -50.41
CA THR A 53 26.65 -42.04 -51.46
C THR A 53 26.30 -41.14 -52.65
N THR A 54 25.95 -39.89 -52.35
CA THR A 54 25.64 -38.89 -53.37
C THR A 54 26.91 -38.42 -54.08
N ARG A 55 26.75 -37.85 -55.28
CA ARG A 55 27.86 -37.23 -56.01
C ARG A 55 28.44 -36.05 -55.21
N GLN A 56 27.55 -35.29 -54.57
CA GLN A 56 27.94 -34.20 -53.69
C GLN A 56 27.56 -34.59 -52.26
N LEU A 57 28.55 -34.62 -51.38
CA LEU A 57 28.32 -34.99 -49.98
C LEU A 57 27.16 -34.19 -49.36
N SER A 58 26.36 -34.87 -48.55
CA SER A 58 25.18 -34.28 -47.91
C SER A 58 25.36 -34.27 -46.38
N LEU A 59 24.51 -33.52 -45.68
CA LEU A 59 24.58 -33.41 -44.22
C LEU A 59 23.47 -34.20 -43.54
N THR A 60 23.86 -35.28 -42.87
CA THR A 60 22.94 -36.01 -42.00
C THR A 60 22.71 -35.13 -40.78
N GLU A 61 21.46 -34.97 -40.37
CA GLU A 61 21.10 -34.00 -39.32
C GLU A 61 22.04 -33.99 -38.12
N GLU A 62 22.64 -35.14 -37.81
CA GLU A 62 23.68 -35.21 -36.76
C GLU A 62 24.96 -34.47 -37.15
N GLY A 63 25.36 -34.58 -38.42
CA GLY A 63 26.54 -33.87 -38.93
C GLY A 63 26.31 -32.38 -39.08
N ALA A 64 25.10 -32.00 -39.46
CA ALA A 64 24.73 -30.60 -39.64
C ALA A 64 24.54 -29.87 -38.31
N GLN A 65 24.16 -30.60 -37.26
CA GLN A 65 24.01 -29.98 -35.94
C GLN A 65 25.33 -29.79 -35.24
N TYR A 66 26.16 -30.84 -35.23
CA TYR A 66 27.53 -30.74 -34.70
C TYR A 66 28.36 -29.69 -35.45
N PHE A 67 28.08 -29.50 -36.74
CA PHE A 67 28.73 -28.46 -37.52
C PHE A 67 28.43 -27.09 -36.92
N ARG A 68 27.15 -26.73 -36.81
CA ARG A 68 26.78 -25.44 -36.23
C ARG A 68 27.20 -25.28 -34.75
N ARG A 69 27.64 -26.36 -34.10
CA ARG A 69 28.38 -26.26 -32.84
C ARG A 69 29.86 -26.04 -33.16
N ALA A 70 30.46 -27.00 -33.86
CA ALA A 70 31.89 -26.98 -34.22
C ALA A 70 32.37 -25.63 -34.72
N GLN A 71 31.50 -24.98 -35.50
CA GLN A 71 31.74 -23.66 -36.05
C GLN A 71 31.99 -22.63 -34.95
N ARG A 72 31.08 -22.56 -33.99
CA ARG A 72 31.18 -21.60 -32.88
C ARG A 72 32.43 -21.82 -32.04
N ILE A 73 32.73 -23.09 -31.73
CA ILE A 73 33.97 -23.43 -31.00
C ILE A 73 35.18 -22.84 -31.71
N LEU A 74 35.27 -23.06 -33.01
CA LEU A 74 36.35 -22.47 -33.82
C LEU A 74 36.22 -20.94 -33.93
N GLN A 75 34.99 -20.42 -33.95
CA GLN A 75 34.80 -18.96 -33.94
C GLN A 75 35.40 -18.41 -32.65
N GLU A 76 34.90 -18.89 -31.51
CA GLU A 76 35.39 -18.47 -30.19
C GLU A 76 36.90 -18.54 -30.06
N MET A 77 37.47 -19.62 -30.58
CA MET A 77 38.89 -19.88 -30.46
C MET A 77 39.69 -18.78 -31.18
N ALA A 78 39.14 -18.25 -32.27
CA ALA A 78 39.71 -17.10 -32.97
C ALA A 78 39.43 -15.79 -32.22
N ALA A 79 38.20 -15.63 -31.73
CA ALA A 79 37.85 -14.48 -30.90
C ALA A 79 38.77 -14.36 -29.70
N ALA A 80 39.12 -15.49 -29.09
CA ALA A 80 40.05 -15.52 -27.97
C ALA A 80 41.39 -14.97 -28.38
N GLU A 81 41.89 -15.42 -29.52
CA GLU A 81 43.18 -14.95 -30.04
C GLU A 81 43.14 -13.47 -30.38
N THR A 82 42.09 -13.06 -31.09
CA THR A 82 41.93 -11.67 -31.47
C THR A 82 41.88 -10.80 -30.23
N GLU A 83 41.19 -11.28 -29.19
CA GLU A 83 41.08 -10.53 -27.93
C GLU A 83 42.45 -10.20 -27.32
N MET A 84 43.44 -11.06 -27.53
CA MET A 84 44.79 -10.82 -27.06
C MET A 84 45.57 -9.87 -27.97
N LEU A 85 45.53 -10.15 -29.28
CA LEU A 85 46.22 -9.32 -30.27
C LEU A 85 45.79 -7.85 -30.19
N ALA A 86 44.57 -7.60 -29.74
CA ALA A 86 44.09 -6.24 -29.56
C ALA A 86 44.50 -5.65 -28.22
N VAL A 87 45.27 -6.39 -27.42
CA VAL A 87 45.85 -5.84 -26.19
C VAL A 87 46.91 -4.81 -26.58
N HIS A 88 47.96 -5.29 -27.23
CA HIS A 88 49.15 -4.48 -27.52
C HIS A 88 49.21 -3.98 -28.98
N GLU A 89 48.10 -4.13 -29.72
CA GLU A 89 47.96 -3.56 -31.07
C GLU A 89 46.58 -2.88 -31.13
N ILE A 90 46.39 -1.87 -30.29
CA ILE A 90 45.07 -1.29 -30.01
C ILE A 90 44.23 -1.01 -31.26
N PRO A 91 43.01 -1.60 -31.35
CA PRO A 91 42.12 -1.28 -32.45
C PRO A 91 41.58 0.14 -32.32
N GLN A 92 41.55 0.87 -33.43
CA GLN A 92 41.10 2.26 -33.40
C GLN A 92 40.54 2.71 -34.74
N GLY A 93 39.79 3.80 -34.72
CA GLY A 93 39.34 4.44 -35.94
C GLY A 93 37.85 4.31 -36.11
N VAL A 94 37.36 4.69 -37.27
CA VAL A 94 35.93 4.64 -37.56
C VAL A 94 35.58 3.27 -38.14
N LEU A 95 34.69 2.56 -37.46
CA LEU A 95 34.12 1.32 -37.94
C LEU A 95 32.66 1.59 -38.19
N SER A 96 32.25 1.62 -39.46
CA SER A 96 30.86 1.93 -39.80
C SER A 96 30.06 0.66 -39.88
N VAL A 97 28.82 0.70 -39.40
CA VAL A 97 27.99 -0.49 -39.33
C VAL A 97 26.60 -0.19 -39.89
N ASP A 98 26.42 -0.51 -41.17
CA ASP A 98 25.13 -0.34 -41.83
C ASP A 98 24.21 -1.44 -41.35
N SER A 99 22.99 -1.05 -40.97
CA SER A 99 22.15 -1.95 -40.20
C SER A 99 20.67 -1.64 -40.36
N ALA A 100 19.86 -2.68 -40.20
CA ALA A 100 18.41 -2.57 -40.30
C ALA A 100 17.89 -1.80 -39.10
N MET A 101 17.20 -0.70 -39.35
CA MET A 101 16.74 0.19 -38.27
C MET A 101 16.41 -0.49 -36.93
N PRO A 102 15.60 -1.57 -36.95
CA PRO A 102 15.31 -2.27 -35.68
C PRO A 102 16.47 -3.01 -35.03
N MET A 103 17.50 -3.38 -35.79
CA MET A 103 18.68 -4.05 -35.20
C MET A 103 19.50 -3.06 -34.40
N VAL A 104 19.70 -1.88 -34.99
CA VAL A 104 20.43 -0.77 -34.36
C VAL A 104 19.78 -0.37 -33.05
N LEU A 105 18.48 -0.09 -33.10
CA LEU A 105 17.76 0.43 -31.94
C LEU A 105 17.68 -0.60 -30.83
N HIS A 106 17.36 -1.84 -31.17
CA HIS A 106 17.06 -2.85 -30.15
C HIS A 106 18.22 -3.74 -29.75
N LEU A 107 19.24 -3.84 -30.60
CA LEU A 107 20.43 -4.64 -30.27
C LEU A 107 21.66 -3.77 -30.03
N LEU A 108 22.11 -3.05 -31.05
CA LEU A 108 23.34 -2.26 -30.93
C LEU A 108 23.24 -1.19 -29.85
N ALA A 109 22.41 -0.17 -30.07
CA ALA A 109 22.33 0.98 -29.17
C ALA A 109 22.61 0.61 -27.71
N PRO A 110 21.87 -0.37 -27.16
CA PRO A 110 22.14 -0.82 -25.80
C PRO A 110 23.57 -1.27 -25.57
N LEU A 111 24.08 -2.14 -26.44
CA LEU A 111 25.41 -2.70 -26.26
C LEU A 111 26.55 -1.70 -26.53
N ALA A 112 26.23 -0.60 -27.22
CA ALA A 112 27.27 0.32 -27.70
C ALA A 112 28.17 0.84 -26.58
N ALA A 113 27.58 1.26 -25.47
CA ALA A 113 28.35 1.80 -24.34
C ALA A 113 29.34 0.77 -23.78
N LYS A 114 28.85 -0.45 -23.62
CA LYS A 114 29.65 -1.57 -23.13
C LYS A 114 30.82 -1.86 -24.07
N PHE A 115 30.57 -1.78 -25.37
CA PHE A 115 31.61 -1.94 -26.39
C PHE A 115 32.55 -0.75 -26.38
N ASN A 116 31.96 0.45 -26.30
CA ASN A 116 32.74 1.67 -26.11
C ASN A 116 33.76 1.43 -25.02
N GLU A 117 33.27 1.03 -23.85
CA GLU A 117 34.15 0.77 -22.72
C GLU A 117 35.31 -0.13 -23.13
N ARG A 118 35.00 -1.30 -23.70
CA ARG A 118 36.02 -2.29 -23.95
C ARG A 118 37.07 -1.83 -24.95
N TYR A 119 36.68 -1.02 -25.93
CA TYR A 119 37.60 -0.59 -26.98
C TYR A 119 37.45 0.90 -27.31
N PRO A 120 37.73 1.78 -26.34
CA PRO A 120 37.32 3.17 -26.46
C PRO A 120 37.81 3.91 -27.71
N HIS A 121 38.80 3.37 -28.41
CA HIS A 121 39.39 4.06 -29.56
C HIS A 121 38.72 3.76 -30.92
N ILE A 122 37.71 2.88 -30.92
CA ILE A 122 36.89 2.66 -32.12
C ILE A 122 35.71 3.62 -32.07
N ARG A 123 35.73 4.60 -32.96
CA ARG A 123 34.57 5.48 -33.15
C ARG A 123 33.58 4.79 -34.07
N LEU A 124 32.58 4.13 -33.46
CA LEU A 124 31.52 3.52 -34.25
C LEU A 124 30.84 4.59 -35.11
N SER A 125 30.33 4.16 -36.25
CA SER A 125 29.44 5.00 -37.06
C SER A 125 28.22 4.18 -37.45
N LEU A 126 27.23 4.13 -36.57
CA LEU A 126 26.02 3.37 -36.84
C LEU A 126 25.21 4.06 -37.94
N VAL A 127 24.92 3.35 -39.03
CA VAL A 127 24.08 3.87 -40.11
C VAL A 127 22.97 2.91 -40.51
N SER A 128 22.05 3.41 -41.35
CA SER A 128 20.96 2.62 -41.92
C SER A 128 20.85 2.81 -43.44
N SER A 129 20.59 1.71 -44.13
CA SER A 129 20.33 1.71 -45.57
C SER A 129 19.33 0.59 -45.86
N GLU A 130 19.05 0.33 -47.13
CA GLU A 130 18.15 -0.77 -47.49
C GLU A 130 18.93 -1.91 -48.13
N GLY A 131 19.57 -1.64 -49.28
CA GLY A 131 20.26 -2.67 -50.03
C GLY A 131 21.58 -3.08 -49.42
N TYR A 132 22.33 -3.89 -50.16
CA TYR A 132 23.72 -4.22 -49.85
C TYR A 132 24.63 -3.37 -50.75
N ILE A 133 24.12 -2.22 -51.19
CA ILE A 133 24.77 -1.40 -52.20
C ILE A 133 25.96 -0.68 -51.59
N ASN A 134 25.74 -0.11 -50.40
CA ASN A 134 26.81 0.58 -49.69
C ASN A 134 27.93 -0.38 -49.35
N LEU A 135 27.60 -1.53 -48.77
CA LEU A 135 28.63 -2.46 -48.32
C LEU A 135 29.46 -3.00 -49.47
N ILE A 136 28.80 -3.43 -50.53
CA ILE A 136 29.51 -3.95 -51.69
C ILE A 136 30.38 -2.87 -52.35
N GLU A 137 29.94 -1.61 -52.26
CA GLU A 137 30.71 -0.46 -52.77
C GLU A 137 31.77 0.07 -51.78
N ARG A 138 31.85 -0.52 -50.59
CA ARG A 138 32.87 -0.19 -49.58
C ARG A 138 32.65 1.17 -48.88
N LYS A 139 31.44 1.71 -48.97
CA LYS A 139 31.06 2.91 -48.22
C LYS A 139 30.77 2.58 -46.74
N VAL A 140 30.61 1.30 -46.44
CA VAL A 140 30.35 0.81 -45.10
C VAL A 140 31.25 -0.39 -44.85
N ASP A 141 31.53 -0.70 -43.59
CA ASP A 141 32.46 -1.79 -43.27
C ASP A 141 31.76 -3.13 -43.08
N ILE A 142 30.58 -3.11 -42.48
CA ILE A 142 29.94 -4.34 -42.03
C ILE A 142 28.44 -4.18 -41.86
N ALA A 143 27.67 -4.95 -42.64
CA ALA A 143 26.21 -4.82 -42.69
C ALA A 143 25.50 -5.84 -41.80
N LEU A 144 24.56 -5.38 -40.99
CA LEU A 144 23.82 -6.26 -40.08
C LEU A 144 22.43 -6.56 -40.64
N ARG A 145 22.21 -7.81 -41.04
CA ARG A 145 20.99 -8.19 -41.74
C ARG A 145 20.40 -9.51 -41.25
N ALA A 146 19.08 -9.63 -41.42
CA ALA A 146 18.43 -10.93 -41.48
C ALA A 146 18.61 -11.36 -42.91
N GLY A 147 19.83 -11.78 -43.24
CA GLY A 147 20.27 -11.78 -44.62
C GLY A 147 20.84 -13.09 -45.07
N GLU A 148 20.10 -13.78 -45.92
CA GLU A 148 20.63 -14.94 -46.62
C GLU A 148 21.20 -14.53 -47.97
N LEU A 149 20.72 -13.41 -48.53
CA LEU A 149 21.15 -12.98 -49.87
C LEU A 149 22.53 -12.30 -49.81
N ASP A 150 23.54 -13.14 -49.69
CA ASP A 150 24.92 -12.71 -49.56
C ASP A 150 25.75 -13.70 -50.37
N ASP A 151 25.40 -13.79 -51.66
CA ASP A 151 25.95 -14.80 -52.56
C ASP A 151 27.11 -14.23 -53.38
N SER A 152 27.51 -13.01 -53.06
CA SER A 152 28.44 -12.25 -53.90
C SER A 152 29.86 -12.26 -53.36
N GLY A 153 30.39 -13.44 -53.05
CA GLY A 153 31.78 -13.57 -52.56
C GLY A 153 32.04 -13.04 -51.15
N LEU A 154 31.35 -11.97 -50.76
CA LEU A 154 31.49 -11.37 -49.43
C LEU A 154 31.11 -12.34 -48.30
N ARG A 155 31.77 -12.20 -47.16
CA ARG A 155 31.55 -13.06 -45.99
C ARG A 155 30.26 -12.75 -45.26
N ALA A 156 29.75 -13.74 -44.52
CA ALA A 156 28.62 -13.58 -43.62
C ALA A 156 28.93 -14.27 -42.30
N ARG A 157 28.62 -13.62 -41.19
CA ARG A 157 28.87 -14.16 -39.86
C ARG A 157 27.55 -14.27 -39.11
N HIS A 158 27.25 -15.46 -38.59
CA HIS A 158 26.01 -15.70 -37.86
C HIS A 158 26.00 -14.99 -36.50
N LEU A 159 24.98 -14.17 -36.27
CA LEU A 159 24.84 -13.52 -34.98
C LEU A 159 23.84 -14.29 -34.10
N PHE A 160 22.62 -14.46 -34.60
CA PHE A 160 21.57 -15.15 -33.84
C PHE A 160 20.37 -15.55 -34.72
N ASP A 161 19.76 -16.68 -34.39
CA ASP A 161 18.48 -17.06 -34.99
C ASP A 161 17.37 -16.49 -34.11
N SER A 162 16.24 -16.14 -34.72
CA SER A 162 15.16 -15.49 -33.98
C SER A 162 13.78 -16.00 -34.43
N ARG A 163 12.88 -16.17 -33.46
CA ARG A 163 11.50 -16.59 -33.74
C ARG A 163 10.62 -15.41 -34.07
N PHE A 164 9.49 -15.68 -34.72
CA PHE A 164 8.47 -14.66 -34.96
C PHE A 164 7.48 -14.66 -33.82
N ARG A 165 6.75 -13.56 -33.66
CA ARG A 165 5.73 -13.44 -32.62
C ARG A 165 4.64 -12.49 -33.04
N VAL A 166 3.45 -13.01 -33.24
CA VAL A 166 2.28 -12.18 -33.50
C VAL A 166 1.82 -11.60 -32.16
N ILE A 167 1.62 -10.28 -32.12
CA ILE A 167 1.26 -9.58 -30.88
C ILE A 167 0.31 -8.41 -31.15
N ALA A 168 -0.15 -7.79 -30.06
CA ALA A 168 -0.99 -6.60 -30.14
C ALA A 168 -1.03 -5.93 -28.78
N SER A 169 -1.30 -4.62 -28.76
CA SER A 169 -1.33 -3.89 -27.49
C SER A 169 -2.52 -4.36 -26.64
N PRO A 170 -2.37 -4.30 -25.31
CA PRO A 170 -3.46 -4.74 -24.43
C PRO A 170 -4.72 -3.91 -24.59
N GLU A 171 -4.57 -2.61 -24.84
CA GLU A 171 -5.73 -1.73 -25.02
C GLU A 171 -6.50 -2.02 -26.32
N TYR A 172 -5.80 -2.44 -27.37
CA TYR A 172 -6.47 -2.88 -28.59
C TYR A 172 -7.21 -4.18 -28.33
N LEU A 173 -6.52 -5.15 -27.73
CA LEU A 173 -7.13 -6.43 -27.40
C LEU A 173 -8.34 -6.28 -26.49
N ALA A 174 -8.30 -5.27 -25.62
CA ALA A 174 -9.42 -4.98 -24.73
C ALA A 174 -10.60 -4.39 -25.52
N LYS A 175 -10.29 -3.57 -26.53
CA LYS A 175 -11.31 -2.86 -27.28
C LYS A 175 -11.80 -3.60 -28.52
N HIS A 176 -11.03 -4.57 -28.99
CA HIS A 176 -11.38 -5.32 -30.21
C HIS A 176 -11.41 -6.85 -30.01
N GLY A 177 -11.12 -7.32 -28.81
CA GLY A 177 -11.12 -8.76 -28.51
C GLY A 177 -9.86 -9.47 -28.99
N THR A 178 -9.49 -10.55 -28.29
CA THR A 178 -8.27 -11.28 -28.60
C THR A 178 -8.58 -12.55 -29.41
N PRO A 179 -7.97 -12.70 -30.61
CA PRO A 179 -8.33 -13.85 -31.46
C PRO A 179 -7.88 -15.20 -30.90
N GLN A 180 -8.85 -16.12 -30.82
CA GLN A 180 -8.64 -17.48 -30.33
C GLN A 180 -8.09 -18.40 -31.42
N SER A 181 -8.18 -17.98 -32.68
CA SER A 181 -7.73 -18.81 -33.80
C SER A 181 -7.07 -18.00 -34.90
N THR A 182 -6.31 -18.70 -35.72
CA THR A 182 -5.60 -18.09 -36.85
C THR A 182 -6.55 -17.58 -37.91
N GLU A 183 -7.67 -18.27 -38.09
CA GLU A 183 -8.67 -17.88 -39.07
C GLU A 183 -9.55 -16.77 -38.51
N GLU A 184 -9.56 -16.64 -37.18
CA GLU A 184 -10.23 -15.54 -36.50
C GLU A 184 -9.55 -14.19 -36.79
N LEU A 185 -8.27 -14.23 -37.15
CA LEU A 185 -7.52 -13.03 -37.51
C LEU A 185 -8.19 -12.16 -38.58
N ALA A 186 -8.86 -12.78 -39.54
CA ALA A 186 -9.47 -12.04 -40.64
C ALA A 186 -10.46 -10.98 -40.18
N GLY A 187 -10.97 -11.14 -38.96
CA GLY A 187 -11.86 -10.16 -38.34
C GLY A 187 -11.12 -8.96 -37.78
N HIS A 188 -9.96 -9.22 -37.16
CA HIS A 188 -9.16 -8.16 -36.55
C HIS A 188 -8.43 -7.30 -37.58
N GLN A 189 -7.93 -6.17 -37.11
CA GLN A 189 -7.14 -5.25 -37.92
C GLN A 189 -5.68 -5.70 -37.89
N CYS A 190 -5.12 -6.04 -39.05
CA CYS A 190 -3.76 -6.58 -39.13
C CYS A 190 -2.88 -5.71 -40.00
N LEU A 191 -1.72 -5.35 -39.45
CA LEU A 191 -0.82 -4.39 -40.06
C LEU A 191 0.35 -5.15 -40.68
N GLY A 192 0.77 -4.70 -41.86
CA GLY A 192 1.82 -5.37 -42.61
C GLY A 192 2.76 -4.40 -43.28
N PHE A 193 3.61 -4.93 -44.15
CA PHE A 193 4.62 -4.16 -44.84
C PHE A 193 4.09 -3.62 -46.16
N THR A 194 4.74 -2.57 -46.64
CA THR A 194 4.36 -1.93 -47.90
C THR A 194 4.83 -2.75 -49.08
N GLU A 195 6.01 -3.36 -48.94
CA GLU A 195 6.63 -4.22 -49.95
C GLU A 195 5.69 -5.39 -50.29
N PRO A 196 5.05 -5.35 -51.48
CA PRO A 196 3.90 -6.23 -51.79
C PRO A 196 4.06 -7.72 -51.43
N GLY A 197 3.46 -8.13 -50.31
CA GLY A 197 3.28 -9.54 -49.97
C GLY A 197 4.50 -10.34 -49.55
N SER A 198 5.70 -9.80 -49.75
CA SER A 198 6.93 -10.55 -49.47
C SER A 198 6.99 -11.08 -48.04
N LEU A 199 6.61 -10.24 -47.09
CA LEU A 199 6.73 -10.54 -45.66
C LEU A 199 5.37 -10.62 -44.96
N ASN A 200 4.29 -10.51 -45.74
CA ASN A 200 2.92 -10.51 -45.20
C ASN A 200 2.26 -11.89 -45.20
N THR A 201 3.09 -12.93 -45.26
CA THR A 201 2.66 -14.28 -44.97
C THR A 201 3.32 -14.61 -43.64
N TRP A 202 2.55 -14.45 -42.56
CA TRP A 202 3.11 -14.61 -41.22
C TRP A 202 3.46 -16.05 -40.88
N ALA A 203 4.16 -16.22 -39.77
CA ALA A 203 4.57 -17.54 -39.28
C ALA A 203 3.60 -18.06 -38.22
N VAL A 204 2.32 -18.01 -38.54
CA VAL A 204 1.27 -18.47 -37.64
C VAL A 204 0.34 -19.38 -38.44
N LEU A 205 0.52 -20.69 -38.27
CA LEU A 205 -0.16 -21.67 -39.11
C LEU A 205 -1.63 -21.76 -38.76
N ASP A 206 -2.45 -22.17 -39.73
CA ASP A 206 -3.90 -22.32 -39.56
C ASP A 206 -4.30 -23.80 -39.52
N ALA A 207 -5.60 -24.08 -39.62
CA ALA A 207 -6.12 -25.44 -39.64
C ALA A 207 -5.44 -26.32 -40.70
N GLN A 208 -5.24 -25.78 -41.89
CA GLN A 208 -4.54 -26.49 -42.97
C GLN A 208 -3.13 -26.89 -42.54
N GLY A 209 -2.45 -25.98 -41.85
CA GLY A 209 -1.01 -26.10 -41.59
C GLY A 209 -0.22 -25.18 -42.49
N ASN A 210 -0.92 -24.25 -43.15
CA ASN A 210 -0.29 -23.26 -44.02
C ASN A 210 -0.10 -21.94 -43.27
N PRO A 211 1.09 -21.34 -43.38
CA PRO A 211 1.31 -20.04 -42.76
C PRO A 211 0.31 -19.00 -43.25
N TYR A 212 -0.23 -18.21 -42.33
CA TYR A 212 -1.36 -17.33 -42.62
C TYR A 212 -0.93 -16.07 -43.36
N LYS A 213 -1.53 -15.83 -44.51
CA LYS A 213 -1.36 -14.56 -45.21
C LYS A 213 -2.39 -13.60 -44.67
N ILE A 214 -2.06 -12.31 -44.70
CA ILE A 214 -2.95 -11.26 -44.22
C ILE A 214 -3.24 -10.31 -45.37
N SER A 215 -4.39 -9.65 -45.33
CA SER A 215 -4.70 -8.53 -46.22
C SER A 215 -4.67 -7.26 -45.39
N PRO A 216 -3.50 -6.59 -45.34
CA PRO A 216 -3.35 -5.45 -44.44
C PRO A 216 -3.97 -4.16 -44.96
N HIS A 217 -4.41 -3.34 -44.03
CA HIS A 217 -5.07 -2.06 -44.31
C HIS A 217 -4.12 -0.89 -44.00
N PHE A 218 -3.33 -1.06 -42.95
CA PHE A 218 -2.22 -0.17 -42.61
C PHE A 218 -0.92 -0.85 -43.02
N THR A 219 -0.04 -0.12 -43.70
CA THR A 219 1.24 -0.68 -44.12
C THR A 219 2.44 0.25 -43.90
N ALA A 220 3.29 -0.13 -42.95
CA ALA A 220 4.53 0.57 -42.68
C ALA A 220 5.65 -0.06 -43.48
N SER A 221 6.69 0.72 -43.75
CA SER A 221 7.85 0.24 -44.49
C SER A 221 8.94 -0.34 -43.58
N SER A 222 8.62 -0.55 -42.30
CA SER A 222 9.63 -1.08 -41.38
C SER A 222 9.04 -1.79 -40.16
N GLY A 223 9.75 -2.82 -39.72
CA GLY A 223 9.44 -3.49 -38.46
C GLY A 223 9.29 -2.54 -37.30
N GLU A 224 10.13 -1.51 -37.25
CA GLU A 224 10.09 -0.54 -36.16
C GLU A 224 8.81 0.29 -36.19
N ILE A 225 8.44 0.84 -37.35
CA ILE A 225 7.20 1.60 -37.44
C ILE A 225 6.04 0.70 -37.03
N LEU A 226 6.04 -0.54 -37.51
CA LEU A 226 4.95 -1.46 -37.21
C LEU A 226 4.86 -1.64 -35.69
N ARG A 227 6.02 -1.94 -35.08
CA ARG A 227 6.11 -2.05 -33.64
C ARG A 227 5.52 -0.83 -32.93
N SER A 228 5.71 0.36 -33.49
CA SER A 228 5.22 1.59 -32.88
C SER A 228 3.70 1.71 -33.03
N LEU A 229 3.20 1.38 -34.21
CA LEU A 229 1.77 1.37 -34.47
C LEU A 229 1.09 0.36 -33.53
N CYS A 230 1.67 -0.82 -33.48
CA CYS A 230 1.18 -1.91 -32.66
C CYS A 230 1.03 -1.50 -31.20
N LEU A 231 2.07 -0.89 -30.64
CA LEU A 231 2.09 -0.41 -29.25
C LEU A 231 1.00 0.62 -28.98
N SER A 232 0.74 1.46 -29.97
CA SER A 232 -0.32 2.46 -29.85
C SER A 232 -1.72 1.87 -30.09
N GLY A 233 -1.78 0.56 -30.32
CA GLY A 233 -3.05 -0.15 -30.48
C GLY A 233 -3.74 0.08 -31.81
N CYS A 234 -2.95 0.09 -32.88
CA CYS A 234 -3.48 0.28 -34.23
C CYS A 234 -3.91 -1.03 -34.85
N GLY A 235 -3.31 -2.12 -34.43
CA GLY A 235 -3.76 -3.44 -34.85
C GLY A 235 -2.88 -4.54 -34.32
N ILE A 236 -2.90 -5.67 -35.02
CA ILE A 236 -2.02 -6.79 -34.74
C ILE A 236 -0.96 -6.82 -35.82
N VAL A 237 0.30 -6.89 -35.40
CA VAL A 237 1.39 -7.15 -36.32
C VAL A 237 2.01 -8.47 -35.94
N CYS A 238 2.99 -8.87 -36.74
CA CYS A 238 3.83 -10.01 -36.42
C CYS A 238 5.28 -9.67 -36.79
N LEU A 239 6.14 -9.61 -35.79
CA LEU A 239 7.52 -9.22 -35.99
C LEU A 239 8.41 -10.26 -35.36
N SER A 240 9.72 -10.04 -35.45
CA SER A 240 10.70 -10.94 -34.86
C SER A 240 10.71 -10.76 -33.35
N ASP A 241 11.14 -11.77 -32.63
CA ASP A 241 11.05 -11.77 -31.16
C ASP A 241 11.85 -10.64 -30.46
N PHE A 242 13.01 -10.28 -31.01
CA PHE A 242 13.86 -9.26 -30.39
C PHE A 242 13.31 -7.83 -30.50
N LEU A 243 12.41 -7.57 -31.43
CA LEU A 243 11.72 -6.27 -31.50
C LEU A 243 10.75 -6.08 -30.35
N VAL A 244 10.10 -7.15 -29.92
CA VAL A 244 8.97 -7.05 -29.00
C VAL A 244 9.09 -7.83 -27.70
N ASP A 245 10.07 -8.72 -27.57
CA ASP A 245 10.25 -9.49 -26.33
C ASP A 245 10.38 -8.56 -25.11
N ASN A 246 11.08 -7.46 -25.30
CA ASN A 246 11.27 -6.43 -24.27
C ASN A 246 9.94 -5.85 -23.78
N ASP A 247 9.05 -5.56 -24.73
CA ASP A 247 7.76 -4.94 -24.43
C ASP A 247 6.77 -5.96 -23.88
N ILE A 248 7.04 -7.24 -24.10
CA ILE A 248 6.23 -8.30 -23.50
C ILE A 248 6.50 -8.32 -22.00
N ALA A 249 7.75 -8.09 -21.63
CA ALA A 249 8.13 -8.04 -20.22
C ALA A 249 7.43 -6.90 -19.49
N GLU A 250 7.50 -5.71 -20.06
CA GLU A 250 6.87 -4.52 -19.47
C GLU A 250 5.35 -4.60 -19.52
N GLY A 251 4.81 -5.48 -20.35
CA GLY A 251 3.37 -5.74 -20.40
C GLY A 251 2.64 -4.77 -21.31
N LYS A 252 3.36 -4.22 -22.29
CA LYS A 252 2.81 -3.28 -23.25
C LYS A 252 2.35 -3.95 -24.55
N LEU A 253 2.70 -5.23 -24.71
CA LEU A 253 2.24 -6.02 -25.84
C LEU A 253 1.90 -7.41 -25.33
N ILE A 254 0.88 -8.04 -25.93
CA ILE A 254 0.47 -9.40 -25.55
C ILE A 254 0.74 -10.38 -26.68
N PRO A 255 1.34 -11.54 -26.37
CA PRO A 255 1.42 -12.61 -27.35
C PRO A 255 0.04 -13.10 -27.76
N LEU A 256 -0.18 -13.21 -29.07
CA LEU A 256 -1.41 -13.76 -29.61
C LEU A 256 -1.11 -15.06 -30.32
N LEU A 257 -2.02 -16.03 -30.21
CA LEU A 257 -1.94 -17.29 -30.96
C LEU A 257 -0.60 -17.97 -30.77
N ALA A 258 -0.20 -18.11 -29.50
CA ALA A 258 1.12 -18.64 -29.15
C ALA A 258 1.35 -20.04 -29.70
N GLU A 259 0.33 -20.90 -29.55
CA GLU A 259 0.41 -22.30 -29.98
C GLU A 259 0.37 -22.40 -31.51
N GLN A 260 -0.38 -21.53 -32.15
CA GLN A 260 -0.49 -21.50 -33.61
C GLN A 260 0.75 -20.88 -34.25
N THR A 261 1.44 -20.01 -33.52
CA THR A 261 2.65 -19.33 -34.02
C THR A 261 3.80 -20.31 -34.26
N SER A 262 4.40 -20.23 -35.45
CA SER A 262 5.47 -21.12 -35.87
C SER A 262 6.64 -21.09 -34.91
N ASP A 263 7.25 -22.25 -34.68
CA ASP A 263 8.46 -22.34 -33.86
C ASP A 263 9.73 -22.23 -34.70
N LYS A 264 9.58 -22.19 -36.01
CA LYS A 264 10.73 -22.05 -36.89
C LYS A 264 11.39 -20.70 -36.66
N THR A 265 12.72 -20.67 -36.75
CA THR A 265 13.52 -19.47 -36.51
C THR A 265 14.17 -19.00 -37.80
N HIS A 266 14.56 -17.72 -37.83
CA HIS A 266 15.23 -17.14 -38.99
C HIS A 266 16.54 -16.45 -38.59
N PRO A 267 17.60 -16.63 -39.40
CA PRO A 267 18.95 -16.27 -39.01
C PRO A 267 19.28 -14.80 -39.26
N PHE A 268 20.17 -14.26 -38.42
CA PHE A 268 20.71 -12.92 -38.61
C PHE A 268 22.22 -12.96 -38.75
N ASN A 269 22.75 -12.08 -39.58
CA ASN A 269 24.17 -12.09 -39.90
C ASN A 269 24.78 -10.69 -40.03
N ALA A 270 26.05 -10.60 -39.69
CA ALA A 270 26.89 -9.50 -40.13
C ALA A 270 27.50 -9.97 -41.41
N VAL A 271 27.42 -9.17 -42.46
CA VAL A 271 28.06 -9.51 -43.73
C VAL A 271 29.13 -8.46 -44.08
N TYR A 272 30.24 -8.93 -44.63
CA TYR A 272 31.43 -8.10 -44.78
C TYR A 272 32.41 -8.77 -45.73
N TYR A 273 33.46 -8.06 -46.12
CA TYR A 273 34.45 -8.62 -47.07
C TYR A 273 35.58 -9.36 -46.37
N SER A 274 36.03 -10.44 -47.01
CA SER A 274 37.13 -11.28 -46.49
C SER A 274 38.43 -10.51 -46.37
N ASP A 275 38.75 -9.73 -47.39
CA ASP A 275 39.90 -8.82 -47.36
C ASP A 275 39.75 -7.78 -46.25
N LYS A 276 38.51 -7.45 -45.91
CA LYS A 276 38.20 -6.63 -44.73
C LYS A 276 38.12 -7.46 -43.44
N ALA A 277 38.37 -8.76 -43.50
CA ALA A 277 38.42 -9.59 -42.29
C ALA A 277 39.71 -9.36 -41.47
N VAL A 278 40.76 -8.84 -42.13
CA VAL A 278 42.01 -8.49 -41.45
C VAL A 278 41.93 -7.19 -40.63
N ASN A 279 40.87 -6.42 -40.82
CA ASN A 279 40.52 -5.28 -39.97
C ASN A 279 40.42 -5.75 -38.53
N LEU A 280 41.38 -5.38 -37.69
CA LEU A 280 41.40 -5.82 -36.29
C LEU A 280 40.22 -5.26 -35.49
N ARG A 281 39.70 -4.10 -35.90
CA ARG A 281 38.53 -3.53 -35.23
C ARG A 281 37.22 -4.19 -35.67
N LEU A 282 37.07 -4.40 -36.98
CA LEU A 282 35.91 -5.13 -37.50
C LEU A 282 35.80 -6.47 -36.80
N ARG A 283 36.92 -7.18 -36.76
CA ARG A 283 36.93 -8.51 -36.17
C ARG A 283 36.45 -8.47 -34.72
N VAL A 284 36.95 -7.51 -33.96
CA VAL A 284 36.64 -7.38 -32.53
C VAL A 284 35.18 -6.99 -32.26
N PHE A 285 34.62 -6.20 -33.16
CA PHE A 285 33.22 -5.82 -33.09
C PHE A 285 32.29 -7.01 -33.32
N LEU A 286 32.67 -7.88 -34.24
CA LEU A 286 31.90 -9.10 -34.52
C LEU A 286 31.98 -10.07 -33.38
N ASP A 287 33.20 -10.36 -32.94
CA ASP A 287 33.41 -11.22 -31.77
C ASP A 287 32.59 -10.71 -30.58
N PHE A 288 32.50 -9.38 -30.46
CA PHE A 288 31.69 -8.78 -29.42
C PHE A 288 30.20 -9.10 -29.58
N LEU A 289 29.70 -9.04 -30.82
CA LEU A 289 28.29 -9.30 -31.08
C LEU A 289 27.92 -10.78 -30.97
N VAL A 290 28.73 -11.66 -31.56
CA VAL A 290 28.60 -13.11 -31.37
C VAL A 290 28.54 -13.47 -29.88
N GLU A 291 29.33 -12.76 -29.08
CA GLU A 291 29.34 -12.94 -27.63
C GLU A 291 28.01 -12.52 -27.01
N GLU A 292 27.61 -11.27 -27.25
CA GLU A 292 26.41 -10.71 -26.62
C GLU A 292 25.11 -11.36 -27.10
N LEU A 293 25.02 -11.63 -28.39
CA LEU A 293 23.82 -12.20 -29.01
C LEU A 293 24.08 -13.66 -29.44
N GLY A 294 23.35 -14.59 -28.85
CA GLY A 294 23.58 -16.02 -29.10
C GLY A 294 24.53 -16.62 -28.08
N LYS B 2 -12.90 44.63 -41.91
CA LYS B 2 -12.06 45.28 -42.96
C LYS B 2 -11.02 44.33 -43.55
N THR B 3 -10.34 43.55 -42.71
CA THR B 3 -9.41 42.55 -43.22
C THR B 3 -10.16 41.48 -44.00
N ASN B 4 -9.45 40.77 -44.87
CA ASN B 4 -10.02 39.66 -45.63
C ASN B 4 -9.06 38.47 -45.63
N SER B 5 -9.53 37.35 -46.17
CA SER B 5 -8.75 36.12 -46.16
C SER B 5 -7.60 36.17 -47.17
N GLU B 6 -7.75 36.98 -48.20
CA GLU B 6 -6.72 37.14 -49.24
C GLU B 6 -5.42 37.68 -48.65
N GLU B 7 -5.55 38.63 -47.72
CA GLU B 7 -4.37 39.22 -47.08
C GLU B 7 -3.91 38.39 -45.90
N LEU B 8 -4.86 37.90 -45.09
CA LEU B 8 -4.53 36.96 -44.01
C LEU B 8 -3.65 35.84 -44.55
N THR B 9 -4.10 35.21 -45.63
CA THR B 9 -3.36 34.11 -46.21
C THR B 9 -1.96 34.53 -46.65
N VAL B 10 -1.86 35.71 -47.27
CA VAL B 10 -0.56 36.21 -47.74
C VAL B 10 0.39 36.43 -46.56
N PHE B 11 -0.07 37.18 -45.57
CA PHE B 11 0.72 37.48 -44.38
C PHE B 11 1.19 36.20 -43.66
N VAL B 12 0.28 35.23 -43.54
CA VAL B 12 0.59 33.99 -42.83
C VAL B 12 1.61 33.15 -43.59
N GLN B 13 1.65 33.30 -44.91
CA GLN B 13 2.66 32.63 -45.73
C GLN B 13 4.02 33.28 -45.53
N VAL B 14 4.05 34.61 -45.56
CA VAL B 14 5.28 35.38 -45.44
C VAL B 14 6.03 35.00 -44.17
N VAL B 15 5.35 35.13 -43.04
CA VAL B 15 5.91 34.75 -41.74
C VAL B 15 6.45 33.33 -41.74
N GLU B 16 5.62 32.39 -42.19
CA GLU B 16 5.96 30.95 -42.13
C GLU B 16 7.08 30.58 -43.09
N SER B 17 7.04 31.13 -44.30
CA SER B 17 7.99 30.76 -45.35
C SER B 17 9.28 31.58 -45.31
N GLY B 18 9.78 31.82 -44.11
CA GLY B 18 11.03 32.55 -43.91
C GLY B 18 10.97 33.99 -44.37
N SER B 19 11.32 34.23 -45.62
CA SER B 19 11.53 35.58 -46.15
C SER B 19 10.27 36.17 -46.82
N PHE B 20 10.43 37.40 -47.28
CA PHE B 20 9.40 38.11 -48.03
C PHE B 20 9.47 37.76 -49.51
N SER B 21 10.69 37.49 -49.99
CA SER B 21 10.93 37.10 -51.38
C SER B 21 10.45 35.69 -51.67
N ARG B 22 10.62 34.78 -50.71
CA ARG B 22 10.25 33.38 -50.89
C ARG B 22 8.73 33.18 -50.93
N ALA B 23 8.02 33.87 -50.05
CA ALA B 23 6.57 33.76 -49.96
C ALA B 23 5.87 34.09 -51.27
N ALA B 24 6.40 35.07 -52.00
CA ALA B 24 5.84 35.45 -53.30
C ALA B 24 5.92 34.29 -54.30
N GLU B 25 7.05 33.58 -54.29
CA GLU B 25 7.21 32.39 -55.12
C GLU B 25 6.23 31.29 -54.69
N GLN B 26 6.04 31.13 -53.38
CA GLN B 26 5.16 30.10 -52.81
C GLN B 26 3.66 30.41 -53.00
N LEU B 27 3.31 31.69 -53.15
CA LEU B 27 1.94 32.08 -53.47
C LEU B 27 1.73 32.28 -54.98
N ALA B 28 2.77 32.04 -55.77
CA ALA B 28 2.72 32.27 -57.21
C ALA B 28 2.39 33.74 -57.51
N MET B 29 3.20 34.62 -56.96
CA MET B 29 3.02 36.07 -57.11
C MET B 29 4.34 36.82 -57.18
N ALA B 30 4.27 38.06 -57.66
CA ALA B 30 5.41 38.96 -57.65
C ALA B 30 5.60 39.50 -56.24
N ASN B 31 6.84 39.85 -55.91
CA ASN B 31 7.14 40.44 -54.61
C ASN B 31 6.51 41.83 -54.45
N SER B 32 6.27 42.51 -55.57
CA SER B 32 5.55 43.77 -55.56
C SER B 32 4.18 43.63 -54.90
N ALA B 33 3.36 42.73 -55.43
CA ALA B 33 1.99 42.53 -54.93
C ALA B 33 1.94 41.96 -53.51
N VAL B 34 2.96 41.20 -53.13
CA VAL B 34 3.03 40.60 -51.78
C VAL B 34 3.21 41.69 -50.71
N SER B 35 4.07 42.66 -50.98
CA SER B 35 4.32 43.75 -50.04
C SER B 35 3.10 44.65 -49.94
N ARG B 36 2.52 44.96 -51.10
CA ARG B 36 1.29 45.75 -51.20
C ARG B 36 0.23 45.26 -50.21
N ILE B 37 -0.02 43.95 -50.23
CA ILE B 37 -1.02 43.33 -49.37
C ILE B 37 -0.60 43.33 -47.90
N VAL B 38 0.66 43.02 -47.63
CA VAL B 38 1.19 43.00 -46.26
C VAL B 38 1.15 44.40 -45.63
N LYS B 39 1.61 45.39 -46.37
CA LYS B 39 1.53 46.78 -45.92
C LYS B 39 0.07 47.23 -45.80
N ARG B 40 -0.77 46.85 -46.77
CA ARG B 40 -2.20 47.15 -46.72
C ARG B 40 -2.83 46.54 -45.46
N LEU B 41 -2.52 45.27 -45.20
CA LEU B 41 -3.05 44.57 -44.03
C LEU B 41 -2.75 45.37 -42.77
N GLU B 42 -1.48 45.70 -42.58
CA GLU B 42 -1.02 46.37 -41.35
C GLU B 42 -1.26 47.89 -41.34
N GLU B 43 -1.77 48.42 -42.45
CA GLU B 43 -2.30 49.78 -42.49
C GLU B 43 -3.79 49.80 -42.12
N LYS B 44 -4.47 48.66 -42.28
CA LYS B 44 -5.86 48.54 -41.84
C LYS B 44 -5.91 48.33 -40.33
N LEU B 45 -5.05 47.43 -39.84
CA LEU B 45 -4.93 47.16 -38.41
C LEU B 45 -4.31 48.37 -37.69
N GLY B 46 -3.43 49.09 -38.39
CA GLY B 46 -2.80 50.28 -37.82
C GLY B 46 -1.68 49.95 -36.85
N VAL B 47 -1.13 48.75 -36.97
CA VAL B 47 -0.02 48.30 -36.13
C VAL B 47 0.97 47.61 -37.04
N ASN B 48 2.26 47.79 -36.78
CA ASN B 48 3.26 47.09 -37.57
C ASN B 48 3.27 45.63 -37.16
N LEU B 49 3.16 44.77 -38.16
CA LEU B 49 3.18 43.33 -37.94
C LEU B 49 4.63 42.89 -37.99
N LEU B 50 5.25 43.10 -39.15
CA LEU B 50 6.61 42.64 -39.40
C LEU B 50 7.61 43.65 -38.88
N ASN B 51 8.86 43.20 -38.83
CA ASN B 51 9.98 44.03 -38.42
C ASN B 51 11.15 43.78 -39.35
N ARG B 52 11.58 44.82 -40.07
CA ARG B 52 12.59 44.67 -41.12
C ARG B 52 13.90 45.40 -40.79
N THR B 53 14.08 45.78 -39.53
CA THR B 53 15.35 46.35 -39.06
C THR B 53 16.41 45.26 -38.90
N THR B 54 15.97 44.02 -38.67
CA THR B 54 16.87 42.88 -38.51
C THR B 54 17.25 42.25 -39.86
N ARG B 55 18.36 41.53 -39.86
CA ARG B 55 18.85 40.78 -41.02
C ARG B 55 17.74 40.04 -41.77
N GLN B 56 17.00 39.20 -41.02
CA GLN B 56 15.94 38.37 -41.58
C GLN B 56 14.64 38.79 -40.91
N LEU B 57 13.65 39.12 -41.73
CA LEU B 57 12.40 39.72 -41.25
C LEU B 57 11.81 38.92 -40.10
N SER B 58 11.36 39.64 -39.08
CA SER B 58 10.78 39.04 -37.89
C SER B 58 9.37 39.59 -37.65
N LEU B 59 8.77 39.21 -36.53
CA LEU B 59 7.45 39.68 -36.15
C LEU B 59 7.52 40.61 -34.95
N THR B 60 6.71 41.66 -34.99
CA THR B 60 6.41 42.44 -33.79
C THR B 60 5.73 41.52 -32.81
N GLU B 61 5.88 41.78 -31.51
CA GLU B 61 5.15 41.02 -30.50
C GLU B 61 3.64 41.17 -30.69
N GLU B 62 3.23 42.31 -31.24
CA GLU B 62 1.84 42.56 -31.60
C GLU B 62 1.46 41.63 -32.75
N GLY B 63 2.22 41.71 -33.83
CA GLY B 63 2.02 40.90 -35.03
C GLY B 63 2.29 39.42 -34.83
N ALA B 64 3.06 39.09 -33.79
CA ALA B 64 3.24 37.70 -33.38
C ALA B 64 1.90 37.17 -32.91
N GLN B 65 1.18 37.97 -32.13
CA GLN B 65 -0.13 37.59 -31.64
C GLN B 65 -1.15 37.47 -32.76
N TYR B 66 -1.12 38.41 -33.71
CA TYR B 66 -2.03 38.36 -34.85
C TYR B 66 -1.79 37.13 -35.72
N PHE B 67 -0.51 36.83 -35.98
CA PHE B 67 -0.16 35.68 -36.80
C PHE B 67 -0.72 34.38 -36.24
N ARG B 68 -0.84 34.30 -34.92
CA ARG B 68 -1.44 33.13 -34.29
C ARG B 68 -2.95 33.11 -34.48
N ARG B 69 -3.57 34.28 -34.58
CA ARG B 69 -5.00 34.38 -34.87
C ARG B 69 -5.26 34.04 -36.33
N ALA B 70 -4.58 34.74 -37.23
CA ALA B 70 -4.72 34.50 -38.66
C ALA B 70 -4.53 33.03 -39.04
N GLN B 71 -3.48 32.41 -38.50
CA GLN B 71 -3.18 31.02 -38.77
C GLN B 71 -4.37 30.12 -38.43
N ARG B 72 -4.99 30.32 -37.27
CA ARG B 72 -6.18 29.55 -36.88
C ARG B 72 -7.39 29.92 -37.74
N ILE B 73 -7.64 31.21 -37.93
CA ILE B 73 -8.71 31.64 -38.84
C ILE B 73 -8.62 30.81 -40.12
N LEU B 74 -7.42 30.70 -40.68
CA LEU B 74 -7.23 29.98 -41.93
C LEU B 74 -7.33 28.47 -41.79
N GLN B 75 -6.72 27.91 -40.76
CA GLN B 75 -6.87 26.49 -40.45
C GLN B 75 -8.33 26.07 -40.38
N GLU B 76 -9.17 26.94 -39.81
CA GLU B 76 -10.59 26.64 -39.64
C GLU B 76 -11.32 26.68 -40.97
N MET B 77 -11.06 27.70 -41.76
CA MET B 77 -11.69 27.82 -43.08
C MET B 77 -11.52 26.54 -43.87
N ALA B 78 -10.30 25.98 -43.86
CA ALA B 78 -9.99 24.71 -44.53
C ALA B 78 -10.66 23.53 -43.83
N ALA B 79 -10.78 23.60 -42.51
CA ALA B 79 -11.56 22.60 -41.76
C ALA B 79 -13.03 22.60 -42.20
N ALA B 80 -13.62 23.79 -42.28
CA ALA B 80 -15.01 23.92 -42.67
C ALA B 80 -15.25 23.38 -44.08
N GLU B 81 -14.33 23.66 -44.99
CA GLU B 81 -14.38 23.10 -46.34
C GLU B 81 -14.39 21.58 -46.28
N THR B 82 -13.36 21.02 -45.67
CA THR B 82 -13.16 19.57 -45.65
C THR B 82 -14.40 18.84 -45.13
N GLU B 83 -15.14 19.48 -44.23
CA GLU B 83 -16.34 18.88 -43.66
C GLU B 83 -17.47 18.77 -44.68
N MET B 84 -17.76 19.87 -45.38
CA MET B 84 -18.78 19.87 -46.45
C MET B 84 -18.41 18.94 -47.59
N LEU B 85 -17.13 18.70 -47.82
CA LEU B 85 -16.69 17.75 -48.81
C LEU B 85 -16.86 16.31 -48.30
N ALA B 86 -16.71 16.13 -46.99
CA ALA B 86 -16.86 14.82 -46.37
C ALA B 86 -18.32 14.46 -46.09
N VAL B 87 -19.24 15.37 -46.42
CA VAL B 87 -20.68 15.12 -46.21
C VAL B 87 -21.22 14.14 -47.26
N HIS B 88 -20.88 14.37 -48.53
CA HIS B 88 -21.42 13.59 -49.63
C HIS B 88 -20.35 12.85 -50.42
N GLU B 89 -19.21 12.61 -49.79
CA GLU B 89 -18.18 11.75 -50.36
C GLU B 89 -17.47 11.07 -49.22
N ILE B 90 -17.41 9.75 -49.27
CA ILE B 90 -16.68 8.99 -48.26
C ILE B 90 -15.19 9.14 -48.56
N PRO B 91 -14.41 9.59 -47.57
CA PRO B 91 -12.97 9.62 -47.75
C PRO B 91 -12.41 8.20 -47.72
N GLN B 92 -11.71 7.84 -48.77
CA GLN B 92 -11.29 6.47 -48.96
C GLN B 92 -10.18 6.39 -49.99
N GLY B 93 -9.34 5.37 -49.87
CA GLY B 93 -8.26 5.15 -50.83
C GLY B 93 -6.95 4.96 -50.12
N VAL B 94 -5.93 4.57 -50.86
CA VAL B 94 -4.60 4.50 -50.29
C VAL B 94 -4.11 5.92 -50.14
N LEU B 95 -3.53 6.18 -48.96
CA LEU B 95 -2.77 7.39 -48.74
C LEU B 95 -1.42 6.89 -48.32
N SER B 96 -0.38 7.38 -48.98
CA SER B 96 0.98 7.02 -48.65
C SER B 96 1.71 8.26 -48.16
N VAL B 97 2.24 8.19 -46.95
CA VAL B 97 2.95 9.30 -46.35
C VAL B 97 4.40 8.92 -46.14
N ASP B 98 5.31 9.73 -46.65
CA ASP B 98 6.74 9.47 -46.48
C ASP B 98 7.30 10.45 -45.48
N SER B 99 7.85 9.91 -44.39
CA SER B 99 8.25 10.74 -43.27
C SER B 99 9.56 10.27 -42.66
N ALA B 100 10.17 11.18 -41.91
CA ALA B 100 11.33 10.84 -41.11
C ALA B 100 10.96 9.74 -40.11
N MET B 101 11.80 8.72 -40.03
CA MET B 101 11.66 7.68 -39.01
C MET B 101 11.29 8.24 -37.62
N PRO B 102 11.98 9.29 -37.16
CA PRO B 102 11.61 9.88 -35.87
C PRO B 102 10.22 10.50 -35.84
N MET B 103 9.84 11.23 -36.90
CA MET B 103 8.53 11.87 -36.97
C MET B 103 7.39 10.86 -36.88
N VAL B 104 7.44 9.89 -37.80
CA VAL B 104 6.48 8.80 -37.86
C VAL B 104 6.30 8.16 -36.48
N LEU B 105 7.38 7.60 -35.95
CA LEU B 105 7.33 6.93 -34.67
C LEU B 105 6.80 7.82 -33.56
N HIS B 106 7.19 9.08 -33.55
CA HIS B 106 6.91 9.95 -32.41
C HIS B 106 5.72 10.91 -32.56
N LEU B 107 5.22 11.09 -33.78
CA LEU B 107 4.02 11.92 -33.99
C LEU B 107 2.85 11.20 -34.66
N LEU B 108 3.16 10.26 -35.56
CA LEU B 108 2.13 9.55 -36.32
C LEU B 108 1.70 8.22 -35.69
N ALA B 109 2.65 7.43 -35.21
CA ALA B 109 2.33 6.18 -34.52
C ALA B 109 1.30 6.39 -33.41
N PRO B 110 1.55 7.34 -32.51
CA PRO B 110 0.58 7.54 -31.43
C PRO B 110 -0.79 8.02 -31.92
N LEU B 111 -0.80 8.87 -32.94
CA LEU B 111 -2.04 9.40 -33.49
C LEU B 111 -2.81 8.42 -34.39
N ALA B 112 -2.09 7.53 -35.08
CA ALA B 112 -2.65 6.72 -36.17
C ALA B 112 -3.99 6.05 -35.85
N ALA B 113 -4.07 5.31 -34.74
CA ALA B 113 -5.28 4.59 -34.37
C ALA B 113 -6.51 5.49 -34.44
N LYS B 114 -6.49 6.58 -33.69
CA LYS B 114 -7.56 7.58 -33.71
C LYS B 114 -7.95 7.96 -35.12
N PHE B 115 -6.97 8.28 -35.96
CA PHE B 115 -7.25 8.68 -37.33
C PHE B 115 -7.94 7.57 -38.08
N ASN B 116 -7.44 6.34 -37.94
CA ASN B 116 -8.04 5.19 -38.61
C ASN B 116 -9.48 4.90 -38.13
N GLU B 117 -9.79 5.25 -36.89
CA GLU B 117 -11.15 5.09 -36.35
C GLU B 117 -12.15 6.05 -37.00
N ARG B 118 -11.69 7.24 -37.35
CA ARG B 118 -12.55 8.24 -37.98
C ARG B 118 -12.73 7.95 -39.45
N TYR B 119 -11.64 7.56 -40.11
CA TYR B 119 -11.63 7.33 -41.56
C TYR B 119 -11.03 5.96 -41.84
N PRO B 120 -11.80 4.89 -41.55
CA PRO B 120 -11.29 3.54 -41.72
C PRO B 120 -11.28 3.07 -43.17
N HIS B 121 -11.81 3.90 -44.07
CA HIS B 121 -11.80 3.59 -45.50
C HIS B 121 -10.52 4.09 -46.19
N ILE B 122 -9.67 4.79 -45.44
CA ILE B 122 -8.38 5.24 -45.94
C ILE B 122 -7.31 4.23 -45.55
N ARG B 123 -6.67 3.61 -46.53
CA ARG B 123 -5.56 2.70 -46.29
C ARG B 123 -4.24 3.46 -46.18
N LEU B 124 -3.96 3.90 -44.96
CA LEU B 124 -2.73 4.61 -44.65
C LEU B 124 -1.54 3.69 -44.93
N SER B 125 -0.57 4.21 -45.67
CA SER B 125 0.69 3.50 -45.89
C SER B 125 1.84 4.39 -45.50
N LEU B 126 2.43 4.11 -44.34
CA LEU B 126 3.56 4.88 -43.85
C LEU B 126 4.85 4.31 -44.40
N VAL B 127 5.68 5.19 -44.94
CA VAL B 127 6.93 4.79 -45.57
C VAL B 127 8.06 5.62 -44.98
N SER B 128 9.25 5.50 -45.59
CA SER B 128 10.41 6.28 -45.20
C SER B 128 11.45 6.25 -46.31
N SER B 129 11.75 7.43 -46.88
CA SER B 129 12.87 7.58 -47.80
C SER B 129 13.74 8.75 -47.32
N GLU B 130 14.68 9.19 -48.15
CA GLU B 130 15.57 10.29 -47.78
C GLU B 130 15.24 11.54 -48.57
N GLY B 131 15.39 11.47 -49.89
CA GLY B 131 15.20 12.64 -50.75
C GLY B 131 13.75 13.03 -50.91
N TYR B 132 13.51 13.99 -51.80
CA TYR B 132 12.16 14.35 -52.24
C TYR B 132 11.86 13.63 -53.56
N ILE B 133 12.43 12.45 -53.74
CA ILE B 133 12.42 11.76 -55.03
C ILE B 133 11.03 11.20 -55.29
N ASN B 134 10.54 10.46 -54.31
CA ASN B 134 9.31 9.69 -54.44
C ASN B 134 8.06 10.55 -54.50
N LEU B 135 8.09 11.71 -53.83
CA LEU B 135 6.97 12.65 -53.89
C LEU B 135 6.88 13.28 -55.28
N ILE B 136 8.04 13.64 -55.82
CA ILE B 136 8.14 14.19 -57.16
C ILE B 136 7.74 13.17 -58.22
N GLU B 137 8.02 11.89 -57.95
CA GLU B 137 7.63 10.77 -58.82
C GLU B 137 6.16 10.34 -58.68
N ARG B 138 5.38 11.05 -57.87
CA ARG B 138 3.99 10.67 -57.57
C ARG B 138 3.92 9.25 -56.98
N LYS B 139 5.05 8.78 -56.47
CA LYS B 139 5.18 7.44 -55.90
C LYS B 139 4.72 7.48 -54.44
N VAL B 140 4.82 8.66 -53.82
CA VAL B 140 4.26 8.94 -52.50
C VAL B 140 3.39 10.20 -52.61
N ASP B 141 2.35 10.26 -51.79
CA ASP B 141 1.33 11.30 -51.88
C ASP B 141 1.70 12.57 -51.12
N ILE B 142 2.46 12.42 -50.04
CA ILE B 142 2.71 13.52 -49.10
C ILE B 142 3.94 13.21 -48.24
N ALA B 143 4.77 14.22 -48.02
CA ALA B 143 6.04 14.06 -47.31
C ALA B 143 6.07 14.92 -46.04
N LEU B 144 6.30 14.29 -44.89
CA LEU B 144 6.43 15.00 -43.63
C LEU B 144 7.89 15.28 -43.37
N ARG B 145 8.34 16.44 -43.82
CA ARG B 145 9.75 16.82 -43.77
C ARG B 145 9.97 18.02 -42.87
N ALA B 146 11.12 18.06 -42.21
CA ALA B 146 11.57 19.25 -41.51
C ALA B 146 12.03 20.21 -42.60
N GLY B 147 11.09 20.66 -43.42
CA GLY B 147 11.41 21.21 -44.72
C GLY B 147 11.53 22.72 -44.78
N GLU B 148 12.69 23.20 -45.24
CA GLU B 148 12.88 24.61 -45.61
C GLU B 148 13.71 24.74 -46.90
N LEU B 149 13.54 23.78 -47.82
CA LEU B 149 14.19 23.84 -49.14
C LEU B 149 13.23 23.29 -50.21
N ASP B 150 11.94 23.49 -49.99
CA ASP B 150 10.90 22.74 -50.67
C ASP B 150 10.30 23.52 -51.84
N ASP B 151 11.13 24.33 -52.49
CA ASP B 151 10.67 25.27 -53.50
C ASP B 151 10.53 24.57 -54.84
N SER B 152 9.31 24.18 -55.19
CA SER B 152 9.07 23.51 -56.47
C SER B 152 7.59 23.54 -56.90
N GLY B 153 6.90 24.64 -56.62
CA GLY B 153 5.46 24.75 -56.89
C GLY B 153 4.64 23.68 -56.17
N LEU B 154 5.20 23.12 -55.10
CA LEU B 154 4.54 22.09 -54.30
C LEU B 154 4.24 22.69 -52.93
N ARG B 155 2.95 22.77 -52.60
CA ARG B 155 2.51 23.43 -51.38
C ARG B 155 3.11 22.78 -50.14
N ALA B 156 3.58 23.60 -49.22
CA ALA B 156 4.03 23.14 -47.92
C ALA B 156 2.97 23.55 -46.90
N ARG B 157 2.59 22.63 -46.03
CA ARG B 157 1.65 22.93 -44.98
C ARG B 157 2.37 22.91 -43.63
N HIS B 158 2.09 23.90 -42.79
CA HIS B 158 2.70 23.98 -41.46
C HIS B 158 2.00 23.04 -40.49
N LEU B 159 2.79 22.24 -39.78
CA LEU B 159 2.28 21.30 -38.79
C LEU B 159 2.60 21.80 -37.39
N PHE B 160 3.89 21.96 -37.11
CA PHE B 160 4.35 22.35 -35.79
C PHE B 160 5.76 22.92 -35.82
N ASP B 161 6.14 23.53 -34.71
CA ASP B 161 7.48 24.09 -34.54
C ASP B 161 8.19 23.40 -33.37
N SER B 162 9.29 22.71 -33.67
CA SER B 162 10.10 22.06 -32.64
C SER B 162 11.37 22.87 -32.37
N ARG B 163 11.74 22.99 -31.09
CA ARG B 163 13.04 23.54 -30.74
C ARG B 163 13.95 22.39 -30.33
N PHE B 164 15.26 22.63 -30.41
CA PHE B 164 16.24 21.61 -30.03
C PHE B 164 16.39 21.47 -28.51
N ARG B 165 16.93 20.33 -28.09
CA ARG B 165 17.22 20.05 -26.68
C ARG B 165 18.46 19.19 -26.50
N VAL B 166 19.40 19.66 -25.69
CA VAL B 166 20.58 18.89 -25.38
C VAL B 166 20.24 17.98 -24.20
N ILE B 167 20.48 16.68 -24.33
CA ILE B 167 20.08 15.73 -23.29
C ILE B 167 21.06 14.57 -23.07
N ALA B 168 20.89 13.87 -21.95
CA ALA B 168 21.70 12.68 -21.64
C ALA B 168 21.06 11.82 -20.56
N SER B 169 21.53 10.59 -20.43
CA SER B 169 20.90 9.65 -19.53
C SER B 169 21.32 9.97 -18.11
N PRO B 170 20.43 9.74 -17.15
CA PRO B 170 20.80 9.83 -15.76
C PRO B 170 22.08 9.06 -15.49
N GLU B 171 22.13 7.81 -15.93
CA GLU B 171 23.29 6.97 -15.69
C GLU B 171 24.57 7.64 -16.18
N TYR B 172 24.51 8.22 -17.37
CA TYR B 172 25.68 8.89 -17.93
C TYR B 172 26.10 10.03 -16.99
N LEU B 173 25.23 11.03 -16.86
CA LEU B 173 25.53 12.20 -16.03
C LEU B 173 25.93 11.79 -14.62
N ALA B 174 25.23 10.81 -14.06
CA ALA B 174 25.58 10.30 -12.74
C ALA B 174 27.02 9.83 -12.70
N LYS B 175 27.47 9.21 -13.78
CA LYS B 175 28.81 8.65 -13.86
C LYS B 175 29.88 9.69 -14.21
N HIS B 176 29.59 10.54 -15.21
CA HIS B 176 30.57 11.49 -15.75
C HIS B 176 30.39 12.92 -15.24
N GLY B 177 29.24 13.21 -14.65
CA GLY B 177 28.92 14.56 -14.18
C GLY B 177 28.17 15.36 -15.22
N THR B 178 27.35 16.29 -14.75
CA THR B 178 26.61 17.22 -15.60
C THR B 178 27.49 18.40 -16.01
N PRO B 179 27.52 18.75 -17.30
CA PRO B 179 28.24 19.94 -17.73
C PRO B 179 27.40 21.18 -17.58
N GLN B 180 27.93 22.17 -16.86
CA GLN B 180 27.19 23.39 -16.50
C GLN B 180 27.33 24.50 -17.52
N SER B 181 28.44 24.49 -18.25
CA SER B 181 28.72 25.47 -19.26
C SER B 181 29.03 24.77 -20.56
N THR B 182 28.63 25.40 -21.66
CA THR B 182 28.88 24.88 -23.02
C THR B 182 30.34 24.48 -23.28
N GLU B 183 31.28 25.12 -22.60
CA GLU B 183 32.71 24.83 -22.75
C GLU B 183 33.11 23.53 -22.05
N GLU B 184 32.33 23.10 -21.06
CA GLU B 184 32.57 21.82 -20.40
C GLU B 184 32.16 20.64 -21.29
N LEU B 185 31.41 20.92 -22.36
CA LEU B 185 31.04 19.89 -23.33
C LEU B 185 32.24 19.17 -23.94
N ALA B 186 33.31 19.89 -24.24
CA ALA B 186 34.50 19.27 -24.81
C ALA B 186 35.04 18.14 -23.93
N GLY B 187 34.68 18.13 -22.64
CA GLY B 187 35.09 17.06 -21.74
C GLY B 187 34.14 15.88 -21.63
N HIS B 188 33.30 15.67 -22.64
CA HIS B 188 32.28 14.63 -22.60
C HIS B 188 32.17 13.89 -23.92
N GLN B 189 31.54 12.72 -23.86
CA GLN B 189 31.09 12.01 -25.05
C GLN B 189 29.96 12.81 -25.66
N CYS B 190 30.14 13.27 -26.88
CA CYS B 190 29.08 13.93 -27.61
C CYS B 190 28.77 13.12 -28.85
N LEU B 191 27.51 12.72 -29.00
CA LEU B 191 27.12 11.86 -30.10
C LEU B 191 26.47 12.71 -31.16
N GLY B 192 26.87 12.47 -32.40
CA GLY B 192 26.41 13.28 -33.53
C GLY B 192 25.96 12.50 -34.77
N PHE B 193 25.72 13.26 -35.84
CA PHE B 193 25.26 12.73 -37.10
C PHE B 193 26.42 12.41 -38.03
N THR B 194 26.26 11.37 -38.83
CA THR B 194 27.34 10.91 -39.71
C THR B 194 27.67 11.95 -40.78
N GLU B 195 26.64 12.66 -41.26
CA GLU B 195 26.79 13.64 -42.33
C GLU B 195 27.79 14.74 -41.97
N PRO B 196 28.88 14.87 -42.75
CA PRO B 196 29.90 15.87 -42.46
C PRO B 196 29.36 17.21 -41.91
N GLY B 197 29.46 17.37 -40.59
CA GLY B 197 29.30 18.66 -39.91
C GLY B 197 27.99 19.42 -39.98
N SER B 198 27.03 18.92 -40.76
CA SER B 198 25.80 19.67 -41.09
C SER B 198 24.97 20.03 -39.85
N LEU B 199 24.43 19.02 -39.19
CA LEU B 199 23.66 19.20 -37.96
C LEU B 199 24.52 18.85 -36.73
N ASN B 200 25.84 18.84 -36.93
CA ASN B 200 26.82 18.64 -35.86
C ASN B 200 27.34 19.95 -35.30
N THR B 201 26.50 20.98 -35.34
CA THR B 201 26.72 22.17 -34.56
C THR B 201 25.42 22.39 -33.78
N TRP B 202 25.45 22.13 -32.48
CA TRP B 202 24.25 22.19 -31.64
C TRP B 202 23.77 23.61 -31.49
N ALA B 203 22.50 23.74 -31.08
CA ALA B 203 21.91 25.06 -30.83
C ALA B 203 22.14 25.52 -29.37
N VAL B 204 23.23 25.04 -28.77
CA VAL B 204 23.71 25.60 -27.51
C VAL B 204 24.90 26.50 -27.88
N LEU B 205 24.81 27.77 -27.52
CA LEU B 205 25.77 28.78 -27.97
C LEU B 205 26.97 28.88 -27.02
N ASP B 206 28.17 29.02 -27.60
CA ASP B 206 29.41 29.03 -26.80
C ASP B 206 29.66 30.42 -26.21
N ALA B 207 30.82 30.58 -25.54
CA ALA B 207 31.16 31.83 -24.85
C ALA B 207 30.95 33.09 -25.69
N GLN B 208 31.30 33.01 -26.98
CA GLN B 208 31.26 34.18 -27.86
C GLN B 208 29.88 34.40 -28.48
N GLY B 209 28.94 33.48 -28.22
CA GLY B 209 27.54 33.65 -28.63
C GLY B 209 27.07 32.83 -29.82
N ASN B 210 28.01 32.17 -30.49
CA ASN B 210 27.72 31.39 -31.70
C ASN B 210 27.66 29.88 -31.39
N PRO B 211 26.96 29.10 -32.23
CA PRO B 211 26.64 27.71 -31.87
C PRO B 211 27.88 26.86 -31.75
N TYR B 212 27.74 25.72 -31.07
CA TYR B 212 28.89 24.90 -30.68
C TYR B 212 29.01 23.66 -31.52
N LYS B 213 30.08 23.57 -32.31
CA LYS B 213 30.35 22.36 -33.09
C LYS B 213 30.92 21.29 -32.15
N ILE B 214 30.27 20.13 -32.11
CA ILE B 214 30.79 19.00 -31.35
C ILE B 214 31.74 18.19 -32.22
N SER B 215 32.66 17.50 -31.55
CA SER B 215 33.50 16.52 -32.21
C SER B 215 32.98 15.14 -31.78
N PRO B 216 32.16 14.50 -32.65
CA PRO B 216 31.43 13.34 -32.20
C PRO B 216 32.27 12.07 -32.11
N HIS B 217 31.99 11.24 -31.12
CA HIS B 217 32.67 9.96 -30.94
C HIS B 217 31.93 8.87 -31.71
N PHE B 218 30.69 8.60 -31.29
CA PHE B 218 29.78 7.78 -32.08
C PHE B 218 29.00 8.69 -33.01
N THR B 219 28.81 8.24 -34.24
CA THR B 219 28.00 8.96 -35.20
C THR B 219 26.92 8.05 -35.77
N ALA B 220 25.68 8.41 -35.49
CA ALA B 220 24.51 7.72 -36.03
C ALA B 220 24.10 8.41 -37.32
N SER B 221 23.38 7.71 -38.19
CA SER B 221 22.82 8.33 -39.38
C SER B 221 21.44 8.96 -39.13
N SER B 222 20.85 8.72 -37.96
CA SER B 222 19.45 9.10 -37.69
C SER B 222 19.17 9.53 -36.26
N GLY B 223 18.37 10.59 -36.13
CA GLY B 223 18.00 11.14 -34.83
C GLY B 223 17.57 10.07 -33.87
N GLU B 224 16.73 9.15 -34.37
CA GLU B 224 16.17 8.09 -33.56
C GLU B 224 17.24 7.10 -33.09
N ILE B 225 18.27 6.87 -33.90
CA ILE B 225 19.39 6.04 -33.45
C ILE B 225 20.10 6.75 -32.30
N LEU B 226 20.46 8.01 -32.51
CA LEU B 226 21.13 8.81 -31.48
C LEU B 226 20.37 8.72 -30.16
N ARG B 227 19.04 8.86 -30.23
CA ARG B 227 18.17 8.73 -29.06
C ARG B 227 18.37 7.41 -28.33
N SER B 228 18.49 6.33 -29.10
CA SER B 228 18.70 5.01 -28.51
C SER B 228 20.04 4.95 -27.82
N LEU B 229 21.08 5.43 -28.50
CA LEU B 229 22.43 5.50 -27.94
C LEU B 229 22.47 6.41 -26.71
N CYS B 230 21.73 7.52 -26.77
CA CYS B 230 21.65 8.48 -25.67
C CYS B 230 21.05 7.84 -24.42
N LEU B 231 19.90 7.21 -24.58
CA LEU B 231 19.25 6.51 -23.47
C LEU B 231 20.12 5.38 -22.90
N SER B 232 20.97 4.79 -23.73
CA SER B 232 21.86 3.72 -23.27
C SER B 232 23.06 4.26 -22.51
N GLY B 233 23.14 5.57 -22.36
CA GLY B 233 24.18 6.21 -21.56
C GLY B 233 25.51 6.33 -22.29
N CYS B 234 25.46 6.53 -23.60
CA CYS B 234 26.66 6.65 -24.42
C CYS B 234 27.15 8.08 -24.54
N GLY B 235 26.28 9.04 -24.28
CA GLY B 235 26.70 10.43 -24.26
C GLY B 235 25.59 11.46 -24.40
N ILE B 236 26.01 12.67 -24.73
CA ILE B 236 25.10 13.77 -24.88
C ILE B 236 24.78 13.89 -26.35
N VAL B 237 23.53 14.24 -26.64
CA VAL B 237 23.10 14.48 -28.02
C VAL B 237 22.18 15.68 -28.01
N CYS B 238 22.03 16.31 -29.17
CA CYS B 238 21.14 17.43 -29.29
C CYS B 238 20.11 17.13 -30.37
N LEU B 239 18.90 16.81 -29.94
CA LEU B 239 17.86 16.37 -30.85
C LEU B 239 16.66 17.30 -30.80
N SER B 240 15.78 17.18 -31.80
CA SER B 240 14.54 17.97 -31.81
C SER B 240 13.65 17.53 -30.65
N ASP B 241 13.01 18.51 -30.02
CA ASP B 241 12.33 18.27 -28.75
C ASP B 241 11.36 17.10 -28.80
N PHE B 242 10.54 17.00 -29.85
CA PHE B 242 9.51 15.94 -29.95
C PHE B 242 10.10 14.54 -29.93
N LEU B 243 11.30 14.42 -30.50
CA LEU B 243 12.04 13.18 -30.52
C LEU B 243 12.34 12.70 -29.09
N VAL B 244 12.57 13.64 -28.17
CA VAL B 244 12.97 13.32 -26.80
C VAL B 244 12.05 13.81 -25.67
N ASP B 245 11.21 14.81 -25.95
CA ASP B 245 10.39 15.47 -24.91
C ASP B 245 9.71 14.51 -23.93
N ASN B 246 9.23 13.39 -24.45
CA ASN B 246 8.49 12.41 -23.65
C ASN B 246 9.37 11.72 -22.62
N ASP B 247 10.54 11.26 -23.07
CA ASP B 247 11.48 10.56 -22.18
C ASP B 247 11.96 11.45 -21.04
N ILE B 248 12.16 12.73 -21.34
CA ILE B 248 12.49 13.72 -20.31
C ILE B 248 11.43 13.66 -19.22
N ALA B 249 10.17 13.58 -19.63
CA ALA B 249 9.03 13.55 -18.71
C ALA B 249 8.95 12.26 -17.89
N GLU B 250 9.30 11.14 -18.50
CA GLU B 250 9.37 9.87 -17.79
C GLU B 250 10.62 9.80 -16.92
N GLY B 251 11.52 10.77 -17.12
CA GLY B 251 12.74 10.87 -16.33
C GLY B 251 13.82 9.94 -16.84
N LYS B 252 13.78 9.65 -18.14
CA LYS B 252 14.74 8.74 -18.76
C LYS B 252 15.82 9.53 -19.50
N LEU B 253 15.58 10.82 -19.71
CA LEU B 253 16.59 11.76 -20.18
C LEU B 253 16.56 13.05 -19.34
N ILE B 254 17.69 13.74 -19.30
CA ILE B 254 17.80 14.98 -18.53
C ILE B 254 18.15 16.12 -19.46
N PRO B 255 17.53 17.30 -19.30
CA PRO B 255 18.06 18.42 -20.06
C PRO B 255 19.44 18.83 -19.54
N LEU B 256 20.30 19.30 -20.44
CA LEU B 256 21.60 19.86 -20.09
C LEU B 256 21.73 21.23 -20.73
N LEU B 257 22.26 22.20 -19.98
CA LEU B 257 22.48 23.55 -20.51
C LEU B 257 21.18 24.16 -21.03
N ALA B 258 20.10 23.97 -20.28
CA ALA B 258 18.79 24.46 -20.70
C ALA B 258 18.81 25.95 -21.01
N GLU B 259 19.33 26.73 -20.07
CA GLU B 259 19.42 28.18 -20.23
C GLU B 259 20.27 28.55 -21.44
N GLN B 260 21.36 27.82 -21.66
CA GLN B 260 22.27 28.08 -22.77
C GLN B 260 21.73 27.59 -24.11
N THR B 261 20.89 26.55 -24.08
CA THR B 261 20.26 26.03 -25.29
C THR B 261 19.40 27.11 -25.95
N SER B 262 19.62 27.37 -27.23
CA SER B 262 18.83 28.33 -28.00
C SER B 262 17.34 28.01 -27.97
N ASP B 263 16.51 29.04 -27.84
CA ASP B 263 15.07 28.87 -27.77
C ASP B 263 14.40 29.04 -29.14
N LYS B 264 15.18 29.17 -30.20
CA LYS B 264 14.64 29.28 -31.56
C LYS B 264 14.10 27.94 -32.00
N THR B 265 12.91 27.96 -32.60
CA THR B 265 12.24 26.76 -33.12
C THR B 265 12.51 26.60 -34.61
N HIS B 266 12.14 25.43 -35.13
CA HIS B 266 12.20 25.16 -36.56
C HIS B 266 10.93 24.45 -36.97
N PRO B 267 10.46 24.68 -38.21
CA PRO B 267 9.17 24.12 -38.62
C PRO B 267 9.24 22.67 -39.09
N PHE B 268 8.06 22.06 -39.18
CA PHE B 268 7.87 20.78 -39.86
C PHE B 268 6.64 20.90 -40.73
N ASN B 269 6.74 20.44 -41.98
CA ASN B 269 5.67 20.58 -42.94
C ASN B 269 5.26 19.29 -43.60
N ALA B 270 3.99 19.24 -44.00
CA ALA B 270 3.54 18.27 -44.98
C ALA B 270 3.70 18.95 -46.33
N VAL B 271 4.46 18.32 -47.24
CA VAL B 271 4.62 18.84 -48.61
C VAL B 271 3.91 17.94 -49.61
N TYR B 272 3.40 18.54 -50.67
CA TYR B 272 2.59 17.83 -51.66
C TYR B 272 2.27 18.73 -52.85
N TYR B 273 1.88 18.13 -53.97
CA TYR B 273 1.56 18.89 -55.19
C TYR B 273 0.26 19.65 -55.04
N SER B 274 0.27 20.93 -55.39
CA SER B 274 -0.92 21.79 -55.32
C SER B 274 -2.17 21.16 -55.94
N ASP B 275 -1.98 20.38 -57.00
CA ASP B 275 -3.08 19.71 -57.69
C ASP B 275 -3.64 18.54 -56.88
N LYS B 276 -2.77 17.86 -56.11
CA LYS B 276 -3.18 16.73 -55.26
C LYS B 276 -4.06 17.14 -54.07
N ALA B 277 -3.98 18.41 -53.68
CA ALA B 277 -4.75 18.92 -52.55
C ALA B 277 -6.24 18.70 -52.72
N VAL B 278 -6.70 18.59 -53.97
CA VAL B 278 -8.11 18.35 -54.26
C VAL B 278 -8.65 17.03 -53.63
N ASN B 279 -7.77 16.04 -53.47
CA ASN B 279 -8.16 14.73 -52.97
C ASN B 279 -8.55 14.72 -51.50
N LEU B 280 -9.79 14.34 -51.22
CA LEU B 280 -10.33 14.35 -49.86
C LEU B 280 -9.50 13.52 -48.89
N ARG B 281 -8.86 12.46 -49.37
CA ARG B 281 -8.06 11.59 -48.50
C ARG B 281 -6.88 12.36 -47.95
N LEU B 282 -6.33 13.21 -48.80
CA LEU B 282 -5.18 14.01 -48.45
C LEU B 282 -5.60 15.13 -47.51
N ARG B 283 -6.67 15.83 -47.85
CA ARG B 283 -7.15 16.95 -47.04
C ARG B 283 -7.42 16.50 -45.61
N VAL B 284 -8.33 15.53 -45.47
CA VAL B 284 -8.76 15.04 -44.17
C VAL B 284 -7.61 14.51 -43.30
N PHE B 285 -6.53 14.08 -43.93
CA PHE B 285 -5.33 13.66 -43.20
C PHE B 285 -4.55 14.86 -42.73
N LEU B 286 -4.24 15.78 -43.64
CA LEU B 286 -3.57 17.01 -43.26
C LEU B 286 -4.33 17.74 -42.16
N ASP B 287 -5.59 18.09 -42.44
CA ASP B 287 -6.44 18.75 -41.44
C ASP B 287 -6.41 18.06 -40.08
N PHE B 288 -6.23 16.75 -40.07
CA PHE B 288 -6.13 15.99 -38.85
C PHE B 288 -4.79 16.24 -38.17
N LEU B 289 -3.71 16.16 -38.93
CA LEU B 289 -2.37 16.43 -38.39
C LEU B 289 -2.24 17.86 -37.88
N VAL B 290 -2.73 18.81 -38.67
CA VAL B 290 -2.70 20.23 -38.30
C VAL B 290 -3.44 20.51 -37.01
N GLU B 291 -4.50 19.76 -36.73
CA GLU B 291 -5.22 19.92 -35.49
C GLU B 291 -4.49 19.25 -34.36
N GLU B 292 -4.12 18.00 -34.55
CA GLU B 292 -3.55 17.19 -33.48
C GLU B 292 -2.16 17.65 -33.05
N LEU B 293 -1.35 18.09 -34.02
CA LEU B 293 0.01 18.51 -33.74
C LEU B 293 0.13 20.03 -33.56
N GLY B 294 -0.83 20.79 -34.10
CA GLY B 294 -0.81 22.25 -33.97
C GLY B 294 -1.05 22.75 -32.55
N ASN B 295 -1.01 24.07 -32.37
CA ASN B 295 -1.21 24.69 -31.04
C ASN B 295 -2.64 25.19 -30.81
N ASN B 296 -3.62 24.51 -31.41
CA ASN B 296 -5.02 24.94 -31.37
C ASN B 296 -5.77 24.33 -30.20
N LYS C 2 -9.71 26.89 -50.66
CA LYS C 2 -10.24 27.52 -51.91
C LYS C 2 -11.50 28.36 -51.67
N THR C 3 -11.92 28.46 -50.39
CA THR C 3 -12.95 29.44 -50.01
C THR C 3 -12.25 30.72 -49.62
N ASN C 4 -13.01 31.82 -49.52
CA ASN C 4 -12.46 33.09 -49.09
C ASN C 4 -13.45 33.89 -48.26
N SER C 5 -12.98 34.97 -47.65
CA SER C 5 -13.79 35.74 -46.71
C SER C 5 -14.85 36.58 -47.41
N GLU C 6 -14.69 36.84 -48.70
CA GLU C 6 -15.73 37.51 -49.48
C GLU C 6 -16.99 36.65 -49.58
N GLU C 7 -16.83 35.40 -50.03
CA GLU C 7 -17.97 34.49 -50.14
C GLU C 7 -18.45 33.99 -48.78
N LEU C 8 -17.59 34.05 -47.77
CA LEU C 8 -17.98 33.75 -46.39
C LEU C 8 -18.82 34.87 -45.78
N THR C 9 -18.59 36.11 -46.22
CA THR C 9 -19.33 37.28 -45.72
C THR C 9 -20.69 37.43 -46.41
N VAL C 10 -20.74 37.05 -47.69
CA VAL C 10 -21.98 37.14 -48.48
C VAL C 10 -23.00 36.10 -47.99
N PHE C 11 -22.55 34.87 -47.79
CA PHE C 11 -23.44 33.82 -47.29
C PHE C 11 -23.96 34.18 -45.89
N VAL C 12 -23.08 34.69 -45.04
CA VAL C 12 -23.45 35.11 -43.70
C VAL C 12 -24.53 36.20 -43.74
N GLN C 13 -24.40 37.10 -44.70
CA GLN C 13 -25.35 38.20 -44.87
C GLN C 13 -26.73 37.68 -45.31
N VAL C 14 -26.75 36.95 -46.43
CA VAL C 14 -28.00 36.49 -47.06
C VAL C 14 -28.87 35.71 -46.07
N VAL C 15 -28.25 34.75 -45.38
CA VAL C 15 -28.96 33.90 -44.41
C VAL C 15 -29.63 34.71 -43.31
N GLU C 16 -28.88 35.63 -42.71
CA GLU C 16 -29.38 36.39 -41.57
C GLU C 16 -30.11 37.69 -41.97
N SER C 17 -30.17 37.97 -43.28
CA SER C 17 -30.94 39.11 -43.80
C SER C 17 -32.08 38.62 -44.69
N GLY C 18 -32.88 37.70 -44.14
CA GLY C 18 -34.06 37.20 -44.85
C GLY C 18 -33.71 36.38 -46.08
N SER C 19 -34.00 36.94 -47.25
CA SER C 19 -33.87 36.23 -48.53
C SER C 19 -32.77 36.83 -49.40
N PHE C 20 -32.69 36.35 -50.64
CA PHE C 20 -31.61 36.70 -51.56
C PHE C 20 -31.58 38.17 -52.01
N SER C 21 -32.75 38.73 -52.33
CA SER C 21 -32.84 40.14 -52.75
C SER C 21 -32.37 41.07 -51.65
N ARG C 22 -32.87 40.86 -50.44
CA ARG C 22 -32.57 41.70 -49.28
C ARG C 22 -31.10 41.67 -48.89
N ALA C 23 -30.40 40.61 -49.28
CA ALA C 23 -28.96 40.47 -49.02
C ALA C 23 -28.17 41.52 -49.80
N ALA C 24 -28.38 41.56 -51.11
CA ALA C 24 -27.64 42.48 -51.98
C ALA C 24 -27.93 43.95 -51.70
N GLU C 25 -29.12 44.24 -51.18
CA GLU C 25 -29.53 45.60 -50.85
C GLU C 25 -28.68 46.19 -49.73
N GLN C 26 -28.57 45.47 -48.62
CA GLN C 26 -27.73 45.88 -47.49
C GLN C 26 -26.25 45.76 -47.82
N LEU C 27 -25.90 44.78 -48.66
CA LEU C 27 -24.51 44.53 -49.05
C LEU C 27 -24.04 45.49 -50.14
N ALA C 28 -24.99 46.12 -50.84
CA ALA C 28 -24.69 47.13 -51.87
C ALA C 28 -24.00 46.58 -53.12
N MET C 29 -24.30 45.32 -53.46
CA MET C 29 -23.85 44.71 -54.72
C MET C 29 -25.04 44.43 -55.63
N ALA C 30 -24.77 44.14 -56.90
CA ALA C 30 -25.82 43.81 -57.86
C ALA C 30 -26.36 42.41 -57.56
N ASN C 31 -27.68 42.23 -57.76
CA ASN C 31 -28.32 40.92 -57.57
C ASN C 31 -27.71 39.82 -58.46
N SER C 32 -27.20 40.23 -59.61
CA SER C 32 -26.44 39.34 -60.49
C SER C 32 -25.14 38.89 -59.82
N ALA C 33 -24.50 39.80 -59.10
CA ALA C 33 -23.21 39.54 -58.44
C ALA C 33 -23.32 38.57 -57.26
N VAL C 34 -24.39 38.70 -56.47
CA VAL C 34 -24.59 37.85 -55.29
C VAL C 34 -24.80 36.38 -55.67
N SER C 35 -25.46 36.16 -56.81
CA SER C 35 -25.77 34.80 -57.28
C SER C 35 -24.53 34.08 -57.78
N ARG C 36 -23.56 34.84 -58.29
CA ARG C 36 -22.28 34.31 -58.74
C ARG C 36 -21.48 33.76 -57.57
N ILE C 37 -21.45 34.51 -56.48
CA ILE C 37 -20.61 34.21 -55.32
C ILE C 37 -21.17 33.05 -54.49
N VAL C 38 -22.45 33.14 -54.14
CA VAL C 38 -23.12 32.11 -53.34
C VAL C 38 -23.13 30.76 -54.06
N LYS C 39 -23.26 30.80 -55.40
CA LYS C 39 -23.29 29.60 -56.22
C LYS C 39 -21.88 29.05 -56.46
N ARG C 40 -20.90 29.94 -56.60
CA ARG C 40 -19.48 29.55 -56.67
C ARG C 40 -19.08 28.83 -55.39
N LEU C 41 -19.47 29.40 -54.25
CA LEU C 41 -19.09 28.87 -52.93
C LEU C 41 -19.60 27.44 -52.73
N GLU C 42 -20.91 27.26 -52.81
CA GLU C 42 -21.55 25.95 -52.63
C GLU C 42 -21.03 24.92 -53.63
N GLU C 43 -20.67 25.38 -54.84
CA GLU C 43 -20.02 24.54 -55.84
C GLU C 43 -18.65 24.09 -55.36
N LYS C 44 -17.90 25.00 -54.74
CA LYS C 44 -16.55 24.69 -54.26
C LYS C 44 -16.56 23.87 -52.96
N LEU C 45 -17.58 24.07 -52.13
CA LEU C 45 -17.80 23.24 -50.93
C LEU C 45 -18.31 21.83 -51.27
N GLY C 46 -18.82 21.66 -52.48
CA GLY C 46 -19.31 20.36 -52.96
C GLY C 46 -20.64 19.96 -52.33
N VAL C 47 -21.40 20.95 -51.88
CA VAL C 47 -22.68 20.71 -51.24
C VAL C 47 -23.61 21.90 -51.43
N ASN C 48 -24.91 21.61 -51.48
CA ASN C 48 -25.92 22.63 -51.68
C ASN C 48 -26.20 23.35 -50.36
N LEU C 49 -26.13 24.68 -50.40
CA LEU C 49 -26.44 25.49 -49.22
C LEU C 49 -27.87 26.02 -49.34
N LEU C 50 -28.14 26.70 -50.45
CA LEU C 50 -29.42 27.37 -50.68
C LEU C 50 -30.56 26.38 -50.94
N ASN C 51 -31.76 26.76 -50.51
CA ASN C 51 -32.94 25.91 -50.60
C ASN C 51 -34.12 26.67 -51.24
N ARG C 52 -34.09 26.72 -52.56
CA ARG C 52 -35.06 27.50 -53.36
C ARG C 52 -36.32 26.69 -53.71
N THR C 53 -36.38 25.43 -53.28
CA THR C 53 -37.56 24.60 -53.45
C THR C 53 -38.73 25.13 -52.62
N THR C 54 -38.44 25.53 -51.38
CA THR C 54 -39.45 26.13 -50.50
C THR C 54 -39.83 27.53 -51.02
N ARG C 55 -40.99 28.01 -50.60
CA ARG C 55 -41.46 29.36 -50.92
C ARG C 55 -40.35 30.42 -50.82
N GLN C 56 -39.49 30.29 -49.82
CA GLN C 56 -38.39 31.23 -49.61
C GLN C 56 -37.10 30.51 -49.20
N LEU C 57 -36.02 31.28 -49.04
CA LEU C 57 -34.67 30.73 -48.83
C LEU C 57 -34.48 30.06 -47.46
N SER C 58 -34.31 28.73 -47.48
CA SER C 58 -34.02 27.96 -46.27
C SER C 58 -32.56 27.50 -46.27
N LEU C 59 -32.09 27.04 -45.12
CA LEU C 59 -30.77 26.42 -44.99
C LEU C 59 -30.91 24.92 -45.03
N THR C 60 -30.09 24.28 -45.86
CA THR C 60 -30.00 22.83 -45.86
C THR C 60 -29.33 22.37 -44.56
N GLU C 61 -29.58 21.14 -44.14
CA GLU C 61 -28.96 20.58 -42.93
C GLU C 61 -27.44 20.65 -43.05
N GLU C 62 -26.94 20.33 -44.24
CA GLU C 62 -25.54 20.51 -44.57
C GLU C 62 -25.13 21.99 -44.52
N GLY C 63 -25.84 22.82 -45.27
CA GLY C 63 -25.47 24.24 -45.40
C GLY C 63 -25.78 25.09 -44.18
N ALA C 64 -26.53 24.52 -43.24
CA ALA C 64 -26.85 25.22 -42.00
C ALA C 64 -25.68 25.20 -41.03
N GLN C 65 -24.94 24.09 -41.00
CA GLN C 65 -23.77 24.00 -40.12
C GLN C 65 -22.63 24.87 -40.63
N TYR C 66 -22.46 24.90 -41.96
CA TYR C 66 -21.43 25.76 -42.56
C TYR C 66 -21.75 27.25 -42.39
N PHE C 67 -23.01 27.57 -42.14
CA PHE C 67 -23.36 28.91 -41.70
C PHE C 67 -22.76 29.16 -40.30
N ARG C 68 -22.94 28.20 -39.38
CA ARG C 68 -22.45 28.33 -37.99
C ARG C 68 -20.93 28.38 -37.85
N ARG C 69 -20.21 27.77 -38.79
CA ARG C 69 -18.75 27.86 -38.82
C ARG C 69 -18.33 29.21 -39.41
N ALA C 70 -19.00 29.59 -40.50
CA ALA C 70 -18.79 30.90 -41.13
C ALA C 70 -19.08 32.05 -40.17
N GLN C 71 -19.97 31.83 -39.21
CA GLN C 71 -20.20 32.83 -38.16
C GLN C 71 -18.88 33.00 -37.43
N ARG C 72 -18.46 31.92 -36.77
CA ARG C 72 -17.29 31.92 -35.89
C ARG C 72 -16.03 32.41 -36.60
N ILE C 73 -15.80 31.93 -37.82
CA ILE C 73 -14.66 32.39 -38.62
C ILE C 73 -14.69 33.90 -38.83
N LEU C 74 -15.83 34.44 -39.26
CA LEU C 74 -15.98 35.89 -39.45
C LEU C 74 -15.79 36.63 -38.13
N GLN C 75 -16.39 36.12 -37.06
CA GLN C 75 -16.32 36.76 -35.74
C GLN C 75 -14.88 36.94 -35.29
N GLU C 76 -14.16 35.82 -35.16
CA GLU C 76 -12.82 35.81 -34.59
C GLU C 76 -11.73 36.35 -35.54
N MET C 77 -12.10 36.51 -36.80
CA MET C 77 -11.30 37.22 -37.78
C MET C 77 -11.33 38.72 -37.48
N ALA C 78 -12.55 39.26 -37.38
CA ALA C 78 -12.74 40.67 -37.00
C ALA C 78 -12.33 40.90 -35.54
N ALA C 79 -12.30 39.84 -34.74
CA ALA C 79 -11.83 39.95 -33.36
C ALA C 79 -10.31 40.17 -33.31
N ALA C 80 -9.57 39.46 -34.16
CA ALA C 80 -8.13 39.70 -34.26
C ALA C 80 -7.88 41.16 -34.64
N GLU C 81 -8.73 41.67 -35.51
CA GLU C 81 -8.70 43.07 -35.93
C GLU C 81 -8.86 44.02 -34.74
N THR C 82 -9.87 43.79 -33.91
CA THR C 82 -10.11 44.62 -32.73
C THR C 82 -8.99 44.42 -31.71
N GLU C 83 -8.44 43.21 -31.65
CA GLU C 83 -7.32 42.87 -30.77
C GLU C 83 -6.07 43.67 -31.11
N MET C 84 -5.93 44.05 -32.37
CA MET C 84 -4.82 44.92 -32.80
C MET C 84 -5.10 46.40 -32.58
N LEU C 85 -6.36 46.80 -32.68
CA LEU C 85 -6.73 48.20 -32.47
C LEU C 85 -6.44 48.61 -31.02
N ALA C 86 -6.48 47.65 -30.10
CA ALA C 86 -6.19 47.92 -28.69
C ALA C 86 -4.70 47.77 -28.32
N VAL C 87 -3.82 47.75 -29.32
CA VAL C 87 -2.36 47.73 -29.06
C VAL C 87 -1.71 49.11 -29.26
N HIS C 88 -2.44 50.01 -29.90
CA HIS C 88 -2.11 51.43 -29.93
C HIS C 88 -3.27 52.24 -29.36
N GLU C 89 -3.99 51.62 -28.43
CA GLU C 89 -5.00 52.29 -27.64
C GLU C 89 -5.42 51.36 -26.51
N ILE C 90 -4.58 51.27 -25.48
CA ILE C 90 -4.78 50.28 -24.41
C ILE C 90 -6.08 50.55 -23.66
N PRO C 91 -7.00 49.57 -23.66
CA PRO C 91 -8.27 49.75 -22.95
C PRO C 91 -8.10 50.03 -21.47
N GLN C 92 -8.87 51.00 -20.98
CA GLN C 92 -8.84 51.43 -19.59
C GLN C 92 -10.16 52.08 -19.23
N GLY C 93 -10.55 51.95 -17.97
CA GLY C 93 -11.78 52.58 -17.48
C GLY C 93 -12.74 51.56 -16.91
N VAL C 94 -13.84 52.03 -16.36
CA VAL C 94 -14.81 51.15 -15.70
C VAL C 94 -15.77 50.55 -16.71
N LEU C 95 -15.77 49.23 -16.82
CA LEU C 95 -16.75 48.49 -17.62
C LEU C 95 -17.71 47.76 -16.68
N SER C 96 -18.98 48.12 -16.72
CA SER C 96 -19.95 47.66 -15.75
C SER C 96 -20.90 46.62 -16.33
N VAL C 97 -20.48 45.37 -16.31
CA VAL C 97 -21.31 44.25 -16.73
C VAL C 97 -22.34 43.92 -15.65
N ASP C 98 -23.63 44.04 -15.98
CA ASP C 98 -24.70 43.55 -15.12
C ASP C 98 -25.12 42.16 -15.63
N SER C 99 -25.51 41.29 -14.71
CA SER C 99 -25.82 39.91 -15.07
C SER C 99 -26.64 39.15 -14.03
N ALA C 100 -27.09 37.96 -14.41
CA ALA C 100 -27.70 37.01 -13.50
C ALA C 100 -26.65 36.53 -12.49
N MET C 101 -27.04 36.42 -11.23
CA MET C 101 -26.12 36.06 -10.16
C MET C 101 -25.39 34.75 -10.44
N PRO C 102 -26.11 33.72 -10.93
CA PRO C 102 -25.42 32.46 -11.23
C PRO C 102 -24.54 32.54 -12.48
N MET C 103 -24.87 33.45 -13.40
CA MET C 103 -24.01 33.76 -14.56
C MET C 103 -22.69 34.41 -14.11
N VAL C 104 -22.79 35.49 -13.32
CA VAL C 104 -21.61 36.16 -12.78
C VAL C 104 -20.79 35.20 -11.94
N LEU C 105 -21.46 34.45 -11.07
CA LEU C 105 -20.77 33.51 -10.18
C LEU C 105 -20.14 32.34 -10.90
N HIS C 106 -20.62 32.00 -12.10
CA HIS C 106 -20.10 30.83 -12.80
C HIS C 106 -19.48 31.06 -14.18
N LEU C 107 -19.93 32.11 -14.87
CA LEU C 107 -19.33 32.45 -16.16
C LEU C 107 -18.28 33.52 -15.97
N LEU C 108 -18.71 34.70 -15.54
CA LEU C 108 -17.82 35.88 -15.46
C LEU C 108 -16.70 35.71 -14.44
N ALA C 109 -17.08 35.44 -13.18
CA ALA C 109 -16.12 35.35 -12.07
C ALA C 109 -14.88 34.52 -12.37
N PRO C 110 -15.05 33.26 -12.82
CA PRO C 110 -13.86 32.42 -13.01
C PRO C 110 -12.89 32.96 -14.05
N LEU C 111 -13.42 33.25 -15.24
CA LEU C 111 -12.60 33.77 -16.33
C LEU C 111 -12.28 35.27 -16.17
N ALA C 112 -12.86 35.94 -15.17
CA ALA C 112 -12.49 37.32 -14.85
C ALA C 112 -10.99 37.47 -14.72
N ALA C 113 -10.37 36.54 -13.99
CA ALA C 113 -8.92 36.51 -13.77
C ALA C 113 -8.18 36.59 -15.09
N LYS C 114 -8.51 35.69 -16.01
CA LYS C 114 -7.85 35.63 -17.31
C LYS C 114 -7.94 36.96 -18.07
N PHE C 115 -9.11 37.59 -18.00
CA PHE C 115 -9.34 38.90 -18.63
C PHE C 115 -8.43 39.96 -18.04
N ASN C 116 -8.34 39.96 -16.71
CA ASN C 116 -7.50 40.89 -15.97
C ASN C 116 -6.03 40.76 -16.37
N GLU C 117 -5.63 39.52 -16.66
CA GLU C 117 -4.27 39.23 -17.11
C GLU C 117 -4.01 39.80 -18.51
N ARG C 118 -5.01 39.69 -19.38
CA ARG C 118 -4.90 40.18 -20.76
C ARG C 118 -5.17 41.68 -20.88
N TYR C 119 -5.91 42.24 -19.93
CA TYR C 119 -6.28 43.66 -19.94
C TYR C 119 -6.30 44.25 -18.52
N PRO C 120 -5.11 44.46 -17.93
CA PRO C 120 -5.02 44.87 -16.52
C PRO C 120 -5.65 46.23 -16.21
N HIS C 121 -5.74 47.10 -17.20
CA HIS C 121 -6.18 48.48 -16.95
C HIS C 121 -7.70 48.66 -16.96
N ILE C 122 -8.43 47.77 -17.62
CA ILE C 122 -9.89 47.78 -17.56
C ILE C 122 -10.32 47.46 -16.13
N ARG C 123 -11.37 48.14 -15.66
CA ARG C 123 -11.88 47.96 -14.29
C ARG C 123 -13.31 47.44 -14.29
N LEU C 124 -13.47 46.12 -14.23
CA LEU C 124 -14.81 45.53 -14.24
C LEU C 124 -15.63 46.03 -13.06
N SER C 125 -16.91 46.27 -13.31
CA SER C 125 -17.89 46.52 -12.25
C SER C 125 -19.00 45.49 -12.43
N LEU C 126 -18.79 44.30 -11.87
CA LEU C 126 -19.74 43.19 -12.03
C LEU C 126 -20.98 43.33 -11.15
N VAL C 127 -21.91 44.17 -11.61
CA VAL C 127 -23.19 44.41 -10.93
C VAL C 127 -24.12 43.21 -11.06
N SER C 128 -25.12 43.12 -10.18
CA SER C 128 -26.12 42.06 -10.29
C SER C 128 -27.48 42.48 -9.76
N SER C 129 -28.25 43.15 -10.62
CA SER C 129 -29.69 43.38 -10.40
C SER C 129 -30.44 42.51 -11.41
N GLU C 130 -31.76 42.61 -11.47
CA GLU C 130 -32.61 41.61 -12.16
C GLU C 130 -33.30 42.07 -13.47
N GLY C 131 -33.59 43.37 -13.58
CA GLY C 131 -34.29 43.92 -14.75
C GLY C 131 -33.36 44.36 -15.87
N TYR C 132 -33.94 44.89 -16.94
CA TYR C 132 -33.18 45.49 -18.05
C TYR C 132 -32.99 46.99 -17.85
N ILE C 133 -33.42 47.49 -16.69
CA ILE C 133 -33.60 48.93 -16.45
C ILE C 133 -32.27 49.67 -16.23
N ASN C 134 -31.34 49.05 -15.51
CA ASN C 134 -30.03 49.68 -15.21
C ASN C 134 -29.05 49.75 -16.41
N LEU C 135 -29.15 48.79 -17.34
CA LEU C 135 -28.40 48.82 -18.61
C LEU C 135 -28.82 50.01 -19.45
N ILE C 136 -30.14 50.12 -19.62
CA ILE C 136 -30.73 51.15 -20.45
C ILE C 136 -30.56 52.57 -19.86
N GLU C 137 -30.16 52.67 -18.59
CA GLU C 137 -30.01 53.97 -17.93
C GLU C 137 -28.55 54.44 -17.75
N ARG C 138 -27.61 53.75 -18.40
CA ARG C 138 -26.17 54.09 -18.39
C ARG C 138 -25.40 53.73 -17.11
N LYS C 139 -26.09 53.23 -16.09
CA LYS C 139 -25.44 52.79 -14.85
C LYS C 139 -24.73 51.47 -15.12
N VAL C 140 -25.32 50.65 -15.98
CA VAL C 140 -24.71 49.42 -16.46
C VAL C 140 -24.33 49.59 -17.93
N ASP C 141 -23.14 49.12 -18.30
CA ASP C 141 -22.64 49.31 -19.67
C ASP C 141 -23.10 48.19 -20.60
N ILE C 142 -23.10 46.96 -20.09
CA ILE C 142 -23.53 45.80 -20.86
C ILE C 142 -24.31 44.85 -19.96
N ALA C 143 -25.30 44.14 -20.52
CA ALA C 143 -26.17 43.27 -19.73
C ALA C 143 -26.26 41.84 -20.29
N LEU C 144 -25.81 40.86 -19.50
CA LEU C 144 -25.85 39.44 -19.90
C LEU C 144 -27.18 38.84 -19.49
N ARG C 145 -28.02 38.53 -20.48
CA ARG C 145 -29.39 38.08 -20.23
C ARG C 145 -29.77 36.84 -21.01
N ALA C 146 -30.38 35.89 -20.32
CA ALA C 146 -30.99 34.72 -20.93
C ALA C 146 -32.38 35.11 -21.40
N GLY C 147 -32.48 35.62 -22.62
CA GLY C 147 -33.77 36.03 -23.16
C GLY C 147 -33.60 36.86 -24.41
N GLU C 148 -34.50 36.64 -25.37
CA GLU C 148 -34.41 37.30 -26.67
C GLU C 148 -35.34 38.51 -26.81
N LEU C 149 -35.94 38.92 -25.69
CA LEU C 149 -36.81 40.11 -25.64
C LEU C 149 -35.94 41.38 -25.59
N ASP C 150 -35.25 41.65 -26.69
CA ASP C 150 -34.25 42.71 -26.75
C ASP C 150 -34.61 43.69 -27.86
N ASP C 151 -35.74 44.35 -27.68
CA ASP C 151 -36.43 45.02 -28.79
C ASP C 151 -36.29 46.55 -28.73
N SER C 152 -35.31 47.03 -27.98
CA SER C 152 -35.19 48.46 -27.67
C SER C 152 -34.35 49.26 -28.66
N GLY C 153 -33.97 48.64 -29.78
CA GLY C 153 -32.98 49.23 -30.68
C GLY C 153 -31.60 49.20 -30.03
N LEU C 154 -31.30 48.09 -29.36
CA LEU C 154 -30.02 47.88 -28.71
C LEU C 154 -29.34 46.67 -29.31
N ARG C 155 -28.03 46.76 -29.51
CA ARG C 155 -27.28 45.69 -30.14
C ARG C 155 -27.09 44.54 -29.14
N ALA C 156 -27.18 43.32 -29.65
CA ALA C 156 -26.95 42.12 -28.85
C ALA C 156 -25.84 41.30 -29.52
N ARG C 157 -25.11 40.52 -28.71
CA ARG C 157 -24.11 39.59 -29.22
C ARG C 157 -24.39 38.20 -28.68
N HIS C 158 -24.62 37.25 -29.58
CA HIS C 158 -25.01 35.91 -29.17
C HIS C 158 -23.87 35.20 -28.45
N LEU C 159 -24.02 35.04 -27.14
CA LEU C 159 -23.04 34.31 -26.34
C LEU C 159 -23.17 32.79 -26.54
N PHE C 160 -24.26 32.22 -26.04
CA PHE C 160 -24.48 30.78 -26.10
C PHE C 160 -25.96 30.39 -25.91
N ASP C 161 -26.31 29.22 -26.44
CA ASP C 161 -27.64 28.64 -26.26
C ASP C 161 -27.60 27.57 -25.18
N SER C 162 -28.72 27.41 -24.49
CA SER C 162 -28.79 26.50 -23.36
C SER C 162 -30.21 26.03 -23.18
N ARG C 163 -30.36 24.78 -22.78
CA ARG C 163 -31.67 24.19 -22.52
C ARG C 163 -31.82 23.97 -21.03
N PHE C 164 -33.05 23.85 -20.55
CA PHE C 164 -33.32 23.62 -19.13
C PHE C 164 -33.07 22.17 -18.74
N ARG C 165 -32.79 21.95 -17.47
CA ARG C 165 -32.72 20.60 -16.91
C ARG C 165 -33.47 20.54 -15.58
N VAL C 166 -34.39 19.58 -15.47
CA VAL C 166 -35.11 19.31 -14.22
C VAL C 166 -34.35 18.23 -13.44
N ILE C 167 -34.02 18.55 -12.19
CA ILE C 167 -32.96 17.87 -11.45
C ILE C 167 -33.30 17.79 -9.96
N ALA C 168 -32.57 16.93 -9.23
CA ALA C 168 -32.74 16.84 -7.78
C ALA C 168 -31.53 16.14 -7.13
N SER C 169 -31.34 16.35 -5.83
CA SER C 169 -30.23 15.73 -5.11
C SER C 169 -30.42 14.22 -5.00
N PRO C 170 -29.31 13.46 -5.01
CA PRO C 170 -29.39 12.03 -4.70
C PRO C 170 -30.07 11.79 -3.35
N GLU C 171 -29.66 12.56 -2.34
CA GLU C 171 -30.21 12.47 -0.99
C GLU C 171 -31.73 12.59 -1.01
N TYR C 172 -32.22 13.53 -1.82
CA TYR C 172 -33.65 13.75 -1.97
C TYR C 172 -34.33 12.52 -2.55
N LEU C 173 -33.97 12.18 -3.80
CA LEU C 173 -34.63 11.09 -4.51
C LEU C 173 -34.69 9.84 -3.64
N ALA C 174 -33.53 9.38 -3.17
CA ALA C 174 -33.45 8.23 -2.27
C ALA C 174 -34.55 8.22 -1.18
N LYS C 175 -34.87 9.41 -0.67
CA LYS C 175 -35.81 9.55 0.46
C LYS C 175 -37.23 9.99 0.09
N HIS C 176 -37.46 10.32 -1.18
CA HIS C 176 -38.81 10.75 -1.60
C HIS C 176 -39.33 10.03 -2.84
N GLY C 177 -38.43 9.49 -3.66
CA GLY C 177 -38.81 8.71 -4.83
C GLY C 177 -38.60 9.48 -6.12
N THR C 178 -38.01 8.82 -7.12
CA THR C 178 -37.82 9.41 -8.44
C THR C 178 -39.15 9.37 -9.21
N PRO C 179 -39.72 10.55 -9.53
CA PRO C 179 -40.98 10.57 -10.29
C PRO C 179 -40.75 10.27 -11.77
N GLN C 180 -41.41 9.22 -12.26
CA GLN C 180 -41.22 8.76 -13.63
C GLN C 180 -42.03 9.58 -14.63
N SER C 181 -42.95 10.41 -14.13
CA SER C 181 -43.80 11.22 -15.01
C SER C 181 -43.84 12.68 -14.59
N THR C 182 -44.38 13.49 -15.49
CA THR C 182 -44.50 14.93 -15.30
C THR C 182 -45.66 15.31 -14.37
N GLU C 183 -46.60 14.39 -14.18
CA GLU C 183 -47.76 14.65 -13.33
C GLU C 183 -47.50 14.18 -11.89
N GLU C 184 -46.49 13.32 -11.74
CA GLU C 184 -46.05 12.83 -10.43
C GLU C 184 -45.31 13.91 -9.62
N LEU C 185 -44.97 15.02 -10.26
CA LEU C 185 -44.42 16.17 -9.58
C LEU C 185 -45.39 16.74 -8.53
N ALA C 186 -46.70 16.53 -8.73
CA ALA C 186 -47.72 16.94 -7.76
C ALA C 186 -47.38 16.51 -6.32
N GLY C 187 -46.87 15.29 -6.18
CA GLY C 187 -46.50 14.75 -4.88
C GLY C 187 -45.20 15.29 -4.34
N HIS C 188 -44.25 15.61 -5.22
CA HIS C 188 -42.91 16.04 -4.81
C HIS C 188 -42.76 17.54 -4.53
N GLN C 189 -41.75 17.88 -3.73
CA GLN C 189 -41.46 19.26 -3.37
C GLN C 189 -40.70 19.99 -4.47
N CYS C 190 -41.38 20.89 -5.18
CA CYS C 190 -40.78 21.65 -6.28
C CYS C 190 -40.40 23.07 -5.86
N LEU C 191 -39.12 23.42 -6.04
CA LEU C 191 -38.60 24.72 -5.63
C LEU C 191 -38.52 25.66 -6.84
N GLY C 192 -39.11 26.85 -6.72
CA GLY C 192 -39.21 27.76 -7.84
C GLY C 192 -38.91 29.20 -7.49
N PHE C 193 -39.24 30.10 -8.43
CA PHE C 193 -38.98 31.52 -8.29
C PHE C 193 -40.11 32.25 -7.57
N THR C 194 -39.75 33.37 -6.94
CA THR C 194 -40.65 34.12 -6.06
C THR C 194 -41.69 34.92 -6.84
N GLU C 195 -41.25 35.61 -7.90
CA GLU C 195 -42.16 36.34 -8.78
C GLU C 195 -43.31 35.44 -9.24
N PRO C 196 -44.54 35.98 -9.31
CA PRO C 196 -45.65 35.15 -9.77
C PRO C 196 -45.39 34.44 -11.11
N GLY C 197 -45.65 33.12 -11.12
CA GLY C 197 -45.58 32.24 -12.30
C GLY C 197 -44.99 32.77 -13.60
N SER C 198 -43.71 33.14 -13.57
CA SER C 198 -43.00 33.58 -14.77
C SER C 198 -42.07 32.48 -15.25
N LEU C 199 -41.24 31.98 -14.33
CA LEU C 199 -40.30 30.90 -14.62
C LEU C 199 -40.80 29.54 -14.14
N ASN C 200 -41.85 29.55 -13.32
CA ASN C 200 -42.35 28.32 -12.72
C ASN C 200 -43.00 27.36 -13.71
N THR C 201 -43.19 27.81 -14.96
CA THR C 201 -43.55 26.94 -16.06
C THR C 201 -42.30 26.25 -16.61
N TRP C 202 -42.09 25.01 -16.20
CA TRP C 202 -40.87 24.28 -16.54
C TRP C 202 -40.93 23.63 -17.91
N ALA C 203 -39.76 23.43 -18.51
CA ALA C 203 -39.65 22.76 -19.82
C ALA C 203 -39.65 21.24 -19.66
N VAL C 204 -40.62 20.74 -18.91
CA VAL C 204 -40.92 19.32 -18.83
C VAL C 204 -42.37 19.17 -19.19
N LEU C 205 -42.66 18.55 -20.33
CA LEU C 205 -44.00 18.57 -20.87
C LEU C 205 -44.92 17.56 -20.17
N ASP C 206 -46.17 17.97 -19.96
CA ASP C 206 -47.20 17.11 -19.38
C ASP C 206 -47.72 16.09 -20.41
N ALA C 207 -48.65 15.24 -19.96
CA ALA C 207 -49.27 14.22 -20.82
C ALA C 207 -49.80 14.83 -22.12
N GLN C 208 -50.32 16.05 -22.03
CA GLN C 208 -50.91 16.75 -23.17
C GLN C 208 -49.90 17.60 -23.96
N GLY C 209 -48.60 17.44 -23.65
CA GLY C 209 -47.55 18.15 -24.37
C GLY C 209 -47.43 19.64 -24.07
N ASN C 210 -48.09 20.09 -23.00
CA ASN C 210 -47.90 21.46 -22.54
C ASN C 210 -46.81 21.49 -21.48
N PRO C 211 -46.11 22.62 -21.34
CA PRO C 211 -45.14 22.72 -20.26
C PRO C 211 -45.84 22.69 -18.90
N TYR C 212 -45.16 22.14 -17.89
CA TYR C 212 -45.74 21.93 -16.58
C TYR C 212 -45.46 23.11 -15.64
N LYS C 213 -46.52 23.66 -15.06
CA LYS C 213 -46.42 24.79 -14.13
C LYS C 213 -46.44 24.25 -12.70
N ILE C 214 -45.33 24.41 -11.99
CA ILE C 214 -45.21 23.81 -10.66
C ILE C 214 -46.03 24.54 -9.60
N SER C 215 -46.22 23.86 -8.47
CA SER C 215 -46.75 24.47 -7.25
C SER C 215 -45.59 24.62 -6.27
N PRO C 216 -44.92 25.79 -6.30
CA PRO C 216 -43.65 25.94 -5.60
C PRO C 216 -43.75 25.77 -4.08
N HIS C 217 -42.97 24.84 -3.54
CA HIS C 217 -42.96 24.56 -2.11
C HIS C 217 -42.09 25.59 -1.41
N PHE C 218 -40.86 25.73 -1.90
CA PHE C 218 -39.99 26.84 -1.52
C PHE C 218 -39.92 27.80 -2.71
N THR C 219 -39.60 29.06 -2.44
CA THR C 219 -39.45 30.03 -3.50
C THR C 219 -38.27 30.95 -3.25
N ALA C 220 -37.22 30.75 -4.03
CA ALA C 220 -36.03 31.60 -3.97
C ALA C 220 -36.11 32.67 -5.06
N SER C 221 -35.45 33.81 -4.84
CA SER C 221 -35.48 34.88 -5.84
C SER C 221 -34.37 34.73 -6.89
N SER C 222 -33.49 33.77 -6.71
CA SER C 222 -32.42 33.54 -7.66
C SER C 222 -32.15 32.06 -7.84
N GLY C 223 -31.75 31.69 -9.06
CA GLY C 223 -31.41 30.31 -9.36
C GLY C 223 -30.25 29.79 -8.53
N GLU C 224 -29.40 30.70 -8.06
CA GLU C 224 -28.27 30.33 -7.20
C GLU C 224 -28.76 29.79 -5.87
N ILE C 225 -29.80 30.42 -5.33
CA ILE C 225 -30.46 29.90 -4.14
C ILE C 225 -31.07 28.55 -4.48
N LEU C 226 -31.82 28.49 -5.58
CA LEU C 226 -32.52 27.27 -6.01
C LEU C 226 -31.54 26.13 -6.22
N ARG C 227 -30.40 26.44 -6.83
CA ARG C 227 -29.33 25.46 -7.04
C ARG C 227 -28.82 24.93 -5.71
N SER C 228 -28.51 25.86 -4.82
CA SER C 228 -27.95 25.51 -3.51
C SER C 228 -28.96 24.69 -2.71
N LEU C 229 -30.21 25.14 -2.73
CA LEU C 229 -31.29 24.43 -2.05
C LEU C 229 -31.47 23.03 -2.66
N CYS C 230 -31.29 22.91 -3.97
CA CYS C 230 -31.45 21.63 -4.67
C CYS C 230 -30.36 20.63 -4.28
N LEU C 231 -29.16 21.12 -4.05
CA LEU C 231 -28.07 20.30 -3.54
C LEU C 231 -28.35 19.85 -2.11
N SER C 232 -28.85 20.79 -1.29
CA SER C 232 -29.21 20.50 0.09
C SER C 232 -30.26 19.39 0.20
N GLY C 233 -30.86 19.03 -0.93
CA GLY C 233 -31.91 18.01 -0.96
C GLY C 233 -33.24 18.55 -0.48
N CYS C 234 -33.51 19.82 -0.77
CA CYS C 234 -34.77 20.46 -0.35
C CYS C 234 -35.91 20.16 -1.31
N GLY C 235 -35.59 19.77 -2.53
CA GLY C 235 -36.61 19.47 -3.52
C GLY C 235 -36.07 19.28 -4.91
N ILE C 236 -36.85 19.74 -5.89
CA ILE C 236 -36.56 19.53 -7.30
C ILE C 236 -36.78 20.86 -8.01
N VAL C 237 -35.79 21.28 -8.79
CA VAL C 237 -35.82 22.56 -9.48
C VAL C 237 -35.55 22.38 -10.96
N CYS C 238 -35.85 23.42 -11.72
CA CYS C 238 -35.54 23.44 -13.15
C CYS C 238 -34.69 24.66 -13.52
N LEU C 239 -33.41 24.41 -13.78
CA LEU C 239 -32.43 25.47 -14.02
C LEU C 239 -31.84 25.39 -15.42
N SER C 240 -31.23 26.49 -15.87
CA SER C 240 -30.52 26.51 -17.15
C SER C 240 -29.29 25.61 -17.07
N ASP C 241 -29.17 24.69 -18.03
CA ASP C 241 -28.21 23.58 -17.98
C ASP C 241 -26.85 23.94 -17.37
N PHE C 242 -26.16 24.93 -17.93
CA PHE C 242 -24.80 25.26 -17.50
C PHE C 242 -24.70 25.42 -15.98
N LEU C 243 -25.72 26.07 -15.42
CA LEU C 243 -25.80 26.34 -13.99
C LEU C 243 -25.69 25.04 -13.16
N VAL C 244 -26.19 23.95 -13.72
CA VAL C 244 -26.22 22.64 -13.03
C VAL C 244 -25.59 21.49 -13.82
N ASP C 245 -24.94 21.80 -14.94
CA ASP C 245 -24.38 20.75 -15.82
C ASP C 245 -23.27 19.97 -15.13
N ASN C 246 -22.20 20.68 -14.76
CA ASN C 246 -21.03 20.09 -14.12
C ASN C 246 -21.40 19.35 -12.82
N ASP C 247 -22.44 19.83 -12.15
CA ASP C 247 -22.88 19.25 -10.90
C ASP C 247 -23.56 17.89 -11.04
N ILE C 248 -23.99 17.56 -12.26
CA ILE C 248 -24.45 16.20 -12.56
C ILE C 248 -23.25 15.26 -12.77
N ALA C 249 -22.23 15.75 -13.49
CA ALA C 249 -21.00 14.99 -13.66
C ALA C 249 -20.36 14.70 -12.30
N GLU C 250 -20.40 15.68 -11.40
CA GLU C 250 -19.87 15.53 -10.04
C GLU C 250 -20.66 14.54 -9.18
N GLY C 251 -21.86 14.17 -9.62
CA GLY C 251 -22.67 13.17 -8.92
C GLY C 251 -23.60 13.75 -7.87
N LYS C 252 -23.51 15.06 -7.66
CA LYS C 252 -24.34 15.75 -6.66
C LYS C 252 -25.76 16.00 -7.15
N LEU C 253 -25.98 15.91 -8.47
CA LEU C 253 -27.31 16.03 -9.07
C LEU C 253 -27.65 14.92 -10.06
N ILE C 254 -28.95 14.71 -10.25
CA ILE C 254 -29.48 13.67 -11.11
C ILE C 254 -30.67 14.25 -11.89
N PRO C 255 -30.58 14.29 -13.23
CA PRO C 255 -31.66 14.84 -14.04
C PRO C 255 -32.90 13.95 -14.07
N LEU C 256 -34.06 14.57 -14.18
CA LEU C 256 -35.33 13.87 -14.06
C LEU C 256 -36.16 14.05 -15.33
N LEU C 257 -37.12 13.14 -15.50
CA LEU C 257 -38.04 13.16 -16.64
C LEU C 257 -37.27 13.34 -17.95
N ALA C 258 -36.20 12.56 -18.09
CA ALA C 258 -35.24 12.71 -19.19
C ALA C 258 -35.91 12.94 -20.54
N GLU C 259 -36.88 12.10 -20.85
CA GLU C 259 -37.51 12.14 -22.18
C GLU C 259 -38.75 13.06 -22.24
N GLN C 260 -39.25 13.51 -21.09
CA GLN C 260 -40.35 14.47 -21.06
C GLN C 260 -39.82 15.91 -21.07
N THR C 261 -38.55 16.08 -20.68
CA THR C 261 -37.95 17.40 -20.65
C THR C 261 -37.87 17.95 -22.06
N SER C 262 -38.45 19.12 -22.28
CA SER C 262 -38.31 19.82 -23.55
C SER C 262 -36.86 20.15 -23.76
N ASP C 263 -36.42 20.05 -25.01
CA ASP C 263 -35.09 20.52 -25.36
C ASP C 263 -35.21 21.62 -26.39
N LYS C 264 -36.15 22.54 -26.15
CA LYS C 264 -36.11 23.85 -26.77
C LYS C 264 -35.04 24.66 -26.04
N THR C 265 -34.13 25.23 -26.82
CA THR C 265 -33.05 26.04 -26.26
C THR C 265 -33.53 27.47 -26.02
N HIS C 266 -32.78 28.18 -25.19
CA HIS C 266 -33.00 29.61 -24.94
C HIS C 266 -31.65 30.32 -24.95
N PRO C 267 -31.51 31.39 -25.74
CA PRO C 267 -30.21 31.97 -26.01
C PRO C 267 -29.73 32.89 -24.91
N PHE C 268 -28.41 33.04 -24.80
CA PHE C 268 -27.81 34.02 -23.89
C PHE C 268 -27.09 35.11 -24.69
N ASN C 269 -27.43 36.37 -24.40
CA ASN C 269 -26.95 37.50 -25.19
C ASN C 269 -26.43 38.65 -24.34
N ALA C 270 -25.22 39.11 -24.61
CA ALA C 270 -24.75 40.37 -24.06
C ALA C 270 -25.46 41.47 -24.81
N VAL C 271 -26.17 42.32 -24.06
CA VAL C 271 -26.94 43.41 -24.65
C VAL C 271 -26.30 44.75 -24.30
N TYR C 272 -26.31 45.68 -25.25
CA TYR C 272 -25.69 46.99 -25.08
C TYR C 272 -26.12 47.95 -26.19
N TYR C 273 -25.78 49.23 -26.06
CA TYR C 273 -26.14 50.25 -27.08
C TYR C 273 -25.02 50.49 -28.10
N SER C 274 -25.40 50.84 -29.33
CA SER C 274 -24.47 50.92 -30.48
C SER C 274 -23.61 52.19 -30.56
N ASP C 275 -24.02 53.25 -29.86
CA ASP C 275 -23.16 54.44 -29.70
C ASP C 275 -21.95 54.13 -28.83
N LYS C 276 -22.12 53.16 -27.92
CA LYS C 276 -21.06 52.65 -27.05
C LYS C 276 -20.23 51.54 -27.72
N ALA C 277 -20.71 51.01 -28.84
CA ALA C 277 -19.97 50.03 -29.63
C ALA C 277 -18.65 50.62 -30.17
N VAL C 278 -18.62 51.94 -30.28
CA VAL C 278 -17.39 52.66 -30.63
C VAL C 278 -16.34 52.63 -29.49
N ASN C 279 -16.74 52.21 -28.29
CA ASN C 279 -15.81 52.05 -27.15
C ASN C 279 -15.05 50.74 -27.22
N LEU C 280 -13.73 50.85 -27.19
CA LEU C 280 -12.84 49.71 -27.35
C LEU C 280 -12.96 48.70 -26.21
N ARG C 281 -12.97 49.21 -24.98
CA ARG C 281 -13.03 48.36 -23.79
C ARG C 281 -14.21 47.38 -23.81
N LEU C 282 -15.36 47.83 -24.31
CA LEU C 282 -16.51 46.93 -24.44
C LEU C 282 -16.20 45.89 -25.50
N ARG C 283 -15.70 46.33 -26.65
CA ARG C 283 -15.40 45.43 -27.75
C ARG C 283 -14.47 44.31 -27.31
N VAL C 284 -13.44 44.64 -26.54
CA VAL C 284 -12.46 43.62 -26.12
C VAL C 284 -13.08 42.60 -25.16
N PHE C 285 -13.96 43.08 -24.28
CA PHE C 285 -14.64 42.23 -23.30
C PHE C 285 -15.71 41.35 -23.94
N LEU C 286 -16.55 41.94 -24.78
CA LEU C 286 -17.53 41.16 -25.55
C LEU C 286 -16.80 40.06 -26.28
N ASP C 287 -15.89 40.45 -27.16
CA ASP C 287 -15.05 39.49 -27.88
C ASP C 287 -14.46 38.43 -26.96
N PHE C 288 -14.04 38.83 -25.76
CA PHE C 288 -13.49 37.89 -24.80
C PHE C 288 -14.49 36.79 -24.48
N LEU C 289 -15.74 37.18 -24.22
CA LEU C 289 -16.78 36.22 -23.86
C LEU C 289 -16.97 35.18 -24.95
N VAL C 290 -17.34 35.63 -26.14
CA VAL C 290 -17.60 34.71 -27.26
C VAL C 290 -16.45 33.70 -27.46
N GLU C 291 -15.21 34.15 -27.27
CA GLU C 291 -14.03 33.28 -27.40
C GLU C 291 -13.96 32.20 -26.32
N GLU C 292 -14.41 32.53 -25.12
CA GLU C 292 -14.36 31.60 -23.98
C GLU C 292 -15.63 30.76 -23.91
N LEU C 293 -16.79 31.42 -24.06
CA LEU C 293 -18.09 30.75 -24.01
C LEU C 293 -18.48 30.06 -25.32
N GLY C 294 -17.59 30.06 -26.31
CA GLY C 294 -17.80 29.31 -27.55
C GLY C 294 -16.53 28.65 -28.07
N ASN C 295 -15.66 28.24 -27.15
CA ASN C 295 -14.32 27.74 -27.49
C ASN C 295 -14.33 26.59 -28.51
N LYS D 2 -28.52 25.51 42.26
CA LYS D 2 -29.02 26.53 43.24
C LYS D 2 -29.33 27.89 42.58
N THR D 3 -29.18 27.97 41.26
CA THR D 3 -29.64 29.13 40.49
C THR D 3 -31.03 28.83 39.94
N ASN D 4 -31.72 29.88 39.51
CA ASN D 4 -33.07 29.74 38.98
C ASN D 4 -33.35 30.69 37.80
N SER D 5 -34.57 30.60 37.25
CA SER D 5 -34.97 31.37 36.09
C SER D 5 -35.07 32.85 36.38
N GLU D 6 -35.76 33.18 37.48
CA GLU D 6 -36.01 34.57 37.85
C GLU D 6 -34.72 35.37 38.03
N GLU D 7 -33.81 34.85 38.85
CA GLU D 7 -32.54 35.53 39.11
C GLU D 7 -31.62 35.52 37.90
N LEU D 8 -31.91 34.66 36.92
CA LEU D 8 -31.20 34.66 35.64
C LEU D 8 -31.87 35.61 34.64
N THR D 9 -33.21 35.64 34.66
CA THR D 9 -33.98 36.47 33.75
C THR D 9 -33.92 37.96 34.13
N VAL D 10 -33.88 38.24 35.43
CA VAL D 10 -33.67 39.59 35.95
C VAL D 10 -32.21 40.02 35.80
N PHE D 11 -31.29 39.06 35.84
CA PHE D 11 -29.88 39.30 35.53
C PHE D 11 -29.73 39.58 34.04
N VAL D 12 -30.45 38.81 33.22
CA VAL D 12 -30.45 39.02 31.77
C VAL D 12 -31.17 40.31 31.34
N GLN D 13 -31.98 40.89 32.23
CA GLN D 13 -32.53 42.24 32.01
C GLN D 13 -31.39 43.25 31.98
N VAL D 14 -30.59 43.24 33.04
CA VAL D 14 -29.51 44.23 33.21
C VAL D 14 -28.31 43.96 32.26
N VAL D 15 -28.34 42.86 31.51
CA VAL D 15 -27.33 42.58 30.47
C VAL D 15 -27.36 43.63 29.37
N GLU D 16 -28.51 43.76 28.70
CA GLU D 16 -28.63 44.58 27.48
C GLU D 16 -29.87 45.47 27.43
N SER D 17 -30.27 46.05 28.58
CA SER D 17 -31.36 47.04 28.61
C SER D 17 -30.90 48.42 29.06
N GLY D 18 -29.63 48.56 29.42
CA GLY D 18 -29.05 49.84 29.81
C GLY D 18 -28.40 49.86 31.18
N SER D 19 -29.22 50.10 32.21
CA SER D 19 -28.74 50.40 33.56
C SER D 19 -29.37 49.53 34.64
N PHE D 20 -28.98 49.77 35.89
CA PHE D 20 -29.52 49.06 37.04
C PHE D 20 -30.94 49.55 37.37
N SER D 21 -31.14 50.85 37.28
CA SER D 21 -32.46 51.46 37.51
C SER D 21 -33.42 51.12 36.37
N ARG D 22 -32.93 51.29 35.13
CA ARG D 22 -33.72 51.00 33.93
C ARG D 22 -34.27 49.57 33.89
N ALA D 23 -33.46 48.62 34.35
CA ALA D 23 -33.83 47.20 34.34
C ALA D 23 -35.14 46.93 35.09
N ALA D 24 -35.28 47.54 36.27
CA ALA D 24 -36.46 47.35 37.11
C ALA D 24 -37.72 48.02 36.55
N GLU D 25 -37.53 49.06 35.74
CA GLU D 25 -38.64 49.81 35.15
C GLU D 25 -39.31 49.05 34.02
N GLN D 26 -38.50 48.46 33.14
CA GLN D 26 -39.00 47.59 32.07
C GLN D 26 -39.49 46.24 32.62
N LEU D 27 -38.97 45.85 33.79
CA LEU D 27 -39.32 44.58 34.42
C LEU D 27 -40.63 44.65 35.23
N ALA D 28 -41.02 45.86 35.63
CA ALA D 28 -42.21 46.08 36.46
C ALA D 28 -42.00 45.56 37.88
N MET D 29 -40.94 46.04 38.52
CA MET D 29 -40.62 45.72 39.92
C MET D 29 -39.91 46.89 40.60
N ALA D 30 -39.83 46.83 41.93
CA ALA D 30 -39.07 47.82 42.72
C ALA D 30 -37.58 47.55 42.57
N ASN D 31 -36.77 48.61 42.69
CA ASN D 31 -35.30 48.50 42.55
C ASN D 31 -34.66 47.81 43.75
N SER D 32 -35.36 47.83 44.90
CA SER D 32 -34.95 47.10 46.10
C SER D 32 -35.07 45.58 45.91
N ALA D 33 -36.16 45.15 45.27
CA ALA D 33 -36.36 43.74 44.94
C ALA D 33 -35.37 43.27 43.87
N VAL D 34 -34.93 44.20 43.02
CA VAL D 34 -33.93 43.92 41.99
C VAL D 34 -32.53 43.81 42.61
N SER D 35 -32.24 44.66 43.60
CA SER D 35 -30.95 44.62 44.31
C SER D 35 -30.79 43.35 45.13
N ARG D 36 -31.91 42.84 45.66
CA ARG D 36 -31.91 41.58 46.40
C ARG D 36 -31.49 40.41 45.49
N ILE D 37 -32.06 40.37 44.29
CA ILE D 37 -31.85 39.28 43.33
C ILE D 37 -30.46 39.31 42.68
N VAL D 38 -30.02 40.50 42.27
CA VAL D 38 -28.69 40.67 41.66
C VAL D 38 -27.56 40.47 42.67
N LYS D 39 -27.82 40.77 43.94
CA LYS D 39 -26.86 40.51 45.01
C LYS D 39 -26.95 39.06 45.50
N ARG D 40 -28.12 38.44 45.36
CA ARG D 40 -28.28 37.00 45.62
C ARG D 40 -27.46 36.19 44.63
N LEU D 41 -27.64 36.48 43.34
CA LEU D 41 -27.00 35.70 42.27
C LEU D 41 -25.48 35.91 42.21
N GLU D 42 -25.03 37.16 42.22
CA GLU D 42 -23.59 37.46 42.17
C GLU D 42 -22.80 36.83 43.31
N GLU D 43 -23.48 36.60 44.43
CA GLU D 43 -22.85 36.02 45.62
C GLU D 43 -23.08 34.51 45.78
N LYS D 44 -23.84 33.91 44.86
CA LYS D 44 -23.85 32.43 44.71
C LYS D 44 -22.96 31.99 43.52
N LEU D 45 -22.65 32.94 42.62
CA LEU D 45 -21.59 32.76 41.63
C LEU D 45 -20.23 33.16 42.22
N GLY D 46 -20.25 34.19 43.07
CA GLY D 46 -19.05 34.66 43.75
C GLY D 46 -18.12 35.45 42.86
N VAL D 47 -18.69 36.40 42.11
CA VAL D 47 -17.94 37.15 41.11
C VAL D 47 -18.68 38.41 40.62
N ASN D 48 -17.98 39.24 39.85
CA ASN D 48 -18.60 40.31 39.05
C ASN D 48 -18.02 40.35 37.63
N LEU D 49 -18.82 40.87 36.70
CA LEU D 49 -18.63 40.66 35.27
C LEU D 49 -18.26 41.93 34.51
N LEU D 50 -19.17 42.91 34.53
CA LEU D 50 -19.06 44.09 33.69
C LEU D 50 -17.95 45.02 34.20
N ASN D 51 -17.16 45.57 33.27
CA ASN D 51 -16.01 46.43 33.58
C ASN D 51 -16.35 47.92 33.53
N ARG D 52 -15.71 48.74 34.38
CA ARG D 52 -15.91 50.21 34.33
C ARG D 52 -14.60 51.00 34.46
N THR D 53 -13.67 50.73 33.54
CA THR D 53 -12.52 51.62 33.28
C THR D 53 -12.63 52.16 31.85
N THR D 54 -13.00 51.26 30.92
CA THR D 54 -13.32 51.63 29.54
C THR D 54 -14.41 52.71 29.50
N ARG D 55 -14.38 53.56 28.47
CA ARG D 55 -15.40 54.60 28.33
C ARG D 55 -16.79 53.98 28.22
N GLN D 56 -17.04 53.23 27.15
CA GLN D 56 -18.25 52.42 27.07
C GLN D 56 -18.00 51.09 27.79
N LEU D 57 -19.05 50.56 28.41
CA LEU D 57 -18.94 49.34 29.20
C LEU D 57 -18.58 48.10 28.37
N SER D 58 -17.37 47.60 28.56
CA SER D 58 -16.92 46.33 27.99
C SER D 58 -16.92 45.27 29.09
N LEU D 59 -16.78 44.01 28.68
CA LEU D 59 -16.98 42.88 29.59
C LEU D 59 -15.65 42.26 30.02
N THR D 60 -15.62 41.69 31.23
CA THR D 60 -14.47 40.88 31.68
C THR D 60 -14.52 39.51 31.03
N GLU D 61 -13.36 38.95 30.70
CA GLU D 61 -13.28 37.63 30.04
C GLU D 61 -14.09 36.53 30.74
N GLU D 62 -14.22 36.63 32.06
CA GLU D 62 -15.02 35.70 32.86
C GLU D 62 -16.49 36.10 32.81
N GLY D 63 -16.74 37.40 33.00
CA GLY D 63 -18.10 37.94 32.96
C GLY D 63 -18.75 37.82 31.60
N ALA D 64 -17.95 37.98 30.55
CA ALA D 64 -18.38 37.77 29.17
C ALA D 64 -18.89 36.35 28.95
N GLN D 65 -18.40 35.40 29.76
CA GLN D 65 -18.94 34.04 29.73
C GLN D 65 -20.36 33.99 30.28
N TYR D 66 -20.55 34.45 31.52
CA TYR D 66 -21.85 34.27 32.17
C TYR D 66 -22.98 34.99 31.46
N PHE D 67 -22.70 36.11 30.82
CA PHE D 67 -23.70 36.81 30.00
C PHE D 67 -23.96 36.09 28.68
N ARG D 68 -22.90 35.57 28.06
CA ARG D 68 -23.07 34.80 26.83
C ARG D 68 -23.71 33.44 27.05
N ARG D 69 -23.53 32.85 28.24
CA ARG D 69 -24.17 31.57 28.57
C ARG D 69 -25.57 31.75 29.13
N ALA D 70 -25.83 32.87 29.80
CA ALA D 70 -27.15 33.17 30.35
C ALA D 70 -28.12 33.57 29.24
N GLN D 71 -27.58 34.13 28.16
CA GLN D 71 -28.39 34.55 27.03
C GLN D 71 -28.97 33.34 26.34
N ARG D 72 -28.13 32.36 26.03
CA ARG D 72 -28.58 31.16 25.32
C ARG D 72 -29.48 30.27 26.19
N ILE D 73 -29.17 30.18 27.48
CA ILE D 73 -30.05 29.50 28.44
C ILE D 73 -31.44 30.08 28.33
N LEU D 74 -31.52 31.40 28.47
CA LEU D 74 -32.80 32.11 28.34
C LEU D 74 -33.46 31.90 26.97
N GLN D 75 -32.66 31.89 25.91
CA GLN D 75 -33.18 31.66 24.57
C GLN D 75 -33.81 30.28 24.46
N GLU D 76 -32.99 29.23 24.50
CA GLU D 76 -33.46 27.85 24.26
C GLU D 76 -34.53 27.38 25.26
N MET D 77 -34.65 28.10 26.36
CA MET D 77 -35.74 27.94 27.30
C MET D 77 -37.04 28.43 26.65
N ALA D 78 -37.09 29.71 26.30
CA ALA D 78 -38.25 30.29 25.62
C ALA D 78 -38.45 29.72 24.20
N ALA D 79 -37.40 29.18 23.60
CA ALA D 79 -37.51 28.53 22.29
C ALA D 79 -38.18 27.16 22.41
N ALA D 80 -38.03 26.52 23.57
CA ALA D 80 -38.68 25.25 23.86
C ALA D 80 -40.13 25.47 24.25
N GLU D 81 -40.37 26.57 24.96
CA GLU D 81 -41.71 27.08 25.24
C GLU D 81 -42.49 27.24 23.93
N THR D 82 -41.84 27.86 22.94
CA THR D 82 -42.38 27.92 21.58
C THR D 82 -42.63 26.53 21.02
N GLU D 83 -41.61 25.69 21.06
CA GLU D 83 -41.63 24.36 20.44
C GLU D 83 -42.83 23.50 20.84
N MET D 84 -43.24 23.58 22.12
CA MET D 84 -44.43 22.87 22.59
C MET D 84 -45.71 23.57 22.13
N LEU D 85 -45.71 24.90 22.21
CA LEU D 85 -46.79 25.73 21.68
C LEU D 85 -47.04 25.48 20.18
N ALA D 86 -46.11 24.81 19.51
CA ALA D 86 -46.23 24.47 18.09
C ALA D 86 -46.60 23.02 17.83
N VAL D 87 -47.23 22.36 18.80
CA VAL D 87 -47.76 21.02 18.58
C VAL D 87 -49.18 21.14 18.06
N HIS D 88 -50.02 21.85 18.82
CA HIS D 88 -51.46 21.98 18.51
C HIS D 88 -51.75 23.04 17.47
N GLU D 89 -50.74 23.82 17.12
CA GLU D 89 -50.79 24.66 15.93
C GLU D 89 -49.62 24.25 15.04
N ILE D 90 -49.81 23.21 14.24
CA ILE D 90 -48.77 22.71 13.35
C ILE D 90 -48.43 23.81 12.34
N PRO D 91 -47.23 24.43 12.49
CA PRO D 91 -46.93 25.66 11.78
C PRO D 91 -47.06 25.51 10.27
N GLN D 92 -47.90 26.34 9.67
CA GLN D 92 -48.26 26.20 8.28
C GLN D 92 -48.13 27.55 7.57
N GLY D 93 -47.72 27.50 6.30
CA GLY D 93 -47.83 28.65 5.41
C GLY D 93 -46.56 29.32 4.97
N VAL D 94 -46.72 30.49 4.36
CA VAL D 94 -45.63 31.19 3.68
C VAL D 94 -44.88 32.14 4.64
N LEU D 95 -43.63 31.77 4.94
CA LEU D 95 -42.69 32.64 5.64
C LEU D 95 -41.73 33.17 4.61
N SER D 96 -41.53 34.50 4.59
CA SER D 96 -40.64 35.12 3.62
C SER D 96 -39.46 35.77 4.32
N VAL D 97 -38.25 35.29 4.03
CA VAL D 97 -37.03 35.78 4.66
C VAL D 97 -36.14 36.53 3.67
N ASP D 98 -35.94 37.81 3.91
CA ASP D 98 -35.14 38.68 3.04
C ASP D 98 -33.71 38.82 3.58
N SER D 99 -32.72 38.48 2.76
CA SER D 99 -31.33 38.63 3.16
C SER D 99 -30.39 38.89 1.98
N ALA D 100 -29.14 39.20 2.31
CA ALA D 100 -28.07 39.29 1.33
C ALA D 100 -27.71 37.90 0.80
N MET D 101 -27.12 37.86 -0.38
CA MET D 101 -26.79 36.62 -1.06
C MET D 101 -25.90 35.70 -0.22
N PRO D 102 -24.86 36.24 0.42
CA PRO D 102 -23.92 35.35 1.12
C PRO D 102 -24.51 34.72 2.37
N MET D 103 -25.46 35.41 3.00
CA MET D 103 -26.17 34.84 4.13
C MET D 103 -26.97 33.63 3.69
N VAL D 104 -27.83 33.85 2.70
CA VAL D 104 -28.69 32.80 2.17
C VAL D 104 -27.85 31.62 1.71
N LEU D 105 -26.80 31.91 0.95
CA LEU D 105 -25.94 30.85 0.40
C LEU D 105 -25.18 30.09 1.48
N HIS D 106 -24.66 30.80 2.48
CA HIS D 106 -23.71 30.20 3.44
C HIS D 106 -24.28 29.87 4.82
N LEU D 107 -25.46 30.40 5.12
CA LEU D 107 -26.08 30.12 6.41
C LEU D 107 -27.48 29.51 6.25
N LEU D 108 -28.34 30.12 5.44
CA LEU D 108 -29.70 29.61 5.26
C LEU D 108 -29.73 28.33 4.42
N ALA D 109 -29.15 28.39 3.22
CA ALA D 109 -29.28 27.30 2.24
C ALA D 109 -28.93 25.92 2.80
N PRO D 110 -27.83 25.82 3.56
CA PRO D 110 -27.47 24.54 4.17
C PRO D 110 -28.50 24.08 5.19
N LEU D 111 -28.84 24.97 6.13
CA LEU D 111 -29.86 24.70 7.14
C LEU D 111 -31.21 24.33 6.50
N ALA D 112 -31.57 25.04 5.43
CA ALA D 112 -32.84 24.83 4.72
C ALA D 112 -33.29 23.37 4.69
N ALA D 113 -32.36 22.47 4.35
CA ALA D 113 -32.62 21.04 4.31
C ALA D 113 -33.19 20.54 5.64
N LYS D 114 -32.48 20.82 6.73
CA LYS D 114 -32.93 20.44 8.07
C LYS D 114 -34.28 21.07 8.39
N PHE D 115 -34.33 22.40 8.38
CA PHE D 115 -35.52 23.13 8.77
C PHE D 115 -36.77 22.57 8.13
N ASN D 116 -36.65 22.19 6.86
CA ASN D 116 -37.79 21.65 6.12
C ASN D 116 -38.28 20.34 6.68
N GLU D 117 -37.35 19.45 7.05
CA GLU D 117 -37.73 18.18 7.65
C GLU D 117 -38.42 18.38 9.02
N ARG D 118 -38.01 19.40 9.76
CA ARG D 118 -38.61 19.70 11.06
C ARG D 118 -39.99 20.33 10.91
N TYR D 119 -40.12 21.26 9.96
CA TYR D 119 -41.37 21.98 9.73
C TYR D 119 -41.72 21.97 8.24
N PRO D 120 -42.22 20.83 7.74
CA PRO D 120 -42.48 20.70 6.30
C PRO D 120 -43.52 21.68 5.76
N HIS D 121 -44.53 21.98 6.58
CA HIS D 121 -45.64 22.82 6.11
C HIS D 121 -45.31 24.31 5.98
N ILE D 122 -44.19 24.73 6.56
CA ILE D 122 -43.70 26.09 6.38
C ILE D 122 -43.02 26.22 5.02
N ARG D 123 -43.58 27.08 4.17
CA ARG D 123 -43.04 27.32 2.83
C ARG D 123 -42.16 28.57 2.81
N LEU D 124 -40.86 28.40 3.02
CA LEU D 124 -39.95 29.54 3.04
C LEU D 124 -39.85 30.21 1.67
N SER D 125 -39.86 31.54 1.66
CA SER D 125 -39.57 32.31 0.45
C SER D 125 -38.33 33.18 0.66
N LEU D 126 -37.18 32.71 0.17
CA LEU D 126 -35.94 33.45 0.30
C LEU D 126 -35.88 34.54 -0.76
N VAL D 127 -35.95 35.80 -0.33
CA VAL D 127 -35.86 36.92 -1.26
C VAL D 127 -34.53 37.66 -1.04
N SER D 128 -34.29 38.67 -1.88
CA SER D 128 -33.04 39.42 -1.80
C SER D 128 -33.21 40.81 -2.38
N SER D 129 -33.44 41.77 -1.50
CA SER D 129 -33.34 43.19 -1.82
C SER D 129 -32.38 43.80 -0.81
N GLU D 130 -31.99 45.04 -1.03
CA GLU D 130 -30.99 45.70 -0.17
C GLU D 130 -31.60 46.41 1.05
N GLY D 131 -32.73 47.10 0.85
CA GLY D 131 -33.31 47.96 1.88
C GLY D 131 -34.32 47.31 2.80
N TYR D 132 -34.63 47.99 3.90
CA TYR D 132 -35.67 47.56 4.84
C TYR D 132 -37.07 47.90 4.35
N ILE D 133 -37.16 48.72 3.30
CA ILE D 133 -38.45 49.21 2.78
C ILE D 133 -39.54 48.15 2.69
N ASN D 134 -39.18 46.97 2.19
CA ASN D 134 -40.16 45.89 1.98
C ASN D 134 -40.48 45.11 3.26
N LEU D 135 -39.61 45.20 4.27
CA LEU D 135 -39.92 44.67 5.60
C LEU D 135 -40.88 45.62 6.32
N ILE D 136 -40.71 46.92 6.08
CA ILE D 136 -41.60 47.95 6.63
C ILE D 136 -42.98 47.87 5.98
N GLU D 137 -42.99 47.80 4.64
CA GLU D 137 -44.23 47.59 3.89
C GLU D 137 -44.81 46.19 4.14
N ARG D 138 -44.06 45.33 4.82
CA ARG D 138 -44.49 44.00 5.23
C ARG D 138 -44.59 43.04 4.04
N LYS D 139 -43.90 43.38 2.95
CA LYS D 139 -43.76 42.47 1.81
C LYS D 139 -42.93 41.25 2.24
N VAL D 140 -41.89 41.50 3.04
CA VAL D 140 -41.10 40.44 3.65
C VAL D 140 -41.51 40.28 5.12
N ASP D 141 -41.64 39.04 5.58
CA ASP D 141 -41.99 38.78 6.98
C ASP D 141 -40.82 39.07 7.93
N ILE D 142 -39.63 38.58 7.59
CA ILE D 142 -38.43 38.79 8.41
C ILE D 142 -37.20 39.12 7.57
N ALA D 143 -36.38 40.05 8.05
CA ALA D 143 -35.18 40.49 7.35
C ALA D 143 -33.91 40.11 8.14
N LEU D 144 -32.85 39.75 7.41
CA LEU D 144 -31.60 39.25 8.00
C LEU D 144 -30.44 40.12 7.55
N ARG D 145 -30.07 41.06 8.41
CA ARG D 145 -29.05 42.07 8.07
C ARG D 145 -27.96 42.13 9.12
N ALA D 146 -26.72 42.18 8.67
CA ALA D 146 -25.64 42.63 9.54
C ALA D 146 -25.97 44.08 9.78
N GLY D 147 -26.85 44.31 10.76
CA GLY D 147 -27.48 45.62 10.94
C GLY D 147 -27.57 46.06 12.38
N GLU D 148 -26.94 47.19 12.69
CA GLU D 148 -27.09 47.86 13.98
C GLU D 148 -28.09 49.03 13.90
N LEU D 149 -28.54 49.33 12.68
CA LEU D 149 -29.39 50.51 12.42
C LEU D 149 -30.88 50.18 12.60
N ASP D 150 -31.21 49.43 13.65
CA ASP D 150 -32.58 48.98 13.90
C ASP D 150 -33.13 49.78 15.08
N ASP D 151 -33.86 50.85 14.80
CA ASP D 151 -34.38 51.73 15.85
C ASP D 151 -35.82 52.17 15.61
N SER D 152 -36.54 51.44 14.77
CA SER D 152 -37.85 51.86 14.30
C SER D 152 -39.01 51.16 15.03
N GLY D 153 -38.73 50.55 16.18
CA GLY D 153 -39.72 49.77 16.90
C GLY D 153 -39.86 48.34 16.38
N LEU D 154 -39.17 48.03 15.28
CA LEU D 154 -39.06 46.66 14.79
C LEU D 154 -38.14 45.90 15.72
N ARG D 155 -38.65 44.85 16.34
CA ARG D 155 -37.82 44.03 17.23
C ARG D 155 -36.85 43.18 16.41
N ALA D 156 -35.58 43.19 16.83
CA ALA D 156 -34.54 42.37 16.23
C ALA D 156 -34.20 41.24 17.17
N ARG D 157 -33.31 40.36 16.73
CA ARG D 157 -32.80 39.30 17.58
C ARG D 157 -31.42 38.84 17.10
N HIS D 158 -30.42 39.14 17.91
CA HIS D 158 -29.05 38.77 17.62
C HIS D 158 -28.93 37.32 17.18
N LEU D 159 -28.28 37.10 16.03
CA LEU D 159 -28.03 35.77 15.51
C LEU D 159 -26.58 35.36 15.78
N PHE D 160 -25.64 36.18 15.28
CA PHE D 160 -24.19 35.96 15.49
C PHE D 160 -23.36 37.22 15.22
N ASP D 161 -22.28 37.38 15.98
CA ASP D 161 -21.30 38.45 15.77
C ASP D 161 -20.23 37.98 14.79
N SER D 162 -19.54 38.90 14.14
CA SER D 162 -18.56 38.51 13.13
C SER D 162 -17.42 39.52 12.93
N ARG D 163 -16.23 38.99 12.71
CA ARG D 163 -15.03 39.76 12.41
C ARG D 163 -14.78 39.83 10.91
N PHE D 164 -14.35 40.99 10.43
CA PHE D 164 -13.80 41.10 9.09
C PHE D 164 -12.45 40.39 9.03
N ARG D 165 -12.14 39.79 7.88
CA ARG D 165 -10.80 39.31 7.58
C ARG D 165 -10.39 39.84 6.21
N VAL D 166 -9.09 40.11 6.04
CA VAL D 166 -8.54 40.53 4.74
C VAL D 166 -7.83 39.33 4.10
N ILE D 167 -8.38 38.84 2.98
CA ILE D 167 -7.96 37.59 2.38
C ILE D 167 -7.66 37.71 0.89
N ALA D 168 -6.97 36.69 0.37
CA ALA D 168 -6.57 36.64 -1.03
C ALA D 168 -6.25 35.19 -1.43
N SER D 169 -5.96 34.96 -2.70
CA SER D 169 -5.66 33.62 -3.22
C SER D 169 -4.16 33.34 -3.26
N PRO D 170 -3.76 32.05 -3.11
CA PRO D 170 -2.34 31.68 -3.16
C PRO D 170 -1.73 31.87 -4.56
N GLU D 171 -2.56 31.76 -5.59
CA GLU D 171 -2.14 32.01 -6.95
C GLU D 171 -1.84 33.50 -7.12
N TYR D 172 -2.68 34.33 -6.50
CA TYR D 172 -2.46 35.78 -6.49
C TYR D 172 -1.24 36.14 -5.66
N LEU D 173 -1.23 35.69 -4.40
CA LEU D 173 -0.14 35.98 -3.46
C LEU D 173 1.24 35.61 -4.01
N ALA D 174 1.31 34.51 -4.76
CA ALA D 174 2.56 34.07 -5.37
C ALA D 174 3.06 35.06 -6.40
N LYS D 175 2.18 35.45 -7.32
CA LYS D 175 2.58 36.27 -8.48
C LYS D 175 2.81 37.74 -8.13
N HIS D 176 1.94 38.29 -7.28
CA HIS D 176 2.02 39.71 -6.92
C HIS D 176 2.80 39.98 -5.63
N GLY D 177 2.78 39.01 -4.71
CA GLY D 177 3.57 39.09 -3.48
C GLY D 177 2.77 39.57 -2.28
N THR D 178 2.78 38.79 -1.20
CA THR D 178 2.01 39.12 0.00
C THR D 178 2.55 40.38 0.70
N PRO D 179 1.69 41.41 0.91
CA PRO D 179 2.13 42.65 1.55
C PRO D 179 2.22 42.55 3.07
N GLN D 180 3.22 43.22 3.65
CA GLN D 180 3.50 43.10 5.08
C GLN D 180 2.88 44.24 5.91
N SER D 181 2.32 45.24 5.24
CA SER D 181 1.64 46.35 5.93
C SER D 181 0.49 46.90 5.07
N THR D 182 -0.40 47.65 5.72
CA THR D 182 -1.60 48.21 5.08
C THR D 182 -1.32 49.44 4.22
N GLU D 183 -0.09 49.93 4.26
CA GLU D 183 0.37 51.01 3.37
C GLU D 183 0.78 50.40 2.03
N GLU D 184 1.27 49.17 2.09
CA GLU D 184 1.66 48.40 0.91
C GLU D 184 0.46 47.89 0.11
N LEU D 185 -0.74 48.06 0.65
CA LEU D 185 -1.97 47.76 -0.09
C LEU D 185 -2.05 48.61 -1.35
N ALA D 186 -1.88 49.91 -1.21
CA ALA D 186 -1.96 50.86 -2.35
C ALA D 186 -1.38 50.28 -3.64
N GLY D 187 -0.29 49.51 -3.52
CA GLY D 187 0.37 48.87 -4.66
C GLY D 187 -0.32 47.64 -5.22
N HIS D 188 -0.96 46.86 -4.34
CA HIS D 188 -1.66 45.64 -4.77
C HIS D 188 -3.03 45.87 -5.40
N GLN D 189 -3.65 44.78 -5.83
CA GLN D 189 -5.00 44.77 -6.41
C GLN D 189 -6.08 44.59 -5.33
N CYS D 190 -6.82 45.65 -5.04
CA CYS D 190 -7.91 45.60 -4.06
C CYS D 190 -9.24 45.54 -4.78
N LEU D 191 -10.15 44.74 -4.26
CA LEU D 191 -11.44 44.51 -4.92
C LEU D 191 -12.59 44.87 -3.97
N GLY D 192 -13.33 45.92 -4.33
CA GLY D 192 -14.35 46.48 -3.44
C GLY D 192 -15.80 46.29 -3.86
N PHE D 193 -16.69 46.96 -3.14
CA PHE D 193 -18.10 47.02 -3.50
C PHE D 193 -18.36 48.20 -4.43
N THR D 194 -19.44 48.11 -5.19
CA THR D 194 -19.83 49.16 -6.10
C THR D 194 -20.42 50.31 -5.29
N GLU D 195 -21.25 49.97 -4.29
CA GLU D 195 -21.89 50.95 -3.38
C GLU D 195 -20.88 51.92 -2.74
N PRO D 196 -21.00 53.24 -3.04
CA PRO D 196 -19.97 54.26 -2.72
C PRO D 196 -19.43 54.27 -1.28
N GLY D 197 -18.16 53.88 -1.13
CA GLY D 197 -17.40 54.08 0.11
C GLY D 197 -17.94 53.46 1.41
N SER D 198 -19.03 52.69 1.31
CA SER D 198 -19.75 52.19 2.47
C SER D 198 -18.98 51.05 3.15
N LEU D 199 -18.68 50.02 2.36
CA LEU D 199 -17.85 48.90 2.81
C LEU D 199 -16.51 48.91 2.06
N ASN D 200 -16.04 50.10 1.72
CA ASN D 200 -14.76 50.27 1.02
C ASN D 200 -13.66 50.85 1.90
N THR D 201 -13.98 51.19 3.15
CA THR D 201 -12.95 51.46 4.12
C THR D 201 -12.86 50.22 4.99
N TRP D 202 -11.81 49.42 4.77
CA TRP D 202 -11.69 48.13 5.44
C TRP D 202 -11.32 48.29 6.91
N ALA D 203 -11.48 47.20 7.66
CA ALA D 203 -11.11 47.16 9.07
C ALA D 203 -9.63 46.80 9.26
N VAL D 204 -8.76 47.36 8.41
CA VAL D 204 -7.31 47.23 8.57
C VAL D 204 -6.74 48.55 9.09
N LEU D 205 -5.84 48.46 10.06
CA LEU D 205 -5.23 49.64 10.68
C LEU D 205 -3.98 50.08 9.95
N ASP D 206 -3.94 51.36 9.55
CA ASP D 206 -2.75 51.96 8.96
C ASP D 206 -1.75 52.36 10.06
N ALA D 207 -0.65 53.00 9.67
CA ALA D 207 0.37 53.42 10.63
C ALA D 207 -0.16 54.47 11.62
N GLN D 208 -1.31 55.08 11.29
CA GLN D 208 -1.98 56.05 12.15
C GLN D 208 -3.04 55.41 13.05
N GLY D 209 -3.27 54.11 12.89
CA GLY D 209 -4.33 53.43 13.62
C GLY D 209 -5.75 53.67 13.11
N ASN D 210 -5.87 54.33 11.96
CA ASN D 210 -7.19 54.59 11.37
C ASN D 210 -7.53 53.57 10.29
N PRO D 211 -8.85 53.39 10.01
CA PRO D 211 -9.27 52.49 8.93
C PRO D 211 -8.77 52.91 7.56
N TYR D 212 -8.55 51.93 6.68
CA TYR D 212 -7.96 52.19 5.37
C TYR D 212 -9.01 52.17 4.27
N LYS D 213 -9.24 53.33 3.67
CA LYS D 213 -10.08 53.47 2.48
C LYS D 213 -9.27 53.00 1.27
N ILE D 214 -9.73 51.93 0.63
CA ILE D 214 -9.03 51.34 -0.53
C ILE D 214 -9.42 52.03 -1.84
N SER D 215 -8.63 51.78 -2.88
CA SER D 215 -8.88 52.31 -4.22
C SER D 215 -9.35 51.17 -5.13
N PRO D 216 -10.64 50.81 -5.07
CA PRO D 216 -11.13 49.59 -5.73
C PRO D 216 -10.81 49.49 -7.22
N HIS D 217 -10.20 48.37 -7.61
CA HIS D 217 -9.92 48.10 -9.01
C HIS D 217 -11.10 47.40 -9.65
N PHE D 218 -11.46 46.23 -9.10
CA PHE D 218 -12.72 45.57 -9.44
C PHE D 218 -13.77 46.06 -8.46
N THR D 219 -15.02 45.98 -8.87
CA THR D 219 -16.14 46.40 -8.03
C THR D 219 -17.37 45.54 -8.27
N ALA D 220 -17.85 44.83 -7.26
CA ALA D 220 -19.02 43.98 -7.41
C ALA D 220 -20.04 44.29 -6.33
N SER D 221 -21.33 44.30 -6.71
CA SER D 221 -22.40 44.72 -5.79
C SER D 221 -22.64 43.77 -4.60
N SER D 222 -22.12 42.55 -4.68
CA SER D 222 -22.27 41.58 -3.60
C SER D 222 -20.93 41.10 -3.08
N GLY D 223 -20.90 40.68 -1.82
CA GLY D 223 -19.71 40.09 -1.22
C GLY D 223 -19.45 38.70 -1.76
N GLU D 224 -20.49 38.06 -2.26
CA GLU D 224 -20.37 36.74 -2.89
C GLU D 224 -19.56 36.81 -4.19
N ILE D 225 -19.70 37.90 -4.93
CA ILE D 225 -18.94 38.11 -6.16
C ILE D 225 -17.49 38.38 -5.80
N LEU D 226 -17.28 39.23 -4.80
CA LEU D 226 -15.94 39.54 -4.28
C LEU D 226 -15.26 38.24 -3.86
N ARG D 227 -15.94 37.46 -3.04
CA ARG D 227 -15.46 36.13 -2.66
C ARG D 227 -14.95 35.33 -3.87
N SER D 228 -15.72 35.32 -4.94
CA SER D 228 -15.39 34.52 -6.12
C SER D 228 -14.17 35.08 -6.82
N LEU D 229 -14.20 36.38 -7.09
CA LEU D 229 -13.08 37.05 -7.73
C LEU D 229 -11.79 36.83 -6.93
N CYS D 230 -11.91 36.91 -5.60
CA CYS D 230 -10.78 36.69 -4.69
C CYS D 230 -10.30 35.25 -4.73
N LEU D 231 -11.24 34.33 -4.90
CA LEU D 231 -10.90 32.91 -5.05
C LEU D 231 -10.12 32.67 -6.36
N SER D 232 -10.58 33.31 -7.44
CA SER D 232 -9.95 33.17 -8.76
C SER D 232 -8.56 33.81 -8.83
N GLY D 233 -8.31 34.75 -7.91
CA GLY D 233 -7.01 35.41 -7.83
C GLY D 233 -6.98 36.75 -8.54
N CYS D 234 -8.10 37.46 -8.49
CA CYS D 234 -8.19 38.79 -9.10
C CYS D 234 -7.75 39.89 -8.16
N GLY D 235 -7.56 39.55 -6.89
CA GLY D 235 -7.09 40.52 -5.91
C GLY D 235 -7.44 40.22 -4.47
N ILE D 236 -7.40 41.27 -3.65
CA ILE D 236 -7.61 41.19 -2.21
C ILE D 236 -8.94 41.83 -1.86
N VAL D 237 -9.70 41.17 -1.01
CA VAL D 237 -10.97 41.69 -0.52
C VAL D 237 -11.00 41.65 1.00
N CYS D 238 -11.88 42.47 1.58
CA CYS D 238 -12.13 42.44 3.01
C CYS D 238 -13.61 42.16 3.25
N LEU D 239 -13.91 40.94 3.71
CA LEU D 239 -15.27 40.48 3.86
C LEU D 239 -15.48 39.99 5.29
N SER D 240 -16.65 39.45 5.57
CA SER D 240 -16.97 38.88 6.87
C SER D 240 -16.39 37.48 6.97
N ASP D 241 -16.30 36.98 8.19
CA ASP D 241 -15.59 35.71 8.45
C ASP D 241 -16.38 34.46 8.07
N PHE D 242 -17.69 34.46 8.34
CA PHE D 242 -18.55 33.33 7.99
C PHE D 242 -18.58 33.10 6.48
N LEU D 243 -18.40 34.17 5.74
CA LEU D 243 -18.42 34.15 4.28
C LEU D 243 -17.11 33.58 3.70
N VAL D 244 -16.01 33.61 4.47
CA VAL D 244 -14.69 33.18 3.98
C VAL D 244 -13.89 32.19 4.84
N ASP D 245 -14.43 31.78 5.99
CA ASP D 245 -13.66 30.95 6.94
C ASP D 245 -13.41 29.53 6.43
N ASN D 246 -14.48 28.87 5.99
CA ASN D 246 -14.36 27.54 5.42
C ASN D 246 -13.32 27.52 4.30
N ASP D 247 -13.20 28.63 3.58
CA ASP D 247 -12.30 28.74 2.44
C ASP D 247 -10.84 28.78 2.87
N ILE D 248 -10.54 29.55 3.91
CA ILE D 248 -9.19 29.54 4.48
C ILE D 248 -8.90 28.22 5.19
N ALA D 249 -9.95 27.57 5.69
CA ALA D 249 -9.84 26.24 6.29
C ALA D 249 -9.41 25.18 5.28
N GLU D 250 -9.71 25.40 4.00
CA GLU D 250 -9.30 24.49 2.92
C GLU D 250 -8.03 24.96 2.19
N GLY D 251 -7.45 26.09 2.61
CA GLY D 251 -6.23 26.62 2.02
C GLY D 251 -6.41 27.32 0.68
N LYS D 252 -7.66 27.60 0.31
CA LYS D 252 -7.96 28.28 -0.95
C LYS D 252 -7.76 29.79 -0.81
N LEU D 253 -8.36 30.37 0.23
CA LEU D 253 -8.12 31.78 0.58
C LEU D 253 -7.06 31.87 1.68
N ILE D 254 -6.34 32.98 1.70
CA ILE D 254 -5.26 33.18 2.66
C ILE D 254 -5.41 34.55 3.34
N PRO D 255 -5.44 34.57 4.68
CA PRO D 255 -5.56 35.81 5.43
C PRO D 255 -4.29 36.66 5.37
N LEU D 256 -4.47 37.98 5.34
CA LEU D 256 -3.38 38.92 5.17
C LEU D 256 -3.53 40.04 6.20
N LEU D 257 -2.40 40.60 6.63
CA LEU D 257 -2.38 41.73 7.58
C LEU D 257 -3.13 41.42 8.89
N ALA D 258 -2.86 40.25 9.47
CA ALA D 258 -3.60 39.79 10.64
C ALA D 258 -3.52 40.79 11.80
N GLU D 259 -2.32 41.30 12.06
CA GLU D 259 -2.09 42.21 13.20
C GLU D 259 -2.56 43.63 12.90
N GLN D 260 -2.81 43.94 11.63
CA GLN D 260 -3.34 45.23 11.25
C GLN D 260 -4.86 45.16 11.10
N THR D 261 -5.42 43.96 11.13
CA THR D 261 -6.86 43.80 11.09
C THR D 261 -7.45 44.20 12.44
N SER D 262 -8.69 44.71 12.42
CA SER D 262 -9.38 45.13 13.64
C SER D 262 -9.87 43.95 14.47
N ASP D 263 -10.12 44.23 15.75
CA ASP D 263 -10.65 43.24 16.68
C ASP D 263 -12.17 43.34 16.82
N LYS D 264 -12.74 44.49 16.50
CA LYS D 264 -14.15 44.76 16.74
C LYS D 264 -15.06 43.97 15.80
N THR D 265 -16.08 43.34 16.37
CA THR D 265 -17.04 42.54 15.60
C THR D 265 -18.30 43.34 15.21
N HIS D 266 -18.97 42.89 14.16
CA HIS D 266 -20.22 43.49 13.68
C HIS D 266 -21.33 42.42 13.72
N PRO D 267 -22.52 42.78 14.22
CA PRO D 267 -23.53 41.78 14.57
C PRO D 267 -24.51 41.48 13.46
N PHE D 268 -25.04 40.26 13.47
CA PHE D 268 -26.10 39.86 12.56
C PHE D 268 -27.39 39.60 13.35
N ASN D 269 -28.47 40.27 12.94
CA ASN D 269 -29.77 40.14 13.55
C ASN D 269 -30.83 39.67 12.57
N ALA D 270 -31.80 38.92 13.07
CA ALA D 270 -33.08 38.74 12.38
C ALA D 270 -33.99 39.87 12.87
N VAL D 271 -34.61 40.56 11.93
CA VAL D 271 -35.41 41.75 12.24
C VAL D 271 -36.81 41.63 11.69
N TYR D 272 -37.81 41.91 12.53
CA TYR D 272 -39.20 41.67 12.20
C TYR D 272 -40.13 42.55 13.03
N TYR D 273 -41.42 42.49 12.74
CA TYR D 273 -42.42 43.25 13.48
C TYR D 273 -42.87 42.55 14.76
N SER D 274 -43.11 43.33 15.81
CA SER D 274 -43.59 42.81 17.09
C SER D 274 -45.06 42.35 17.02
N ASP D 275 -45.83 42.95 16.12
CA ASP D 275 -47.21 42.53 15.89
C ASP D 275 -47.25 41.09 15.42
N LYS D 276 -46.40 40.78 14.44
CA LYS D 276 -46.30 39.44 13.86
C LYS D 276 -45.46 38.47 14.72
N ALA D 277 -45.01 38.93 15.88
CA ALA D 277 -44.34 38.07 16.86
C ALA D 277 -45.27 36.96 17.34
N VAL D 278 -46.57 37.25 17.36
CA VAL D 278 -47.59 36.22 17.60
C VAL D 278 -47.40 35.03 16.66
N ASN D 279 -47.03 35.32 15.40
CA ASN D 279 -46.94 34.29 14.37
C ASN D 279 -45.89 33.24 14.70
N LEU D 280 -46.37 32.00 14.89
CA LEU D 280 -45.54 30.86 15.27
C LEU D 280 -44.50 30.53 14.18
N ARG D 281 -44.96 30.54 12.94
CA ARG D 281 -44.12 30.32 11.76
C ARG D 281 -42.84 31.16 11.77
N LEU D 282 -42.99 32.43 12.09
CA LEU D 282 -41.86 33.32 12.30
C LEU D 282 -41.07 32.86 13.51
N ARG D 283 -41.78 32.51 14.58
CA ARG D 283 -41.16 32.15 15.87
C ARG D 283 -40.31 30.88 15.80
N VAL D 284 -40.87 29.79 15.28
CA VAL D 284 -40.13 28.52 15.18
C VAL D 284 -38.90 28.60 14.26
N PHE D 285 -38.97 29.49 13.27
CA PHE D 285 -37.84 29.72 12.36
C PHE D 285 -36.72 30.44 13.08
N LEU D 286 -37.02 31.62 13.61
CA LEU D 286 -36.03 32.40 14.36
C LEU D 286 -35.42 31.54 15.44
N ASP D 287 -36.28 30.91 16.26
CA ASP D 287 -35.82 30.02 17.29
C ASP D 287 -34.87 28.97 16.70
N PHE D 288 -35.26 28.38 15.58
CA PHE D 288 -34.42 27.40 14.90
C PHE D 288 -33.12 28.03 14.41
N LEU D 289 -33.24 29.24 13.87
CA LEU D 289 -32.13 29.92 13.26
C LEU D 289 -31.06 30.27 14.28
N VAL D 290 -31.49 30.77 15.44
CA VAL D 290 -30.57 31.10 16.51
C VAL D 290 -29.85 29.84 17.04
N GLU D 291 -30.59 28.76 17.21
CA GLU D 291 -30.02 27.51 17.71
C GLU D 291 -28.90 27.02 16.83
N GLU D 292 -29.13 27.03 15.52
CA GLU D 292 -28.19 26.47 14.55
C GLU D 292 -26.96 27.34 14.32
N LEU D 293 -27.13 28.67 14.41
CA LEU D 293 -26.01 29.62 14.23
C LEU D 293 -25.40 30.01 15.59
N GLY D 294 -25.21 29.03 16.47
CA GLY D 294 -24.63 29.29 17.80
C GLY D 294 -23.59 28.31 18.30
N ASN D 295 -23.13 27.41 17.42
CA ASN D 295 -22.17 26.33 17.77
C ASN D 295 -21.75 26.27 19.25
N MET E 1 -43.31 34.08 27.30
CA MET E 1 -41.98 34.16 27.95
C MET E 1 -42.13 34.04 29.47
N LYS E 2 -42.62 32.89 29.92
CA LYS E 2 -42.85 32.63 31.35
C LYS E 2 -42.85 31.14 31.66
N THR E 3 -41.69 30.49 31.55
CA THR E 3 -41.54 29.09 31.98
C THR E 3 -40.46 29.01 33.07
N ASN E 4 -40.88 29.10 34.33
CA ASN E 4 -39.91 29.09 35.45
C ASN E 4 -39.23 27.75 35.65
N SER E 5 -37.98 27.80 36.09
CA SER E 5 -37.18 26.61 36.31
C SER E 5 -37.53 25.99 37.65
N GLU E 6 -38.33 26.69 38.45
CA GLU E 6 -38.93 26.10 39.64
C GLU E 6 -39.73 24.86 39.26
N GLU E 7 -40.37 24.91 38.10
CA GLU E 7 -41.17 23.77 37.60
C GLU E 7 -40.40 22.94 36.58
N LEU E 8 -39.45 23.54 35.87
CA LEU E 8 -38.58 22.79 34.93
C LEU E 8 -37.61 21.85 35.68
N THR E 9 -37.26 22.22 36.90
CA THR E 9 -36.48 21.33 37.78
C THR E 9 -37.34 20.16 38.25
N VAL E 10 -38.63 20.42 38.48
CA VAL E 10 -39.57 19.40 38.90
C VAL E 10 -39.78 18.36 37.79
N PHE E 11 -40.10 18.83 36.59
CA PHE E 11 -40.47 17.96 35.47
C PHE E 11 -39.38 16.94 35.09
N VAL E 12 -38.15 17.43 34.95
CA VAL E 12 -37.03 16.61 34.47
C VAL E 12 -36.59 15.56 35.51
N GLN E 13 -37.01 15.75 36.77
CA GLN E 13 -36.78 14.77 37.83
C GLN E 13 -37.81 13.63 37.77
N VAL E 14 -39.08 13.99 37.59
CA VAL E 14 -40.18 13.00 37.63
C VAL E 14 -40.13 12.06 36.42
N VAL E 15 -39.79 12.59 35.25
CA VAL E 15 -39.60 11.77 34.06
C VAL E 15 -38.48 10.76 34.25
N GLU E 16 -37.40 11.19 34.89
CA GLU E 16 -36.20 10.39 35.07
C GLU E 16 -36.33 9.45 36.28
N SER E 17 -36.67 10.03 37.43
CA SER E 17 -36.68 9.27 38.69
C SER E 17 -37.96 8.45 38.89
N GLY E 18 -38.20 7.54 37.95
CA GLY E 18 -39.28 6.56 38.06
C GLY E 18 -40.67 7.15 38.08
N SER E 19 -41.31 7.13 39.24
CA SER E 19 -42.74 7.42 39.36
C SER E 19 -43.07 8.88 39.68
N PHE E 20 -44.36 9.17 39.57
CA PHE E 20 -44.95 10.47 39.91
C PHE E 20 -44.83 10.77 41.41
N SER E 21 -44.83 9.72 42.23
CA SER E 21 -44.69 9.84 43.68
C SER E 21 -43.23 9.74 44.15
N ARG E 22 -42.44 8.91 43.48
CA ARG E 22 -41.04 8.65 43.87
C ARG E 22 -40.08 9.81 43.56
N ALA E 23 -40.42 10.65 42.59
CA ALA E 23 -39.64 11.86 42.29
C ALA E 23 -39.81 12.91 43.38
N ALA E 24 -41.00 12.96 43.96
CA ALA E 24 -41.29 13.84 45.10
C ALA E 24 -40.53 13.39 46.34
N GLU E 25 -40.28 12.08 46.44
CA GLU E 25 -39.51 11.49 47.54
C GLU E 25 -38.01 11.83 47.49
N GLN E 26 -37.53 12.32 46.34
CA GLN E 26 -36.14 12.80 46.19
C GLN E 26 -36.04 14.32 46.07
N LEU E 27 -37.08 14.95 45.51
CA LEU E 27 -37.15 16.42 45.46
C LEU E 27 -37.45 17.02 46.84
N ALA E 28 -38.02 16.20 47.74
CA ALA E 28 -38.35 16.63 49.10
C ALA E 28 -39.55 17.58 49.12
N MET E 29 -40.47 17.41 48.17
CA MET E 29 -41.78 18.05 48.20
C MET E 29 -42.83 16.98 47.91
N ALA E 30 -44.02 17.15 48.51
CA ALA E 30 -45.08 16.13 48.47
C ALA E 30 -45.61 15.85 47.05
N ASN E 31 -46.41 14.78 46.94
CA ASN E 31 -46.96 14.36 45.65
C ASN E 31 -47.96 15.38 45.11
N SER E 32 -48.88 15.80 45.96
CA SER E 32 -49.91 16.79 45.59
C SER E 32 -49.29 18.14 45.21
N ALA E 33 -48.18 18.48 45.85
CA ALA E 33 -47.47 19.72 45.56
C ALA E 33 -46.65 19.61 44.28
N VAL E 34 -46.01 18.46 44.06
CA VAL E 34 -45.27 18.21 42.80
C VAL E 34 -46.24 18.01 41.63
N SER E 35 -47.46 17.56 41.93
CA SER E 35 -48.53 17.44 40.94
C SER E 35 -48.94 18.81 40.41
N ARG E 36 -49.18 19.73 41.33
CA ARG E 36 -49.61 21.10 41.01
C ARG E 36 -48.70 21.75 39.97
N ILE E 37 -47.39 21.74 40.24
CA ILE E 37 -46.40 22.40 39.39
C ILE E 37 -46.22 21.72 38.03
N VAL E 38 -46.32 20.39 37.99
CA VAL E 38 -46.19 19.63 36.72
C VAL E 38 -47.43 19.76 35.85
N LYS E 39 -48.61 19.67 36.45
CA LYS E 39 -49.88 19.84 35.74
C LYS E 39 -50.03 21.29 35.27
N ARG E 40 -49.52 22.23 36.08
CA ARG E 40 -49.41 23.63 35.68
C ARG E 40 -48.52 23.80 34.45
N LEU E 41 -47.36 23.15 34.45
CA LEU E 41 -46.37 23.26 33.38
C LEU E 41 -46.97 22.82 32.05
N GLU E 42 -47.64 21.67 32.04
CA GLU E 42 -48.22 21.14 30.81
C GLU E 42 -49.48 21.88 30.33
N GLU E 43 -49.94 22.87 31.10
CA GLU E 43 -51.03 23.75 30.69
C GLU E 43 -50.51 25.09 30.13
N LYS E 44 -49.57 25.72 30.85
CA LYS E 44 -48.99 26.99 30.41
C LYS E 44 -48.14 26.85 29.15
N LEU E 45 -47.72 25.62 28.85
CA LEU E 45 -47.23 25.25 27.51
C LEU E 45 -48.44 24.92 26.64
N GLY E 46 -49.41 24.22 27.22
CA GLY E 46 -50.64 23.86 26.54
C GLY E 46 -50.49 22.55 25.79
N VAL E 47 -49.69 21.63 26.35
CA VAL E 47 -49.40 20.36 25.70
C VAL E 47 -49.30 19.23 26.72
N ASN E 48 -49.85 18.07 26.38
CA ASN E 48 -49.78 16.90 27.25
C ASN E 48 -48.37 16.34 27.28
N LEU E 49 -47.65 16.61 28.36
CA LEU E 49 -46.33 16.02 28.59
C LEU E 49 -46.50 14.56 29.02
N LEU E 50 -47.30 14.36 30.05
CA LEU E 50 -47.42 13.08 30.74
C LEU E 50 -48.44 12.19 30.03
N ASN E 51 -48.29 10.87 30.19
CA ASN E 51 -49.24 9.88 29.68
C ASN E 51 -49.65 8.92 30.80
N ARG E 52 -50.82 9.15 31.39
CA ARG E 52 -51.29 8.43 32.58
C ARG E 52 -52.18 7.21 32.28
N THR E 53 -52.35 6.88 31.00
CA THR E 53 -53.13 5.71 30.60
C THR E 53 -52.37 4.41 30.89
N THR E 54 -51.05 4.43 30.70
CA THR E 54 -50.19 3.28 31.00
C THR E 54 -50.09 3.10 32.52
N ARG E 55 -49.88 1.85 32.95
CA ARG E 55 -49.71 1.53 34.37
C ARG E 55 -48.69 2.46 35.03
N GLN E 56 -47.63 2.76 34.29
CA GLN E 56 -46.59 3.67 34.74
C GLN E 56 -46.63 4.92 33.86
N LEU E 57 -46.17 6.04 34.40
CA LEU E 57 -46.18 7.30 33.66
C LEU E 57 -45.20 7.26 32.48
N SER E 58 -45.74 7.45 31.27
CA SER E 58 -44.95 7.46 30.04
C SER E 58 -44.90 8.88 29.47
N LEU E 59 -43.81 9.18 28.77
CA LEU E 59 -43.67 10.46 28.10
C LEU E 59 -44.43 10.38 26.77
N THR E 60 -45.20 11.42 26.46
CA THR E 60 -45.83 11.53 25.14
C THR E 60 -44.75 11.83 24.11
N GLU E 61 -45.06 11.61 22.83
CA GLU E 61 -44.08 11.77 21.75
C GLU E 61 -43.63 13.23 21.59
N GLU E 62 -44.38 14.16 22.18
CA GLU E 62 -44.02 15.57 22.23
C GLU E 62 -43.32 15.92 23.55
N GLY E 63 -43.92 15.50 24.66
CA GLY E 63 -43.41 15.79 26.00
C GLY E 63 -42.06 15.20 26.34
N ALA E 64 -41.70 14.12 25.65
CA ALA E 64 -40.37 13.53 25.75
C ALA E 64 -39.34 14.35 24.97
N GLN E 65 -39.82 15.17 24.03
CA GLN E 65 -38.96 16.13 23.33
C GLN E 65 -38.76 17.41 24.13
N TYR E 66 -39.76 17.76 24.95
CA TYR E 66 -39.63 18.85 25.92
C TYR E 66 -38.74 18.46 27.09
N PHE E 67 -38.76 17.17 27.44
CA PHE E 67 -37.87 16.63 28.45
C PHE E 67 -36.40 16.80 28.06
N ARG E 68 -36.09 16.57 26.78
CA ARG E 68 -34.74 16.77 26.27
C ARG E 68 -34.35 18.25 26.27
N ARG E 69 -35.29 19.14 25.90
CA ARG E 69 -35.05 20.57 26.00
C ARG E 69 -34.88 20.93 27.48
N ALA E 70 -35.87 20.54 28.30
CA ALA E 70 -35.89 20.83 29.73
C ALA E 70 -34.65 20.31 30.47
N GLN E 71 -34.11 19.17 30.04
CA GLN E 71 -32.89 18.59 30.63
C GLN E 71 -31.65 19.45 30.38
N ARG E 72 -31.55 19.99 29.17
CA ARG E 72 -30.42 20.86 28.78
C ARG E 72 -30.42 22.21 29.49
N ILE E 73 -31.56 22.88 29.48
CA ILE E 73 -31.71 24.14 30.20
C ILE E 73 -31.10 24.02 31.60
N LEU E 74 -31.31 22.86 32.23
CA LEU E 74 -30.84 22.65 33.59
C LEU E 74 -29.36 22.30 33.67
N GLN E 75 -28.91 21.38 32.80
CA GLN E 75 -27.49 21.02 32.67
C GLN E 75 -26.61 22.26 32.55
N GLU E 76 -27.12 23.27 31.84
CA GLU E 76 -26.42 24.53 31.59
C GLU E 76 -26.50 25.46 32.79
N MET E 77 -27.72 25.74 33.25
CA MET E 77 -27.94 26.52 34.46
C MET E 77 -26.89 26.16 35.49
N ALA E 78 -26.68 24.85 35.62
CA ALA E 78 -25.69 24.27 36.53
C ALA E 78 -24.27 24.68 36.14
N ALA E 79 -23.88 24.39 34.90
CA ALA E 79 -22.54 24.69 34.40
C ALA E 79 -22.21 26.17 34.56
N ALA E 80 -23.19 27.02 34.29
CA ALA E 80 -23.08 28.46 34.52
C ALA E 80 -22.41 28.74 35.85
N GLU E 81 -22.95 28.15 36.92
CA GLU E 81 -22.44 28.34 38.28
C GLU E 81 -21.01 27.84 38.41
N THR E 82 -20.83 26.54 38.22
CA THR E 82 -19.54 25.87 38.39
C THR E 82 -18.44 26.67 37.69
N GLU E 83 -18.63 26.92 36.40
CA GLU E 83 -17.68 27.69 35.63
C GLU E 83 -17.31 28.97 36.38
N MET E 84 -18.33 29.72 36.83
CA MET E 84 -18.11 31.01 37.49
C MET E 84 -17.43 30.93 38.85
N LEU E 85 -17.83 29.96 39.67
CA LEU E 85 -17.26 29.80 41.02
C LEU E 85 -15.79 29.46 40.94
N ALA E 86 -15.44 28.55 40.04
CA ALA E 86 -14.05 28.11 39.87
C ALA E 86 -13.16 29.17 39.20
N VAL E 87 -13.69 30.37 38.97
CA VAL E 87 -12.87 31.50 38.55
C VAL E 87 -11.84 31.83 39.63
N HIS E 88 -12.31 32.17 40.83
CA HIS E 88 -11.41 32.59 41.91
C HIS E 88 -11.06 31.47 42.89
N GLU E 89 -11.97 30.52 43.08
CA GLU E 89 -11.67 29.31 43.84
C GLU E 89 -10.96 28.33 42.92
N ILE E 90 -10.13 27.48 43.50
CA ILE E 90 -9.36 26.50 42.72
C ILE E 90 -9.91 25.10 42.99
N PRO E 91 -10.43 24.43 41.95
CA PRO E 91 -10.85 23.03 42.08
C PRO E 91 -9.68 22.08 42.31
N GLN E 92 -9.55 21.60 43.54
CA GLN E 92 -8.46 20.73 43.94
C GLN E 92 -8.88 19.88 45.13
N GLY E 93 -8.25 18.71 45.27
CA GLY E 93 -8.47 17.84 46.42
C GLY E 93 -8.83 16.44 45.98
N VAL E 94 -8.80 15.50 46.93
CA VAL E 94 -9.08 14.09 46.62
C VAL E 94 -10.56 13.87 46.37
N LEU E 95 -10.90 13.57 45.12
CA LEU E 95 -12.24 13.12 44.76
C LEU E 95 -12.10 11.64 44.48
N SER E 96 -13.01 10.85 45.05
CA SER E 96 -13.00 9.40 44.84
C SER E 96 -14.38 8.95 44.39
N VAL E 97 -14.43 8.25 43.27
CA VAL E 97 -15.70 7.81 42.68
C VAL E 97 -15.84 6.30 42.75
N ASP E 98 -16.90 5.84 43.42
CA ASP E 98 -17.16 4.41 43.54
C ASP E 98 -18.03 3.97 42.38
N SER E 99 -17.45 3.17 41.50
CA SER E 99 -18.10 2.83 40.24
C SER E 99 -18.08 1.33 39.99
N ALA E 100 -19.15 0.87 39.35
CA ALA E 100 -19.23 -0.48 38.86
C ALA E 100 -18.10 -0.69 37.85
N MET E 101 -17.35 -1.76 38.04
CA MET E 101 -16.21 -2.11 37.17
C MET E 101 -16.38 -1.76 35.68
N PRO E 102 -17.50 -2.16 35.06
CA PRO E 102 -17.65 -1.87 33.64
C PRO E 102 -17.76 -0.37 33.30
N MET E 103 -18.39 0.41 34.17
CA MET E 103 -18.49 1.87 33.94
C MET E 103 -17.10 2.52 33.94
N VAL E 104 -16.29 2.16 34.93
CA VAL E 104 -14.92 2.65 35.03
C VAL E 104 -14.12 2.33 33.76
N LEU E 105 -14.09 1.06 33.40
CA LEU E 105 -13.28 0.59 32.28
C LEU E 105 -13.77 1.14 30.94
N HIS E 106 -15.09 1.32 30.80
CA HIS E 106 -15.70 1.65 29.52
C HIS E 106 -16.23 3.06 29.39
N LEU E 107 -16.31 3.81 30.50
CA LEU E 107 -16.82 5.18 30.41
C LEU E 107 -15.89 6.24 31.02
N LEU E 108 -15.33 5.94 32.19
CA LEU E 108 -14.43 6.89 32.89
C LEU E 108 -12.99 6.87 32.36
N ALA E 109 -12.37 5.68 32.38
CA ALA E 109 -10.97 5.52 31.98
C ALA E 109 -10.60 6.26 30.70
N PRO E 110 -11.46 6.24 29.68
CA PRO E 110 -11.21 7.07 28.51
C PRO E 110 -11.25 8.57 28.82
N LEU E 111 -12.31 9.02 29.49
CA LEU E 111 -12.47 10.43 29.83
C LEU E 111 -11.45 10.95 30.82
N ALA E 112 -10.96 10.06 31.70
CA ALA E 112 -10.07 10.46 32.77
C ALA E 112 -8.96 11.40 32.29
N ALA E 113 -8.16 10.93 31.35
CA ALA E 113 -7.06 11.74 30.82
C ALA E 113 -7.49 13.18 30.59
N LYS E 114 -8.57 13.35 29.84
CA LYS E 114 -9.10 14.68 29.53
C LYS E 114 -9.42 15.48 30.79
N PHE E 115 -10.28 14.92 31.63
CA PHE E 115 -10.72 15.57 32.87
C PHE E 115 -9.56 16.02 33.73
N ASN E 116 -8.51 15.21 33.76
CA ASN E 116 -7.32 15.53 34.52
C ASN E 116 -6.69 16.84 34.04
N GLU E 117 -6.37 16.91 32.75
CA GLU E 117 -5.75 18.10 32.16
C GLU E 117 -6.50 19.39 32.51
N ARG E 118 -7.84 19.31 32.55
CA ARG E 118 -8.65 20.47 32.91
C ARG E 118 -8.48 20.82 34.37
N TYR E 119 -8.57 19.81 35.24
CA TYR E 119 -8.60 20.03 36.69
C TYR E 119 -7.49 19.23 37.39
N PRO E 120 -6.23 19.61 37.17
CA PRO E 120 -5.14 18.70 37.50
C PRO E 120 -4.77 18.68 38.97
N HIS E 121 -5.47 19.46 39.79
CA HIS E 121 -5.27 19.44 41.22
C HIS E 121 -6.33 18.56 41.93
N ILE E 122 -7.22 17.95 41.16
CA ILE E 122 -8.17 16.98 41.71
C ILE E 122 -7.52 15.60 41.68
N ARG E 123 -7.22 15.04 42.84
CA ARG E 123 -6.68 13.69 42.92
C ARG E 123 -7.79 12.64 42.81
N LEU E 124 -8.11 12.23 41.59
CA LEU E 124 -9.07 11.15 41.38
C LEU E 124 -8.63 9.85 42.07
N SER E 125 -9.53 9.27 42.86
CA SER E 125 -9.32 7.94 43.40
C SER E 125 -10.48 7.04 42.98
N LEU E 126 -10.29 6.30 41.89
CA LEU E 126 -11.35 5.46 41.32
C LEU E 126 -11.44 4.09 41.99
N VAL E 127 -12.63 3.77 42.47
CA VAL E 127 -12.82 2.61 43.34
C VAL E 127 -14.05 1.79 42.93
N SER E 128 -14.15 0.59 43.52
CA SER E 128 -15.23 -0.35 43.21
C SER E 128 -15.66 -1.10 44.45
N SER E 129 -16.80 -0.72 45.00
CA SER E 129 -17.50 -1.51 46.01
C SER E 129 -18.67 -2.19 45.32
N GLU E 130 -19.52 -2.83 46.09
CA GLU E 130 -20.73 -3.46 45.56
C GLU E 130 -21.97 -2.71 46.04
N GLY E 131 -22.08 -2.52 47.34
CA GLY E 131 -23.26 -1.88 47.92
C GLY E 131 -23.26 -0.37 47.82
N TYR E 132 -24.04 0.25 48.69
CA TYR E 132 -24.05 1.69 48.86
C TYR E 132 -23.48 2.02 50.24
N ILE E 133 -22.82 1.04 50.86
CA ILE E 133 -22.34 1.16 52.24
C ILE E 133 -21.22 2.21 52.36
N ASN E 134 -20.25 2.14 51.47
CA ASN E 134 -19.14 3.07 51.49
C ASN E 134 -19.59 4.49 51.19
N LEU E 135 -20.62 4.64 50.36
CA LEU E 135 -21.18 5.96 50.07
C LEU E 135 -21.87 6.52 51.30
N ILE E 136 -22.67 5.69 51.97
CA ILE E 136 -23.35 6.10 53.19
C ILE E 136 -22.37 6.36 54.35
N GLU E 137 -21.34 5.52 54.43
CA GLU E 137 -20.26 5.72 55.42
C GLU E 137 -19.31 6.88 55.08
N ARG E 138 -19.56 7.56 53.96
CA ARG E 138 -18.77 8.71 53.53
C ARG E 138 -17.32 8.37 53.18
N LYS E 139 -17.04 7.06 53.05
CA LYS E 139 -15.71 6.61 52.62
C LYS E 139 -15.46 6.86 51.13
N VAL E 140 -16.52 7.20 50.39
CA VAL E 140 -16.40 7.61 49.00
C VAL E 140 -17.30 8.81 48.73
N ASP E 141 -16.84 9.69 47.87
CA ASP E 141 -17.52 10.96 47.61
C ASP E 141 -18.76 10.81 46.72
N ILE E 142 -18.68 9.91 45.75
CA ILE E 142 -19.69 9.83 44.68
C ILE E 142 -19.76 8.44 44.09
N ALA E 143 -20.98 7.96 43.83
CA ALA E 143 -21.20 6.57 43.43
C ALA E 143 -21.84 6.46 42.04
N LEU E 144 -21.08 5.95 41.08
CA LEU E 144 -21.58 5.77 39.71
C LEU E 144 -22.25 4.41 39.61
N ARG E 145 -23.58 4.41 39.61
CA ARG E 145 -24.35 3.17 39.71
C ARG E 145 -25.39 3.02 38.61
N ALA E 146 -25.63 1.77 38.21
CA ALA E 146 -26.77 1.40 37.36
C ALA E 146 -27.99 1.41 38.27
N GLY E 147 -28.31 2.58 38.81
CA GLY E 147 -29.14 2.65 39.99
C GLY E 147 -30.46 3.35 39.78
N GLU E 148 -31.54 2.63 40.04
CA GLU E 148 -32.84 3.23 40.31
C GLU E 148 -33.12 3.16 41.82
N LEU E 149 -32.21 2.53 42.57
CA LEU E 149 -32.41 2.24 44.00
C LEU E 149 -31.63 3.25 44.87
N ASP E 150 -31.81 4.53 44.56
CA ASP E 150 -30.97 5.60 45.10
C ASP E 150 -31.80 6.47 46.04
N ASP E 151 -32.73 5.83 46.74
CA ASP E 151 -33.86 6.51 47.37
C ASP E 151 -33.71 6.56 48.88
N SER E 152 -32.54 6.99 49.35
CA SER E 152 -32.30 7.20 50.77
C SER E 152 -32.13 8.68 51.05
N GLY E 153 -32.88 9.52 50.32
CA GLY E 153 -32.78 10.96 50.48
C GLY E 153 -31.44 11.57 50.13
N LEU E 154 -30.59 10.84 49.42
CA LEU E 154 -29.34 11.40 48.90
C LEU E 154 -29.45 11.57 47.39
N ARG E 155 -28.92 12.68 46.87
CA ARG E 155 -29.08 13.08 45.48
C ARG E 155 -28.55 12.05 44.49
N ALA E 156 -29.20 11.96 43.34
CA ALA E 156 -28.72 11.21 42.19
C ALA E 156 -28.74 12.14 40.99
N ARG E 157 -27.68 12.12 40.20
CA ARG E 157 -27.59 12.98 39.02
C ARG E 157 -27.52 12.09 37.78
N HIS E 158 -28.44 12.30 36.84
CA HIS E 158 -28.57 11.43 35.66
C HIS E 158 -27.46 11.65 34.64
N LEU E 159 -26.80 10.56 34.23
CA LEU E 159 -25.68 10.64 33.31
C LEU E 159 -26.09 10.26 31.90
N PHE E 160 -26.61 9.03 31.75
CA PHE E 160 -26.99 8.51 30.45
C PHE E 160 -27.92 7.33 30.57
N ASP E 161 -28.64 7.06 29.49
CA ASP E 161 -29.54 5.92 29.40
C ASP E 161 -28.94 4.85 28.50
N SER E 162 -29.09 3.58 28.90
CA SER E 162 -28.49 2.46 28.17
C SER E 162 -29.52 1.37 27.84
N ARG E 163 -29.45 0.83 26.63
CA ARG E 163 -30.24 -0.33 26.24
C ARG E 163 -29.38 -1.56 26.44
N PHE E 164 -29.99 -2.74 26.32
CA PHE E 164 -29.26 -4.00 26.26
C PHE E 164 -29.00 -4.40 24.81
N ARG E 165 -28.17 -5.42 24.65
CA ARG E 165 -27.90 -6.02 23.34
C ARG E 165 -27.52 -7.49 23.52
N VAL E 166 -28.13 -8.37 22.74
CA VAL E 166 -27.71 -9.76 22.76
C VAL E 166 -26.63 -9.89 21.70
N ILE E 167 -25.49 -10.48 22.08
CA ILE E 167 -24.29 -10.41 21.24
C ILE E 167 -23.46 -11.68 21.30
N ALA E 168 -22.58 -11.86 20.32
CA ALA E 168 -21.72 -13.05 20.25
C ALA E 168 -20.51 -12.88 19.35
N SER E 169 -19.52 -13.74 19.55
CA SER E 169 -18.30 -13.74 18.77
C SER E 169 -18.52 -14.39 17.41
N PRO E 170 -18.03 -13.76 16.34
CA PRO E 170 -18.04 -14.42 15.04
C PRO E 170 -17.47 -15.82 15.12
N GLU E 171 -16.45 -16.01 15.95
CA GLU E 171 -15.80 -17.31 16.13
C GLU E 171 -16.79 -18.36 16.64
N TYR E 172 -17.68 -17.94 17.54
CA TYR E 172 -18.74 -18.80 18.04
C TYR E 172 -19.83 -18.95 16.98
N LEU E 173 -20.37 -17.83 16.51
CA LEU E 173 -21.47 -17.85 15.53
C LEU E 173 -21.09 -18.59 14.24
N ALA E 174 -19.81 -18.58 13.89
CA ALA E 174 -19.32 -19.35 12.74
C ALA E 174 -19.35 -20.84 13.06
N LYS E 175 -18.96 -21.18 14.27
CA LYS E 175 -18.87 -22.57 14.70
C LYS E 175 -20.25 -23.16 14.97
N HIS E 176 -21.09 -22.42 15.69
CA HIS E 176 -22.37 -22.91 16.17
C HIS E 176 -23.59 -22.41 15.39
N GLY E 177 -23.40 -21.39 14.56
CA GLY E 177 -24.52 -20.82 13.79
C GLY E 177 -25.28 -19.75 14.56
N THR E 178 -25.78 -18.75 13.83
CA THR E 178 -26.50 -17.62 14.41
C THR E 178 -27.97 -17.96 14.61
N PRO E 179 -28.50 -17.79 15.83
CA PRO E 179 -29.93 -17.99 16.05
C PRO E 179 -30.77 -16.86 15.47
N GLN E 180 -31.87 -17.25 14.83
CA GLN E 180 -32.76 -16.30 14.16
C GLN E 180 -33.91 -15.86 15.07
N SER E 181 -34.22 -16.66 16.09
CA SER E 181 -35.32 -16.33 17.00
C SER E 181 -35.02 -16.76 18.43
N THR E 182 -35.72 -16.15 19.37
CA THR E 182 -35.52 -16.40 20.80
C THR E 182 -35.58 -17.88 21.15
N GLU E 183 -36.53 -18.58 20.57
CA GLU E 183 -36.74 -20.00 20.85
C GLU E 183 -35.50 -20.83 20.50
N GLU E 184 -34.72 -20.36 19.53
CA GLU E 184 -33.50 -21.05 19.13
C GLU E 184 -32.38 -20.93 20.16
N LEU E 185 -32.47 -19.93 21.05
CA LEU E 185 -31.43 -19.74 22.08
C LEU E 185 -31.23 -20.97 22.96
N ALA E 186 -32.31 -21.71 23.22
CA ALA E 186 -32.24 -22.95 24.00
C ALA E 186 -31.15 -23.91 23.51
N GLY E 187 -30.85 -23.86 22.22
CA GLY E 187 -29.83 -24.71 21.61
C GLY E 187 -28.47 -24.04 21.47
N HIS E 188 -28.22 -23.03 22.29
CA HIS E 188 -26.93 -22.36 22.30
C HIS E 188 -26.42 -22.26 23.74
N GLN E 189 -25.12 -22.04 23.89
CA GLN E 189 -24.55 -21.70 25.19
C GLN E 189 -24.93 -20.26 25.49
N CYS E 190 -25.57 -20.04 26.61
CA CYS E 190 -25.84 -18.70 27.09
C CYS E 190 -25.16 -18.50 28.42
N LEU E 191 -24.32 -17.48 28.50
CA LEU E 191 -23.57 -17.20 29.70
C LEU E 191 -24.34 -16.13 30.47
N GLY E 192 -24.40 -16.30 31.79
CA GLY E 192 -25.21 -15.42 32.63
C GLY E 192 -24.59 -15.01 33.96
N PHE E 193 -25.44 -14.68 34.92
CA PHE E 193 -25.01 -14.16 36.20
C PHE E 193 -25.13 -15.20 37.30
N THR E 194 -24.21 -15.13 38.26
CA THR E 194 -24.16 -16.06 39.38
C THR E 194 -25.42 -15.96 40.23
N GLU E 195 -25.77 -14.73 40.65
CA GLU E 195 -26.94 -14.47 41.49
C GLU E 195 -28.20 -15.07 40.88
N PRO E 196 -28.82 -16.05 41.56
CA PRO E 196 -29.89 -16.89 40.98
C PRO E 196 -31.04 -16.13 40.25
N GLY E 197 -31.04 -16.20 38.91
CA GLY E 197 -32.18 -15.72 38.11
C GLY E 197 -32.31 -14.22 37.88
N SER E 198 -31.79 -13.42 38.81
CA SER E 198 -32.00 -11.97 38.81
C SER E 198 -31.81 -11.33 37.43
N LEU E 199 -30.58 -11.37 36.93
CA LEU E 199 -30.22 -10.74 35.66
C LEU E 199 -30.19 -11.76 34.50
N ASN E 200 -30.86 -12.90 34.70
CA ASN E 200 -30.91 -13.98 33.71
C ASN E 200 -32.20 -14.00 32.89
N THR E 201 -33.05 -13.00 33.09
CA THR E 201 -34.13 -12.75 32.15
C THR E 201 -33.61 -11.65 31.24
N TRP E 202 -33.38 -12.00 29.97
CA TRP E 202 -32.85 -11.05 29.00
C TRP E 202 -33.95 -10.19 28.41
N ALA E 203 -33.55 -9.09 27.78
CA ALA E 203 -34.48 -8.15 27.16
C ALA E 203 -34.82 -8.55 25.71
N VAL E 204 -34.93 -9.85 25.47
CA VAL E 204 -35.38 -10.34 24.19
C VAL E 204 -36.67 -11.14 24.42
N LEU E 205 -37.75 -10.71 23.77
CA LEU E 205 -39.07 -11.28 24.03
C LEU E 205 -39.22 -12.60 23.28
N ASP E 206 -39.92 -13.55 23.91
CA ASP E 206 -40.17 -14.87 23.31
C ASP E 206 -41.43 -14.85 22.43
N ALA E 207 -41.88 -16.02 21.98
CA ALA E 207 -43.10 -16.14 21.15
C ALA E 207 -44.31 -15.47 21.78
N GLN E 208 -44.38 -15.49 23.11
CA GLN E 208 -45.54 -15.02 23.86
C GLN E 208 -45.41 -13.54 24.22
N GLY E 209 -44.18 -13.02 24.22
CA GLY E 209 -43.92 -11.64 24.62
C GLY E 209 -43.27 -11.51 26.00
N ASN E 210 -42.93 -12.65 26.60
CA ASN E 210 -42.24 -12.66 27.90
C ASN E 210 -40.74 -12.53 27.69
N PRO E 211 -40.06 -11.75 28.54
CA PRO E 211 -38.61 -11.68 28.41
C PRO E 211 -38.00 -13.06 28.64
N TYR E 212 -37.06 -13.45 27.77
CA TYR E 212 -36.55 -14.81 27.76
C TYR E 212 -35.61 -15.07 28.93
N LYS E 213 -35.83 -16.19 29.61
CA LYS E 213 -35.02 -16.59 30.76
C LYS E 213 -34.06 -17.67 30.31
N ILE E 214 -32.77 -17.35 30.25
CA ILE E 214 -31.78 -18.33 29.82
C ILE E 214 -31.47 -19.29 30.96
N SER E 215 -30.81 -20.39 30.62
CA SER E 215 -30.30 -21.32 31.63
C SER E 215 -28.78 -21.36 31.52
N PRO E 216 -28.09 -20.44 32.22
CA PRO E 216 -26.66 -20.20 32.03
C PRO E 216 -25.80 -21.45 32.08
N HIS E 217 -24.84 -21.55 31.18
CA HIS E 217 -23.84 -22.61 31.21
C HIS E 217 -22.68 -22.12 32.06
N PHE E 218 -22.07 -21.02 31.64
CA PHE E 218 -21.09 -20.31 32.45
C PHE E 218 -21.76 -19.09 33.06
N THR E 219 -21.39 -18.82 34.31
CA THR E 219 -21.97 -17.73 35.08
C THR E 219 -20.88 -16.87 35.69
N ALA E 220 -20.89 -15.58 35.34
CA ALA E 220 -19.91 -14.62 35.86
C ALA E 220 -20.53 -13.76 36.95
N SER E 221 -19.71 -13.28 37.88
CA SER E 221 -20.17 -12.34 38.89
C SER E 221 -20.31 -10.91 38.35
N SER E 222 -19.75 -10.65 37.17
CA SER E 222 -19.73 -9.31 36.58
C SER E 222 -19.97 -9.33 35.07
N GLY E 223 -20.52 -8.24 34.55
CA GLY E 223 -20.73 -8.09 33.11
C GLY E 223 -19.43 -8.05 32.31
N GLU E 224 -18.38 -7.49 32.89
CA GLU E 224 -17.09 -7.44 32.22
C GLU E 224 -16.48 -8.84 32.08
N ILE E 225 -16.67 -9.68 33.10
CA ILE E 225 -16.27 -11.08 32.97
C ILE E 225 -17.01 -11.75 31.80
N LEU E 226 -18.33 -11.58 31.73
CA LEU E 226 -19.12 -12.14 30.63
C LEU E 226 -18.62 -11.61 29.29
N ARG E 227 -18.59 -10.29 29.13
CA ARG E 227 -18.10 -9.67 27.91
C ARG E 227 -16.82 -10.35 27.40
N SER E 228 -15.91 -10.65 28.33
CA SER E 228 -14.64 -11.28 27.97
C SER E 228 -14.85 -12.72 27.53
N LEU E 229 -15.68 -13.46 28.26
CA LEU E 229 -16.03 -14.84 27.88
C LEU E 229 -16.67 -14.84 26.49
N CYS E 230 -17.62 -13.94 26.30
CA CYS E 230 -18.30 -13.76 25.02
C CYS E 230 -17.31 -13.47 23.88
N LEU E 231 -16.31 -12.64 24.15
CA LEU E 231 -15.29 -12.31 23.15
C LEU E 231 -14.41 -13.51 22.84
N SER E 232 -14.18 -14.35 23.86
CA SER E 232 -13.36 -15.54 23.70
C SER E 232 -14.14 -16.70 23.10
N GLY E 233 -15.45 -16.51 22.93
CA GLY E 233 -16.29 -17.42 22.14
C GLY E 233 -17.14 -18.40 22.94
N CYS E 234 -17.28 -18.17 24.24
CA CYS E 234 -17.93 -19.12 25.13
C CYS E 234 -19.45 -19.13 25.05
N GLY E 235 -20.04 -18.16 24.33
CA GLY E 235 -21.48 -18.18 24.07
C GLY E 235 -22.11 -16.84 23.82
N ILE E 236 -23.43 -16.84 23.81
CA ILE E 236 -24.20 -15.63 23.57
C ILE E 236 -24.41 -15.00 24.94
N VAL E 237 -24.23 -13.69 25.02
CA VAL E 237 -24.52 -12.95 26.27
C VAL E 237 -25.37 -11.73 25.97
N CYS E 238 -25.98 -11.20 27.02
CA CYS E 238 -26.77 -9.98 26.91
C CYS E 238 -26.33 -9.00 27.98
N LEU E 239 -25.62 -7.95 27.57
CA LEU E 239 -25.12 -6.93 28.48
C LEU E 239 -25.60 -5.56 28.00
N SER E 240 -25.31 -4.52 28.77
CA SER E 240 -25.73 -3.17 28.41
C SER E 240 -24.89 -2.68 27.24
N ASP E 241 -25.36 -1.63 26.59
CA ASP E 241 -24.78 -1.18 25.32
C ASP E 241 -23.32 -0.70 25.42
N PHE E 242 -23.06 0.26 26.30
CA PHE E 242 -21.72 0.87 26.46
C PHE E 242 -20.63 -0.17 26.68
N LEU E 243 -21.00 -1.28 27.29
CA LEU E 243 -20.09 -2.38 27.55
C LEU E 243 -19.57 -3.05 26.25
N VAL E 244 -20.39 -3.11 25.19
CA VAL E 244 -20.05 -3.87 23.96
C VAL E 244 -20.18 -3.14 22.61
N ASP E 245 -20.53 -1.85 22.62
CA ASP E 245 -20.81 -1.13 21.37
C ASP E 245 -19.59 -0.86 20.49
N ASN E 246 -18.42 -0.75 21.11
CA ASN E 246 -17.17 -0.56 20.37
C ASN E 246 -16.77 -1.86 19.67
N ASP E 247 -17.05 -2.97 20.34
CA ASP E 247 -16.75 -4.30 19.81
C ASP E 247 -17.63 -4.62 18.61
N ILE E 248 -18.90 -4.22 18.72
CA ILE E 248 -19.81 -4.23 17.58
C ILE E 248 -19.21 -3.41 16.46
N ALA E 249 -18.83 -2.18 16.79
CA ALA E 249 -18.18 -1.28 15.83
C ALA E 249 -16.92 -1.91 15.23
N GLU E 250 -16.11 -2.57 16.06
CA GLU E 250 -14.86 -3.20 15.60
C GLU E 250 -15.08 -4.55 14.93
N GLY E 251 -16.32 -5.06 14.99
CA GLY E 251 -16.63 -6.37 14.45
C GLY E 251 -16.07 -7.48 15.30
N LYS E 252 -15.92 -7.21 16.59
CA LYS E 252 -15.43 -8.21 17.55
C LYS E 252 -16.60 -9.00 18.13
N LEU E 253 -17.72 -8.31 18.35
CA LEU E 253 -18.98 -8.95 18.72
C LEU E 253 -20.05 -8.64 17.67
N ILE E 254 -21.09 -9.46 17.66
CA ILE E 254 -22.15 -9.38 16.66
C ILE E 254 -23.51 -9.36 17.35
N PRO E 255 -24.39 -8.40 17.00
CA PRO E 255 -25.73 -8.49 17.59
C PRO E 255 -26.54 -9.66 17.02
N LEU E 256 -27.24 -10.35 17.91
CA LEU E 256 -28.14 -11.44 17.55
C LEU E 256 -29.54 -11.02 17.94
N LEU E 257 -30.53 -11.51 17.20
CA LEU E 257 -31.93 -11.29 17.55
C LEU E 257 -32.15 -9.78 17.75
N ALA E 258 -31.61 -9.00 16.82
CA ALA E 258 -31.59 -7.55 16.92
C ALA E 258 -33.00 -6.98 16.91
N GLU E 259 -33.78 -7.34 15.89
CA GLU E 259 -35.17 -6.93 15.80
C GLU E 259 -35.97 -7.39 17.01
N GLN E 260 -35.71 -8.62 17.47
CA GLN E 260 -36.42 -9.19 18.63
C GLN E 260 -35.86 -8.68 19.98
N THR E 261 -34.72 -8.00 19.96
CA THR E 261 -34.13 -7.38 21.17
C THR E 261 -34.83 -6.07 21.52
N SER E 262 -35.12 -5.89 22.81
CA SER E 262 -35.85 -4.72 23.31
C SER E 262 -35.12 -3.39 23.08
N ASP E 263 -35.87 -2.29 23.24
CA ASP E 263 -35.33 -0.95 23.03
C ASP E 263 -35.63 0.01 24.18
N LYS E 264 -36.13 -0.51 25.31
CA LYS E 264 -36.37 0.32 26.48
C LYS E 264 -35.07 0.52 27.23
N THR E 265 -34.71 1.78 27.45
CA THR E 265 -33.44 2.10 28.07
C THR E 265 -33.53 2.00 29.57
N HIS E 266 -32.39 1.82 30.23
CA HIS E 266 -32.31 1.86 31.67
C HIS E 266 -31.26 2.89 32.07
N PRO E 267 -31.55 3.70 33.11
CA PRO E 267 -30.73 4.86 33.44
C PRO E 267 -29.55 4.58 34.37
N PHE E 268 -28.44 5.29 34.12
CA PHE E 268 -27.29 5.33 35.03
C PHE E 268 -27.16 6.71 35.64
N ASN E 269 -27.17 6.74 36.97
CA ASN E 269 -27.02 7.98 37.71
C ASN E 269 -25.66 8.03 38.41
N ALA E 270 -25.31 9.23 38.88
CA ALA E 270 -24.20 9.43 39.80
C ALA E 270 -24.80 9.80 41.14
N VAL E 271 -24.57 8.98 42.16
CA VAL E 271 -25.25 9.12 43.45
C VAL E 271 -24.28 9.65 44.50
N TYR E 272 -24.78 10.56 45.33
CA TYR E 272 -23.94 11.33 46.25
C TYR E 272 -24.84 12.17 47.17
N TYR E 273 -24.38 12.48 48.37
CA TYR E 273 -25.15 13.29 49.32
C TYR E 273 -25.42 14.69 48.78
N SER E 274 -26.53 15.29 49.19
CA SER E 274 -26.91 16.62 48.72
C SER E 274 -26.02 17.71 49.33
N ASP E 275 -25.65 17.55 50.59
CA ASP E 275 -24.76 18.49 51.28
C ASP E 275 -23.37 18.56 50.66
N LYS E 276 -22.94 17.45 50.06
CA LYS E 276 -21.62 17.34 49.42
C LYS E 276 -21.57 18.11 48.09
N ALA E 277 -22.73 18.42 47.53
CA ALA E 277 -22.84 19.20 46.29
C ALA E 277 -22.30 20.62 46.42
N VAL E 278 -22.31 21.15 47.65
CA VAL E 278 -21.71 22.46 47.93
C VAL E 278 -20.21 22.48 47.60
N ASN E 279 -19.61 21.30 47.51
CA ASN E 279 -18.22 21.14 47.13
C ASN E 279 -18.02 21.40 45.63
N LEU E 280 -16.94 22.09 45.28
CA LEU E 280 -16.66 22.42 43.88
C LEU E 280 -16.09 21.22 43.14
N ARG E 281 -15.28 20.41 43.82
CA ARG E 281 -14.49 19.38 43.15
C ARG E 281 -15.38 18.27 42.63
N LEU E 282 -16.45 17.99 43.37
CA LEU E 282 -17.48 17.07 42.92
C LEU E 282 -18.26 17.73 41.79
N ARG E 283 -18.64 18.98 42.00
CA ARG E 283 -19.50 19.71 41.07
C ARG E 283 -18.94 19.71 39.64
N VAL E 284 -17.63 19.92 39.52
CA VAL E 284 -16.99 19.98 38.20
C VAL E 284 -16.79 18.60 37.61
N PHE E 285 -16.78 17.58 38.46
CA PHE E 285 -16.67 16.22 37.99
C PHE E 285 -17.98 15.75 37.38
N LEU E 286 -19.08 16.11 38.03
CA LEU E 286 -20.40 15.79 37.50
C LEU E 286 -20.64 16.52 36.19
N ASP E 287 -20.67 17.86 36.24
CA ASP E 287 -20.91 18.64 35.04
C ASP E 287 -20.09 18.12 33.86
N PHE E 288 -18.87 17.63 34.14
CA PHE E 288 -18.01 17.02 33.13
C PHE E 288 -18.56 15.68 32.62
N LEU E 289 -19.03 14.84 33.52
CA LEU E 289 -19.58 13.55 33.11
C LEU E 289 -20.87 13.73 32.30
N VAL E 290 -21.79 14.56 32.77
CA VAL E 290 -23.06 14.75 32.04
C VAL E 290 -22.90 15.48 30.71
N GLU E 291 -21.74 16.08 30.48
CA GLU E 291 -21.39 16.64 29.18
C GLU E 291 -20.81 15.54 28.30
N GLU E 292 -19.82 14.82 28.82
CA GLU E 292 -19.11 13.80 28.06
C GLU E 292 -19.90 12.51 27.90
N LEU E 293 -21.04 12.39 28.58
CA LEU E 293 -21.87 11.19 28.50
C LEU E 293 -23.32 11.46 28.16
N GLY E 294 -23.77 12.71 28.29
CA GLY E 294 -25.20 13.02 28.23
C GLY E 294 -25.69 13.53 26.88
N ASN E 295 -25.51 12.73 25.83
CA ASN E 295 -25.97 13.05 24.47
C ASN E 295 -25.23 14.22 23.78
N ASN E 296 -24.17 14.74 24.40
CA ASN E 296 -23.55 16.01 23.98
C ASN E 296 -24.59 17.12 23.82
N LEU E 297 -25.53 17.14 24.76
CA LEU E 297 -26.66 18.07 24.74
C LEU E 297 -26.20 19.51 24.95
N LYS F 2 18.99 -40.75 42.65
CA LYS F 2 19.11 -41.19 44.08
C LYS F 2 18.05 -40.57 44.97
N THR F 3 17.39 -39.52 44.48
CA THR F 3 16.29 -38.87 45.20
C THR F 3 15.02 -39.72 45.12
N ASN F 4 13.99 -39.31 45.86
CA ASN F 4 12.65 -39.93 45.80
C ASN F 4 11.54 -38.88 45.91
N SER F 5 10.29 -39.30 45.79
CA SER F 5 9.16 -38.37 45.72
C SER F 5 8.81 -37.77 47.08
N GLU F 6 8.89 -38.58 48.12
CA GLU F 6 8.54 -38.13 49.47
C GLU F 6 9.37 -36.92 49.87
N GLU F 7 10.65 -36.91 49.52
CA GLU F 7 11.53 -35.81 49.90
C GLU F 7 11.32 -34.56 49.04
N LEU F 8 10.94 -34.75 47.78
CA LEU F 8 10.53 -33.61 46.96
C LEU F 8 9.30 -32.95 47.60
N THR F 9 8.28 -33.76 47.86
CA THR F 9 7.03 -33.25 48.43
C THR F 9 7.20 -32.63 49.83
N VAL F 10 8.24 -33.04 50.57
CA VAL F 10 8.57 -32.37 51.84
C VAL F 10 9.18 -31.01 51.54
N PHE F 11 10.30 -31.02 50.85
CA PHE F 11 11.02 -29.79 50.50
C PHE F 11 10.12 -28.73 49.87
N VAL F 12 9.29 -29.15 48.90
CA VAL F 12 8.42 -28.21 48.21
C VAL F 12 7.38 -27.59 49.16
N GLN F 13 6.91 -28.37 50.13
CA GLN F 13 6.02 -27.83 51.16
C GLN F 13 6.80 -26.86 52.04
N VAL F 14 7.88 -27.35 52.65
CA VAL F 14 8.73 -26.54 53.54
C VAL F 14 8.98 -25.13 53.01
N VAL F 15 9.43 -25.04 51.77
CA VAL F 15 9.67 -23.76 51.14
C VAL F 15 8.36 -22.95 51.01
N GLU F 16 7.40 -23.51 50.27
CA GLU F 16 6.18 -22.77 49.94
C GLU F 16 5.22 -22.56 51.11
N SER F 17 5.34 -23.39 52.15
CA SER F 17 4.44 -23.30 53.31
C SER F 17 4.98 -22.43 54.45
N GLY F 18 5.85 -21.48 54.13
CA GLY F 18 6.43 -20.58 55.11
C GLY F 18 7.58 -21.22 55.86
N SER F 19 7.40 -21.43 57.17
CA SER F 19 8.48 -21.84 58.07
C SER F 19 8.86 -23.30 57.89
N PHE F 20 9.77 -23.77 58.74
CA PHE F 20 10.19 -25.17 58.74
C PHE F 20 9.29 -25.99 59.66
N SER F 21 9.01 -25.46 60.85
CA SER F 21 8.13 -26.11 61.81
C SER F 21 6.66 -26.01 61.41
N ARG F 22 6.33 -25.04 60.57
CA ARG F 22 4.96 -24.79 60.11
C ARG F 22 4.55 -25.76 58.99
N ALA F 23 5.53 -26.31 58.28
CA ALA F 23 5.27 -27.25 57.21
C ALA F 23 4.83 -28.61 57.74
N ALA F 24 5.55 -29.10 58.75
CA ALA F 24 5.33 -30.43 59.31
C ALA F 24 3.94 -30.62 59.90
N GLU F 25 3.34 -29.54 60.39
CA GLU F 25 1.99 -29.58 60.98
C GLU F 25 0.88 -29.49 59.94
N GLN F 26 1.23 -29.13 58.70
CA GLN F 26 0.32 -29.24 57.55
C GLN F 26 0.59 -30.52 56.75
N LEU F 27 1.82 -31.01 56.82
CA LEU F 27 2.23 -32.22 56.11
C LEU F 27 1.97 -33.47 56.96
N ALA F 28 1.47 -33.28 58.19
CA ALA F 28 1.21 -34.38 59.11
C ALA F 28 2.50 -35.15 59.40
N MET F 29 3.51 -34.44 59.91
CA MET F 29 4.81 -35.02 60.24
C MET F 29 5.42 -34.31 61.44
N ALA F 30 6.42 -34.96 62.03
CA ALA F 30 7.17 -34.37 63.14
C ALA F 30 8.17 -33.35 62.62
N ASN F 31 8.41 -32.31 63.41
CA ASN F 31 9.44 -31.32 63.08
C ASN F 31 10.82 -31.98 63.05
N SER F 32 10.96 -33.07 63.81
CA SER F 32 12.17 -33.90 63.77
C SER F 32 12.31 -34.59 62.41
N ALA F 33 11.22 -35.22 61.97
CA ALA F 33 11.22 -36.00 60.71
C ALA F 33 11.40 -35.13 59.47
N VAL F 34 10.75 -33.96 59.44
CA VAL F 34 10.88 -33.03 58.32
C VAL F 34 12.31 -32.52 58.16
N SER F 35 13.00 -32.32 59.27
CA SER F 35 14.39 -31.85 59.25
C SER F 35 15.35 -32.95 58.81
N ARG F 36 15.06 -34.18 59.22
CA ARG F 36 15.82 -35.36 58.78
C ARG F 36 15.79 -35.49 57.25
N ILE F 37 14.61 -35.28 56.67
CA ILE F 37 14.40 -35.42 55.22
C ILE F 37 15.09 -34.33 54.41
N VAL F 38 14.97 -33.07 54.83
CA VAL F 38 15.63 -31.96 54.11
C VAL F 38 17.15 -32.02 54.29
N LYS F 39 17.61 -32.50 55.45
CA LYS F 39 19.04 -32.77 55.67
C LYS F 39 19.50 -33.92 54.78
N ARG F 40 18.64 -34.93 54.62
CA ARG F 40 18.91 -36.04 53.71
C ARG F 40 18.94 -35.55 52.26
N LEU F 41 17.95 -34.76 51.88
CA LEU F 41 17.82 -34.29 50.50
C LEU F 41 19.06 -33.49 50.10
N GLU F 42 19.44 -32.55 50.96
CA GLU F 42 20.64 -31.74 50.73
C GLU F 42 21.92 -32.57 50.73
N GLU F 43 21.96 -33.62 51.56
CA GLU F 43 23.12 -34.51 51.62
C GLU F 43 23.38 -35.17 50.26
N LYS F 44 22.37 -35.86 49.74
CA LYS F 44 22.52 -36.61 48.48
C LYS F 44 22.63 -35.71 47.25
N LEU F 45 22.00 -34.54 47.28
CA LEU F 45 22.18 -33.55 46.23
C LEU F 45 23.54 -32.87 46.37
N GLY F 46 23.92 -32.61 47.62
CA GLY F 46 25.19 -31.97 47.92
C GLY F 46 25.14 -30.47 47.73
N VAL F 47 23.97 -29.88 47.91
CA VAL F 47 23.79 -28.44 47.74
C VAL F 47 22.84 -27.90 48.79
N ASN F 48 23.10 -26.67 49.24
CA ASN F 48 22.24 -25.99 50.19
C ASN F 48 20.97 -25.48 49.53
N LEU F 49 19.84 -25.87 50.10
CA LEU F 49 18.54 -25.27 49.82
C LEU F 49 18.14 -24.37 51.00
N LEU F 50 18.56 -24.76 52.20
CA LEU F 50 18.28 -24.01 53.41
C LEU F 50 19.18 -22.78 53.50
N ASN F 51 18.65 -21.71 54.09
CA ASN F 51 19.45 -20.57 54.50
C ASN F 51 18.93 -20.09 55.86
N ARG F 52 19.38 -20.79 56.90
CA ARG F 52 18.92 -20.56 58.27
C ARG F 52 19.53 -19.29 58.87
N THR F 53 20.48 -18.68 58.15
CA THR F 53 21.08 -17.41 58.54
C THR F 53 20.04 -16.28 58.55
N THR F 54 19.07 -16.37 57.63
CA THR F 54 17.90 -15.49 57.65
C THR F 54 16.96 -15.94 58.78
N ARG F 55 16.27 -14.98 59.41
CA ARG F 55 15.30 -15.31 60.47
C ARG F 55 14.40 -16.45 60.01
N GLN F 56 13.74 -16.23 58.86
CA GLN F 56 12.97 -17.27 58.18
C GLN F 56 13.89 -17.94 57.16
N LEU F 57 13.66 -19.23 56.90
CA LEU F 57 14.48 -19.97 55.93
C LEU F 57 14.36 -19.36 54.53
N SER F 58 15.51 -19.01 53.96
CA SER F 58 15.59 -18.40 52.63
C SER F 58 16.15 -19.40 51.62
N LEU F 59 15.77 -19.23 50.37
CA LEU F 59 16.18 -20.16 49.31
C LEU F 59 17.55 -19.82 48.74
N THR F 60 18.51 -20.71 48.98
CA THR F 60 19.80 -20.64 48.33
C THR F 60 19.58 -20.41 46.85
N GLU F 61 20.20 -19.36 46.32
CA GLU F 61 20.09 -19.04 44.89
C GLU F 61 20.31 -20.28 44.02
N GLU F 62 21.14 -21.21 44.48
CA GLU F 62 21.32 -22.50 43.81
C GLU F 62 20.19 -23.48 44.11
N GLY F 63 19.83 -23.58 45.39
CA GLY F 63 18.73 -24.44 45.83
C GLY F 63 17.34 -23.94 45.42
N ALA F 64 17.25 -22.66 45.08
CA ALA F 64 16.01 -22.07 44.58
C ALA F 64 15.62 -22.65 43.22
N GLN F 65 16.61 -23.09 42.43
CA GLN F 65 16.34 -23.75 41.15
C GLN F 65 15.72 -25.13 41.34
N TYR F 66 16.28 -25.90 42.27
CA TYR F 66 15.75 -27.23 42.58
C TYR F 66 14.29 -27.19 43.02
N PHE F 67 13.91 -26.12 43.72
CA PHE F 67 12.51 -25.95 44.10
C PHE F 67 11.61 -25.91 42.87
N ARG F 68 11.86 -24.97 41.97
CA ARG F 68 11.00 -24.83 40.79
C ARG F 68 11.16 -25.99 39.79
N ARG F 69 12.19 -26.82 39.95
CA ARG F 69 12.28 -28.10 39.24
C ARG F 69 11.44 -29.14 39.99
N ALA F 70 11.62 -29.19 41.30
CA ALA F 70 10.90 -30.12 42.18
C ALA F 70 9.39 -29.86 42.20
N GLN F 71 9.02 -28.61 41.93
CA GLN F 71 7.63 -28.17 41.99
C GLN F 71 6.85 -28.73 40.80
N ARG F 72 7.41 -28.59 39.60
CA ARG F 72 6.80 -29.16 38.40
C ARG F 72 6.70 -30.68 38.44
N ILE F 73 7.79 -31.36 38.81
CA ILE F 73 7.77 -32.82 38.86
C ILE F 73 6.52 -33.27 39.61
N LEU F 74 6.29 -32.68 40.78
CA LEU F 74 5.12 -32.97 41.59
C LEU F 74 3.83 -32.56 40.90
N GLN F 75 3.81 -31.39 40.25
CA GLN F 75 2.64 -30.98 39.46
C GLN F 75 2.28 -31.98 38.38
N GLU F 76 3.28 -32.34 37.58
CA GLU F 76 3.13 -33.35 36.54
C GLU F 76 2.67 -34.66 37.17
N MET F 77 3.42 -35.11 38.15
CA MET F 77 3.12 -36.34 38.90
C MET F 77 1.67 -36.39 39.43
N ALA F 78 1.07 -35.23 39.69
CA ALA F 78 -0.35 -35.17 40.10
C ALA F 78 -1.31 -35.11 38.91
N ALA F 79 -0.82 -34.65 37.76
CA ALA F 79 -1.61 -34.62 36.52
C ALA F 79 -1.80 -36.02 35.94
N ALA F 80 -0.72 -36.80 35.93
CA ALA F 80 -0.78 -38.19 35.50
C ALA F 80 -1.92 -38.90 36.18
N GLU F 81 -1.99 -38.75 37.51
CA GLU F 81 -3.04 -39.38 38.31
C GLU F 81 -4.44 -38.97 37.88
N THR F 82 -4.73 -37.67 37.94
CA THR F 82 -6.05 -37.15 37.58
C THR F 82 -6.41 -37.60 36.17
N GLU F 83 -5.42 -37.57 35.29
CA GLU F 83 -5.58 -38.01 33.90
C GLU F 83 -6.10 -39.45 33.82
N MET F 84 -5.57 -40.33 34.68
CA MET F 84 -6.03 -41.71 34.76
C MET F 84 -7.44 -41.80 35.33
N LEU F 85 -7.67 -41.12 36.46
CA LEU F 85 -9.01 -41.01 37.05
C LEU F 85 -10.05 -40.45 36.08
N ALA F 86 -9.61 -39.55 35.19
CA ALA F 86 -10.48 -38.87 34.23
C ALA F 86 -11.17 -39.83 33.27
N VAL F 87 -10.50 -40.92 32.93
CA VAL F 87 -11.00 -41.88 31.95
C VAL F 87 -12.24 -42.65 32.42
N HIS F 88 -12.39 -42.78 33.75
CA HIS F 88 -13.57 -43.42 34.32
C HIS F 88 -14.73 -42.44 34.42
N GLU F 89 -14.59 -41.45 35.31
CA GLU F 89 -15.68 -40.50 35.59
C GLU F 89 -15.62 -39.26 34.71
N ILE F 90 -16.74 -38.96 34.04
CA ILE F 90 -16.93 -37.72 33.32
C ILE F 90 -17.25 -36.64 34.36
N PRO F 91 -16.30 -35.73 34.62
CA PRO F 91 -16.46 -34.73 35.67
C PRO F 91 -17.54 -33.71 35.34
N GLN F 92 -18.42 -33.41 36.31
CA GLN F 92 -19.55 -32.55 36.02
C GLN F 92 -19.93 -31.57 37.14
N GLY F 93 -21.01 -30.83 36.92
CA GLY F 93 -21.57 -29.94 37.92
C GLY F 93 -20.92 -28.56 37.92
N VAL F 94 -21.25 -27.77 38.94
CA VAL F 94 -20.75 -26.39 39.04
C VAL F 94 -19.36 -26.36 39.68
N LEU F 95 -18.47 -25.56 39.10
CA LEU F 95 -17.14 -25.32 39.68
C LEU F 95 -16.98 -23.82 39.89
N SER F 96 -16.94 -23.39 41.14
CA SER F 96 -16.91 -21.97 41.49
C SER F 96 -15.47 -21.51 41.62
N VAL F 97 -15.01 -20.68 40.68
CA VAL F 97 -13.67 -20.12 40.73
C VAL F 97 -13.69 -18.63 41.05
N ASP F 98 -13.11 -18.28 42.19
CA ASP F 98 -13.03 -16.89 42.65
C ASP F 98 -11.64 -16.34 42.42
N SER F 99 -11.51 -15.47 41.44
CA SER F 99 -10.22 -14.87 41.09
C SER F 99 -10.29 -13.36 41.14
N ALA F 100 -9.11 -12.76 40.96
CA ALA F 100 -8.99 -11.33 40.78
C ALA F 100 -9.48 -10.95 39.39
N MET F 101 -10.09 -9.76 39.29
CA MET F 101 -10.61 -9.26 38.02
C MET F 101 -9.62 -9.36 36.87
N PRO F 102 -8.32 -9.13 37.13
CA PRO F 102 -7.34 -9.26 36.06
C PRO F 102 -7.09 -10.70 35.58
N MET F 103 -6.93 -11.63 36.51
CA MET F 103 -6.66 -13.03 36.16
C MET F 103 -7.80 -13.62 35.33
N VAL F 104 -9.02 -13.38 35.80
CA VAL F 104 -10.22 -13.81 35.10
C VAL F 104 -10.31 -13.21 33.71
N LEU F 105 -10.25 -11.89 33.61
CA LEU F 105 -10.36 -11.22 32.32
C LEU F 105 -9.20 -11.53 31.37
N HIS F 106 -8.07 -12.01 31.88
CA HIS F 106 -6.87 -12.19 31.07
C HIS F 106 -6.32 -13.59 30.93
N LEU F 107 -6.60 -14.44 31.92
CA LEU F 107 -6.05 -15.81 31.93
C LEU F 107 -7.13 -16.86 31.74
N LEU F 108 -8.19 -16.78 32.55
CA LEU F 108 -9.31 -17.70 32.44
C LEU F 108 -10.16 -17.41 31.19
N ALA F 109 -10.75 -16.22 31.13
CA ALA F 109 -11.69 -15.86 30.05
C ALA F 109 -11.28 -16.39 28.69
N PRO F 110 -10.03 -16.14 28.25
CA PRO F 110 -9.60 -16.63 26.94
C PRO F 110 -9.41 -18.14 26.88
N LEU F 111 -9.02 -18.76 28.00
CA LEU F 111 -8.83 -20.20 28.05
C LEU F 111 -10.11 -20.96 28.39
N ALA F 112 -11.19 -20.22 28.64
CA ALA F 112 -12.47 -20.84 29.02
C ALA F 112 -13.04 -21.68 27.90
N ALA F 113 -12.99 -21.14 26.69
CA ALA F 113 -13.49 -21.82 25.49
C ALA F 113 -12.94 -23.23 25.39
N LYS F 114 -11.62 -23.34 25.40
CA LYS F 114 -10.94 -24.63 25.25
C LYS F 114 -11.31 -25.62 26.35
N PHE F 115 -11.40 -25.13 27.59
CA PHE F 115 -11.80 -25.95 28.73
C PHE F 115 -13.24 -26.43 28.59
N ASN F 116 -14.13 -25.50 28.22
CA ASN F 116 -15.53 -25.79 27.92
C ASN F 116 -15.66 -26.99 27.00
N GLU F 117 -14.99 -26.92 25.85
CA GLU F 117 -15.00 -28.02 24.90
C GLU F 117 -14.48 -29.30 25.52
N ARG F 118 -13.41 -29.18 26.30
CA ARG F 118 -12.71 -30.35 26.83
C ARG F 118 -13.50 -31.10 27.90
N TYR F 119 -14.20 -30.38 28.77
CA TYR F 119 -15.05 -30.99 29.80
C TYR F 119 -16.41 -30.30 29.82
N PRO F 120 -17.25 -30.55 28.80
CA PRO F 120 -18.49 -29.79 28.62
C PRO F 120 -19.47 -29.87 29.78
N HIS F 121 -19.31 -30.88 30.63
CA HIS F 121 -20.22 -31.07 31.76
C HIS F 121 -19.78 -30.38 33.06
N ILE F 122 -18.70 -29.59 33.02
CA ILE F 122 -18.36 -28.68 34.11
C ILE F 122 -18.92 -27.29 33.80
N ARG F 123 -19.87 -26.85 34.62
CA ARG F 123 -20.45 -25.52 34.49
C ARG F 123 -19.66 -24.53 35.34
N LEU F 124 -18.68 -23.88 34.75
CA LEU F 124 -17.86 -22.92 35.49
C LEU F 124 -18.70 -21.76 36.01
N SER F 125 -18.40 -21.35 37.24
CA SER F 125 -18.97 -20.12 37.79
C SER F 125 -17.81 -19.23 38.22
N LEU F 126 -17.59 -18.16 37.47
CA LEU F 126 -16.50 -17.23 37.73
C LEU F 126 -16.98 -16.11 38.62
N VAL F 127 -16.37 -15.98 39.80
CA VAL F 127 -16.69 -14.90 40.73
C VAL F 127 -15.45 -14.07 41.04
N SER F 128 -15.67 -12.96 41.74
CA SER F 128 -14.58 -12.11 42.19
C SER F 128 -14.93 -11.48 43.56
N SER F 129 -14.29 -12.02 44.60
CA SER F 129 -14.31 -11.42 45.94
C SER F 129 -12.88 -11.06 46.30
N GLU F 130 -12.70 -10.27 47.36
CA GLU F 130 -11.40 -9.71 47.68
C GLU F 130 -10.68 -10.48 48.79
N GLY F 131 -11.42 -10.99 49.76
CA GLY F 131 -10.84 -11.81 50.83
C GLY F 131 -10.84 -13.29 50.50
N TYR F 132 -10.30 -14.08 51.42
CA TYR F 132 -10.44 -15.55 51.37
C TYR F 132 -11.62 -15.98 52.25
N ILE F 133 -12.57 -15.06 52.47
CA ILE F 133 -13.63 -15.28 53.44
C ILE F 133 -14.47 -16.46 52.97
N ASN F 134 -15.04 -16.29 51.79
CA ASN F 134 -15.98 -17.23 51.22
C ASN F 134 -15.31 -18.50 50.68
N LEU F 135 -14.00 -18.45 50.46
CA LEU F 135 -13.26 -19.68 50.18
C LEU F 135 -13.28 -20.55 51.43
N ILE F 136 -13.08 -19.91 52.59
CA ILE F 136 -13.05 -20.62 53.87
C ILE F 136 -14.42 -21.13 54.28
N GLU F 137 -15.46 -20.34 54.00
CA GLU F 137 -16.83 -20.74 54.29
C GLU F 137 -17.35 -21.84 53.33
N ARG F 138 -16.58 -22.14 52.28
CA ARG F 138 -16.94 -23.16 51.28
C ARG F 138 -18.06 -22.69 50.35
N LYS F 139 -18.20 -21.37 50.19
CA LYS F 139 -19.12 -20.78 49.22
C LYS F 139 -18.49 -20.68 47.83
N VAL F 140 -17.21 -21.01 47.75
CA VAL F 140 -16.47 -21.09 46.49
C VAL F 140 -15.57 -22.31 46.58
N ASP F 141 -15.26 -22.92 45.45
CA ASP F 141 -14.51 -24.18 45.42
C ASP F 141 -13.00 -23.93 45.44
N ILE F 142 -12.58 -22.83 44.83
CA ILE F 142 -11.17 -22.58 44.57
C ILE F 142 -10.98 -21.09 44.32
N ALA F 143 -9.88 -20.53 44.82
CA ALA F 143 -9.58 -19.10 44.63
C ALA F 143 -8.20 -18.93 44.01
N LEU F 144 -8.15 -18.25 42.86
CA LEU F 144 -6.87 -17.89 42.25
C LEU F 144 -6.47 -16.53 42.79
N ARG F 145 -5.27 -16.44 43.36
CA ARG F 145 -4.78 -15.21 43.93
C ARG F 145 -3.33 -14.99 43.55
N ALA F 146 -2.85 -13.77 43.78
CA ALA F 146 -1.42 -13.50 43.84
C ALA F 146 -1.04 -13.77 45.29
N GLY F 147 -1.28 -15.00 45.73
CA GLY F 147 -1.40 -15.30 47.14
C GLY F 147 -0.15 -15.88 47.73
N GLU F 148 0.51 -15.09 48.56
CA GLU F 148 1.66 -15.54 49.34
C GLU F 148 1.29 -15.59 50.83
N LEU F 149 -0.01 -15.48 51.11
CA LEU F 149 -0.53 -15.40 52.48
C LEU F 149 -1.54 -16.53 52.78
N ASP F 150 -1.55 -17.56 51.93
CA ASP F 150 -2.43 -18.71 52.10
C ASP F 150 -1.73 -19.74 52.99
N ASP F 151 -2.05 -19.71 54.29
CA ASP F 151 -1.37 -20.55 55.27
C ASP F 151 -2.33 -21.06 56.36
N SER F 152 -3.54 -21.42 55.96
CA SER F 152 -4.55 -21.90 56.90
C SER F 152 -4.89 -23.37 56.65
N GLY F 153 -3.88 -24.18 56.38
CA GLY F 153 -4.06 -25.60 56.09
C GLY F 153 -4.93 -25.89 54.86
N LEU F 154 -4.91 -24.96 53.91
CA LEU F 154 -5.69 -25.04 52.68
C LEU F 154 -4.73 -25.16 51.50
N ARG F 155 -4.40 -26.40 51.13
CA ARG F 155 -3.34 -26.65 50.15
C ARG F 155 -3.47 -25.76 48.91
N ALA F 156 -2.35 -25.14 48.54
CA ALA F 156 -2.32 -24.21 47.40
C ALA F 156 -1.40 -24.74 46.30
N ARG F 157 -1.86 -24.65 45.06
CA ARG F 157 -1.10 -25.13 43.90
C ARG F 157 -0.58 -23.94 43.12
N HIS F 158 0.61 -24.11 42.54
CA HIS F 158 1.29 -23.04 41.84
C HIS F 158 0.91 -22.98 40.37
N LEU F 159 0.18 -21.93 39.98
CA LEU F 159 -0.23 -21.76 38.60
C LEU F 159 0.92 -21.23 37.75
N PHE F 160 1.47 -20.07 38.11
CA PHE F 160 2.55 -19.45 37.32
C PHE F 160 3.29 -18.31 38.04
N ASP F 161 4.55 -18.11 37.68
CA ASP F 161 5.37 -16.98 38.14
C ASP F 161 5.31 -15.83 37.12
N SER F 162 5.33 -14.60 37.63
CA SER F 162 5.11 -13.42 36.79
C SER F 162 6.06 -12.27 37.14
N ARG F 163 6.41 -11.49 36.12
CA ARG F 163 7.21 -10.28 36.30
C ARG F 163 6.32 -9.04 36.24
N PHE F 164 6.77 -7.97 36.89
CA PHE F 164 6.16 -6.65 36.72
C PHE F 164 6.67 -6.04 35.43
N ARG F 165 5.97 -5.02 34.96
CA ARG F 165 6.47 -4.19 33.88
C ARG F 165 5.93 -2.76 34.01
N VAL F 166 6.80 -1.77 33.91
CA VAL F 166 6.38 -0.38 33.80
C VAL F 166 6.12 -0.12 32.33
N ILE F 167 4.95 0.45 32.04
CA ILE F 167 4.51 0.70 30.67
C ILE F 167 3.64 1.94 30.60
N ALA F 168 3.51 2.48 29.39
CA ALA F 168 2.67 3.66 29.16
C ALA F 168 2.14 3.73 27.74
N SER F 169 1.14 4.57 27.55
CA SER F 169 0.52 4.79 26.25
C SER F 169 1.46 5.52 25.29
N PRO F 170 1.49 5.12 24.01
CA PRO F 170 2.21 5.90 23.01
C PRO F 170 1.71 7.35 22.95
N GLU F 171 0.40 7.54 23.13
CA GLU F 171 -0.20 8.87 23.15
C GLU F 171 0.39 9.70 24.29
N TYR F 172 0.48 9.10 25.47
CA TYR F 172 1.06 9.75 26.64
C TYR F 172 2.54 10.03 26.42
N LEU F 173 3.28 9.02 25.97
CA LEU F 173 4.72 9.18 25.74
C LEU F 173 5.02 10.26 24.71
N ALA F 174 4.15 10.39 23.71
CA ALA F 174 4.27 11.45 22.73
C ALA F 174 4.12 12.82 23.39
N LYS F 175 3.14 12.94 24.28
CA LYS F 175 2.80 14.22 24.91
C LYS F 175 3.60 14.53 26.17
N HIS F 176 4.32 13.55 26.70
CA HIS F 176 5.08 13.72 27.94
C HIS F 176 6.50 13.14 27.90
N GLY F 177 6.87 12.46 26.82
CA GLY F 177 8.23 11.96 26.63
C GLY F 177 8.50 10.63 27.31
N THR F 178 9.43 9.86 26.76
CA THR F 178 9.84 8.57 27.32
C THR F 178 11.03 8.75 28.28
N PRO F 179 10.84 8.41 29.56
CA PRO F 179 11.93 8.58 30.53
C PRO F 179 13.03 7.54 30.37
N GLN F 180 14.28 8.01 30.44
CA GLN F 180 15.47 7.18 30.23
C GLN F 180 16.03 6.64 31.54
N SER F 181 15.79 7.35 32.64
CA SER F 181 16.22 6.91 33.98
C SER F 181 15.06 6.83 34.96
N THR F 182 15.21 5.98 35.97
CA THR F 182 14.21 5.82 37.03
C THR F 182 13.95 7.12 37.77
N GLU F 183 14.94 8.01 37.84
CA GLU F 183 14.78 9.28 38.52
C GLU F 183 13.87 10.22 37.73
N GLU F 184 13.82 10.04 36.42
CA GLU F 184 13.00 10.88 35.56
C GLU F 184 11.50 10.70 35.80
N LEU F 185 11.11 9.52 36.27
CA LEU F 185 9.72 9.26 36.69
C LEU F 185 9.14 10.38 37.56
N ALA F 186 9.99 10.98 38.40
CA ALA F 186 9.56 12.01 39.33
C ALA F 186 8.74 13.12 38.67
N GLY F 187 9.08 13.47 37.42
CA GLY F 187 8.35 14.48 36.65
C GLY F 187 7.11 13.95 35.94
N HIS F 188 7.20 12.74 35.39
CA HIS F 188 6.07 12.08 34.75
C HIS F 188 4.97 11.79 35.76
N GLN F 189 3.74 11.65 35.29
CA GLN F 189 2.62 11.27 36.16
C GLN F 189 2.50 9.76 36.25
N CYS F 190 2.38 9.25 37.48
CA CYS F 190 2.34 7.82 37.74
C CYS F 190 1.07 7.43 38.46
N LEU F 191 0.48 6.33 38.02
CA LEU F 191 -0.83 5.91 38.48
C LEU F 191 -0.66 4.63 39.30
N GLY F 192 -1.15 4.66 40.54
CA GLY F 192 -0.96 3.57 41.48
C GLY F 192 -2.22 3.15 42.22
N PHE F 193 -2.04 2.22 43.14
CA PHE F 193 -3.14 1.64 43.88
C PHE F 193 -3.55 2.55 45.02
N THR F 194 -4.83 2.49 45.39
CA THR F 194 -5.38 3.30 46.46
C THR F 194 -4.88 2.83 47.81
N GLU F 195 -4.57 1.54 47.90
CA GLU F 195 -4.26 0.82 49.16
C GLU F 195 -2.89 1.21 49.76
N PRO F 196 -2.89 1.98 50.86
CA PRO F 196 -1.72 2.69 51.38
C PRO F 196 -0.34 2.08 51.06
N GLY F 197 0.31 2.62 50.02
CA GLY F 197 1.74 2.41 49.75
C GLY F 197 2.25 1.01 49.41
N SER F 198 1.39 0.00 49.49
CA SER F 198 1.80 -1.39 49.37
C SER F 198 2.41 -1.68 48.00
N LEU F 199 1.58 -1.60 46.96
CA LEU F 199 2.01 -1.79 45.57
C LEU F 199 2.35 -0.46 44.89
N ASN F 200 2.78 0.52 45.70
CA ASN F 200 3.29 1.78 45.17
C ASN F 200 4.80 1.82 45.23
N THR F 201 5.40 0.66 45.52
CA THR F 201 6.84 0.50 45.45
C THR F 201 7.13 -0.34 44.21
N TRP F 202 7.38 0.34 43.09
CA TRP F 202 7.53 -0.32 41.79
C TRP F 202 8.79 -1.15 41.65
N ALA F 203 8.71 -2.18 40.81
CA ALA F 203 9.78 -3.15 40.64
C ALA F 203 10.87 -2.64 39.71
N VAL F 204 11.14 -1.34 39.77
CA VAL F 204 12.19 -0.71 38.98
C VAL F 204 13.13 -0.01 39.95
N LEU F 205 14.43 -0.28 39.81
CA LEU F 205 15.43 0.22 40.76
C LEU F 205 15.93 1.61 40.37
N ASP F 206 16.18 2.44 41.38
CA ASP F 206 16.82 3.74 41.18
C ASP F 206 18.34 3.57 41.15
N ALA F 207 19.07 4.66 40.91
CA ALA F 207 20.53 4.61 40.81
C ALA F 207 21.20 3.97 42.02
N GLN F 208 20.60 4.16 43.19
CA GLN F 208 21.11 3.59 44.44
C GLN F 208 21.10 2.06 44.42
N GLY F 209 19.97 1.48 44.01
CA GLY F 209 19.78 0.03 44.06
C GLY F 209 18.48 -0.35 44.73
N ASN F 210 17.87 0.59 45.45
CA ASN F 210 16.55 0.39 46.03
C ASN F 210 15.46 0.46 44.97
N PRO F 211 14.25 -0.01 45.29
CA PRO F 211 13.16 0.21 44.35
C PRO F 211 12.73 1.67 44.35
N TYR F 212 11.76 2.01 43.50
CA TYR F 212 11.19 3.34 43.46
C TYR F 212 9.88 3.36 44.23
N LYS F 213 9.56 4.50 44.83
CA LYS F 213 8.29 4.68 45.54
C LYS F 213 7.52 5.82 44.88
N ILE F 214 6.54 5.48 44.04
CA ILE F 214 5.79 6.49 43.32
C ILE F 214 4.88 7.22 44.29
N SER F 215 4.63 8.50 44.01
CA SER F 215 3.72 9.30 44.81
C SER F 215 2.56 9.69 43.91
N PRO F 216 1.53 8.82 43.84
CA PRO F 216 0.57 8.87 42.75
C PRO F 216 -0.52 9.93 42.91
N HIS F 217 -0.88 10.54 41.80
CA HIS F 217 -1.93 11.55 41.76
C HIS F 217 -3.28 10.89 41.53
N PHE F 218 -3.32 10.01 40.54
CA PHE F 218 -4.46 9.11 40.33
C PHE F 218 -4.28 7.86 41.17
N THR F 219 -5.38 7.32 41.67
CA THR F 219 -5.33 6.09 42.46
C THR F 219 -6.51 5.20 42.12
N ALA F 220 -6.22 4.09 41.45
CA ALA F 220 -7.26 3.11 41.13
C ALA F 220 -7.17 1.93 42.08
N SER F 221 -8.32 1.33 42.38
CA SER F 221 -8.40 0.21 43.29
C SER F 221 -8.01 -1.14 42.66
N SER F 222 -8.11 -1.24 41.34
CA SER F 222 -7.87 -2.49 40.66
C SER F 222 -6.86 -2.34 39.53
N GLY F 223 -5.92 -3.29 39.47
CA GLY F 223 -4.93 -3.35 38.40
C GLY F 223 -5.53 -3.35 37.00
N GLU F 224 -6.80 -3.73 36.89
CA GLU F 224 -7.51 -3.63 35.62
C GLU F 224 -7.91 -2.18 35.28
N ILE F 225 -8.32 -1.42 36.30
CA ILE F 225 -8.63 0.00 36.10
C ILE F 225 -7.36 0.77 35.76
N LEU F 226 -6.26 0.45 36.44
CA LEU F 226 -4.96 1.04 36.15
C LEU F 226 -4.49 0.69 34.72
N ARG F 227 -4.93 -0.47 34.23
CA ARG F 227 -4.69 -0.86 32.84
C ARG F 227 -5.47 0.03 31.89
N SER F 228 -6.75 0.26 32.15
CA SER F 228 -7.58 1.07 31.24
C SER F 228 -7.20 2.56 31.30
N LEU F 229 -6.78 3.01 32.48
CA LEU F 229 -6.28 4.37 32.65
C LEU F 229 -4.96 4.56 31.92
N CYS F 230 -4.09 3.56 31.97
CA CYS F 230 -2.82 3.64 31.25
C CYS F 230 -3.07 3.76 29.76
N LEU F 231 -3.90 2.85 29.24
CA LEU F 231 -4.23 2.79 27.81
C LEU F 231 -4.77 4.11 27.29
N SER F 232 -5.65 4.75 28.07
CA SER F 232 -6.15 6.08 27.74
C SER F 232 -5.08 7.17 27.83
N GLY F 233 -3.88 6.80 28.30
CA GLY F 233 -2.77 7.73 28.40
C GLY F 233 -2.92 8.68 29.56
N CYS F 234 -3.36 8.16 30.70
CA CYS F 234 -3.43 8.96 31.90
C CYS F 234 -2.06 9.07 32.53
N GLY F 235 -1.19 8.11 32.24
CA GLY F 235 0.18 8.14 32.72
C GLY F 235 0.91 6.81 32.67
N ILE F 236 1.92 6.68 33.53
CA ILE F 236 2.74 5.48 33.60
C ILE F 236 2.23 4.61 34.75
N VAL F 237 2.20 3.31 34.52
CA VAL F 237 1.74 2.37 35.54
C VAL F 237 2.63 1.15 35.58
N CYS F 238 2.61 0.47 36.72
CA CYS F 238 3.35 -0.76 36.89
C CYS F 238 2.41 -1.87 37.37
N LEU F 239 2.19 -2.84 36.49
CA LEU F 239 1.34 -3.99 36.76
C LEU F 239 2.13 -5.24 36.39
N SER F 240 1.52 -6.39 36.63
CA SER F 240 2.16 -7.68 36.34
C SER F 240 2.16 -7.94 34.83
N ASP F 241 3.05 -8.81 34.37
CA ASP F 241 3.23 -9.04 32.93
C ASP F 241 1.97 -9.60 32.22
N PHE F 242 1.29 -10.56 32.83
CA PHE F 242 0.10 -11.19 32.23
C PHE F 242 -1.04 -10.19 31.98
N LEU F 243 -1.13 -9.17 32.83
CA LEU F 243 -2.18 -8.17 32.72
C LEU F 243 -1.95 -7.19 31.53
N VAL F 244 -0.73 -7.11 31.00
CA VAL F 244 -0.36 -6.12 29.96
C VAL F 244 0.49 -6.61 28.75
N ASP F 245 0.98 -7.85 28.78
CA ASP F 245 1.89 -8.36 27.72
C ASP F 245 1.33 -8.18 26.30
N ASN F 246 0.04 -8.39 26.12
CA ASN F 246 -0.57 -8.40 24.79
C ASN F 246 -0.78 -7.02 24.21
N ASP F 247 -0.91 -6.04 25.11
CA ASP F 247 -1.02 -4.65 24.72
C ASP F 247 0.35 -4.17 24.27
N ILE F 248 1.39 -4.68 24.92
CA ILE F 248 2.77 -4.48 24.50
C ILE F 248 3.00 -5.19 23.17
N ALA F 249 2.39 -6.37 23.03
CA ALA F 249 2.42 -7.14 21.79
C ALA F 249 1.75 -6.41 20.63
N GLU F 250 0.73 -5.61 20.92
CA GLU F 250 -0.02 -4.87 19.90
C GLU F 250 0.51 -3.46 19.67
N GLY F 251 1.46 -3.02 20.49
CA GLY F 251 1.98 -1.65 20.41
C GLY F 251 1.01 -0.59 20.93
N LYS F 252 -0.03 -1.03 21.63
CA LYS F 252 -0.98 -0.13 22.27
C LYS F 252 -0.44 0.35 23.62
N LEU F 253 0.38 -0.46 24.26
CA LEU F 253 1.20 -0.03 25.40
C LEU F 253 2.67 -0.18 25.05
N ILE F 254 3.50 0.69 25.61
CA ILE F 254 4.93 0.71 25.33
C ILE F 254 5.74 0.51 26.61
N PRO F 255 6.65 -0.48 26.63
CA PRO F 255 7.43 -0.79 27.83
C PRO F 255 8.50 0.24 28.14
N LEU F 256 8.61 0.59 29.42
CA LEU F 256 9.50 1.64 29.91
C LEU F 256 10.58 1.05 30.81
N LEU F 257 11.74 1.73 30.85
CA LEU F 257 12.83 1.39 31.77
C LEU F 257 13.09 -0.11 31.79
N ALA F 258 13.22 -0.69 30.61
CA ALA F 258 13.36 -2.15 30.47
C ALA F 258 14.54 -2.73 31.26
N GLU F 259 15.55 -1.90 31.55
CA GLU F 259 16.77 -2.33 32.21
C GLU F 259 16.72 -2.18 33.72
N GLN F 260 16.24 -1.02 34.19
CA GLN F 260 16.15 -0.76 35.63
C GLN F 260 15.05 -1.60 36.27
N THR F 261 14.11 -2.04 35.45
CA THR F 261 13.06 -2.95 35.90
C THR F 261 13.66 -4.26 36.43
N SER F 262 13.13 -4.72 37.56
CA SER F 262 13.62 -5.94 38.22
C SER F 262 13.15 -7.17 37.45
N ASP F 263 14.01 -8.17 37.38
CA ASP F 263 13.69 -9.43 36.71
C ASP F 263 13.21 -10.49 37.71
N LYS F 264 12.78 -10.06 38.89
CA LYS F 264 12.31 -10.98 39.92
C LYS F 264 10.80 -11.22 39.79
N THR F 265 10.42 -12.48 39.99
CA THR F 265 9.05 -12.92 39.72
C THR F 265 8.24 -13.07 41.01
N HIS F 266 6.92 -13.01 40.87
CA HIS F 266 6.01 -13.20 41.99
C HIS F 266 4.96 -14.24 41.60
N PRO F 267 4.47 -15.04 42.57
CA PRO F 267 3.68 -16.22 42.24
C PRO F 267 2.16 -16.07 42.38
N PHE F 268 1.43 -16.65 41.43
CA PHE F 268 -0.02 -16.76 41.52
C PHE F 268 -0.42 -18.20 41.78
N ASN F 269 -1.30 -18.38 42.76
CA ASN F 269 -1.63 -19.69 43.25
C ASN F 269 -3.14 -19.90 43.38
N ALA F 270 -3.57 -21.11 43.03
CA ALA F 270 -4.91 -21.57 43.32
C ALA F 270 -4.97 -21.99 44.79
N VAL F 271 -6.12 -21.77 45.41
CA VAL F 271 -6.28 -22.01 46.85
C VAL F 271 -7.58 -22.74 47.16
N TYR F 272 -7.45 -24.01 47.53
CA TYR F 272 -8.59 -24.88 47.80
C TYR F 272 -8.29 -25.77 49.01
N TYR F 273 -9.32 -26.43 49.54
CA TYR F 273 -9.14 -27.32 50.70
C TYR F 273 -8.55 -28.67 50.28
N SER F 274 -7.78 -29.27 51.18
CA SER F 274 -7.16 -30.56 50.94
C SER F 274 -8.23 -31.62 50.67
N ASP F 275 -9.30 -31.58 51.47
CA ASP F 275 -10.43 -32.50 51.32
C ASP F 275 -11.16 -32.40 49.97
N LYS F 276 -11.05 -31.24 49.30
CA LYS F 276 -11.65 -31.03 47.96
C LYS F 276 -10.73 -31.45 46.80
N ALA F 277 -9.60 -32.08 47.11
CA ALA F 277 -8.79 -32.74 46.09
C ALA F 277 -9.39 -34.11 45.71
N VAL F 278 -10.50 -34.50 46.36
CA VAL F 278 -11.27 -35.70 45.96
C VAL F 278 -12.11 -35.43 44.69
N ASN F 279 -12.39 -34.14 44.42
CA ASN F 279 -13.11 -33.70 43.23
C ASN F 279 -12.32 -34.05 41.98
N LEU F 280 -13.02 -34.44 40.92
CA LEU F 280 -12.38 -34.53 39.62
C LEU F 280 -12.64 -33.23 38.86
N ARG F 281 -13.79 -32.61 39.10
CA ARG F 281 -14.12 -31.30 38.51
C ARG F 281 -13.05 -30.24 38.81
N LEU F 282 -12.56 -30.25 40.04
CA LEU F 282 -11.55 -29.31 40.49
C LEU F 282 -10.22 -29.76 39.93
N ARG F 283 -9.81 -30.97 40.25
CA ARG F 283 -8.50 -31.46 39.84
C ARG F 283 -8.20 -31.17 38.38
N VAL F 284 -9.16 -31.45 37.50
CA VAL F 284 -8.93 -31.30 36.07
C VAL F 284 -8.82 -29.85 35.62
N PHE F 285 -9.54 -28.96 36.29
CA PHE F 285 -9.46 -27.51 36.07
C PHE F 285 -8.09 -26.94 36.49
N LEU F 286 -7.55 -27.43 37.59
CA LEU F 286 -6.20 -27.04 38.02
C LEU F 286 -5.15 -27.58 37.05
N ASP F 287 -5.20 -28.90 36.80
CA ASP F 287 -4.33 -29.52 35.80
C ASP F 287 -4.37 -28.78 34.46
N PHE F 288 -5.53 -28.21 34.15
CA PHE F 288 -5.73 -27.42 32.94
C PHE F 288 -5.03 -26.07 33.03
N LEU F 289 -5.27 -25.35 34.12
CA LEU F 289 -4.69 -24.01 34.31
C LEU F 289 -3.16 -24.06 34.39
N VAL F 290 -2.63 -25.04 35.13
CA VAL F 290 -1.18 -25.21 35.21
C VAL F 290 -0.58 -25.48 33.83
N GLU F 291 -1.32 -26.24 33.02
CA GLU F 291 -0.83 -26.65 31.72
C GLU F 291 -0.83 -25.50 30.74
N GLU F 292 -1.97 -24.81 30.63
CA GLU F 292 -2.13 -23.73 29.63
C GLU F 292 -1.19 -22.58 29.91
N LEU F 293 -1.21 -22.09 31.14
CA LEU F 293 -0.38 -20.95 31.55
C LEU F 293 0.59 -21.36 32.64
N GLY F 294 1.77 -21.81 32.23
CA GLY F 294 2.80 -22.24 33.18
C GLY F 294 4.20 -22.09 32.61
N MET G 1 -1.64 -36.30 45.72
CA MET G 1 -0.60 -37.12 45.04
C MET G 1 -0.35 -38.43 45.78
N LYS G 2 -1.15 -39.44 45.47
CA LYS G 2 -1.10 -40.70 46.20
C LYS G 2 -0.07 -41.69 45.66
N THR G 3 0.57 -41.36 44.53
CA THR G 3 1.67 -42.19 43.99
C THR G 3 3.02 -41.72 44.51
N ASN G 4 4.04 -42.56 44.36
CA ASN G 4 5.41 -42.22 44.74
C ASN G 4 6.42 -42.59 43.66
N SER G 5 7.68 -42.20 43.86
CA SER G 5 8.73 -42.49 42.89
C SER G 5 8.99 -43.99 42.81
N GLU G 6 9.05 -44.62 43.99
CA GLU G 6 9.34 -46.05 44.11
C GLU G 6 8.49 -46.95 43.21
N GLU G 7 7.22 -46.57 42.99
CA GLU G 7 6.32 -47.32 42.09
C GLU G 7 6.21 -46.72 40.68
N LEU G 8 6.62 -45.46 40.53
CA LEU G 8 6.74 -44.86 39.20
C LEU G 8 8.02 -45.32 38.52
N THR G 9 9.06 -45.58 39.31
CA THR G 9 10.29 -46.17 38.79
C THR G 9 10.09 -47.63 38.43
N VAL G 10 9.57 -48.40 39.39
CA VAL G 10 9.28 -49.83 39.23
C VAL G 10 8.45 -50.11 37.98
N PHE G 11 7.31 -49.43 37.87
CA PHE G 11 6.44 -49.59 36.70
C PHE G 11 7.20 -49.30 35.41
N VAL G 12 7.88 -48.17 35.35
CA VAL G 12 8.65 -47.80 34.17
C VAL G 12 9.73 -48.84 33.86
N GLN G 13 10.25 -49.52 34.89
CA GLN G 13 11.24 -50.59 34.70
C GLN G 13 10.65 -51.77 33.94
N VAL G 14 9.53 -52.30 34.43
CA VAL G 14 8.87 -53.45 33.80
C VAL G 14 8.75 -53.26 32.29
N VAL G 15 8.13 -52.16 31.87
CA VAL G 15 7.88 -51.91 30.45
C VAL G 15 9.16 -52.05 29.61
N GLU G 16 10.18 -51.26 29.94
CA GLU G 16 11.39 -51.20 29.13
C GLU G 16 12.27 -52.46 29.27
N SER G 17 12.49 -52.91 30.51
CA SER G 17 13.29 -54.12 30.73
C SER G 17 12.44 -55.37 30.55
N GLY G 18 12.03 -55.61 29.30
CA GLY G 18 11.22 -56.77 28.95
C GLY G 18 9.89 -56.81 29.66
N SER G 19 9.82 -57.62 30.72
CA SER G 19 8.59 -57.85 31.46
C SER G 19 8.86 -58.21 32.92
N PHE G 20 7.78 -58.19 33.70
CA PHE G 20 7.77 -58.56 35.13
C PHE G 20 9.04 -59.24 35.66
N SER G 21 9.44 -60.34 35.01
CA SER G 21 10.57 -61.15 35.48
C SER G 21 11.94 -60.48 35.28
N ARG G 22 12.13 -59.83 34.14
CA ARG G 22 13.40 -59.18 33.81
C ARG G 22 13.62 -57.86 34.55
N ALA G 23 12.53 -57.23 34.99
CA ALA G 23 12.61 -55.98 35.76
C ALA G 23 12.98 -56.25 37.22
N ALA G 24 12.40 -57.30 37.79
CA ALA G 24 12.66 -57.67 39.18
C ALA G 24 14.14 -57.94 39.39
N GLU G 25 14.72 -58.75 38.51
CA GLU G 25 16.15 -59.05 38.54
C GLU G 25 16.99 -57.80 38.29
N GLN G 26 16.49 -56.90 37.46
CA GLN G 26 17.20 -55.67 37.09
C GLN G 26 17.33 -54.70 38.26
N LEU G 27 16.23 -54.47 38.97
CA LEU G 27 16.18 -53.47 40.03
C LEU G 27 16.46 -54.05 41.43
N ALA G 28 17.18 -55.17 41.48
CA ALA G 28 17.62 -55.77 42.75
C ALA G 28 16.46 -56.04 43.72
N MET G 29 15.39 -56.63 43.20
CA MET G 29 14.15 -56.83 43.94
C MET G 29 13.54 -58.20 43.65
N ALA G 30 12.66 -58.65 44.55
CA ALA G 30 11.91 -59.88 44.34
C ALA G 30 10.79 -59.66 43.32
N ASN G 31 10.39 -60.73 42.62
CA ASN G 31 9.23 -60.69 41.73
C ASN G 31 7.95 -60.44 42.53
N SER G 32 7.82 -61.12 43.67
CA SER G 32 6.71 -60.90 44.58
C SER G 32 6.52 -59.43 44.91
N ALA G 33 7.64 -58.72 45.09
CA ALA G 33 7.62 -57.27 45.34
C ALA G 33 7.24 -56.46 44.10
N VAL G 34 7.73 -56.89 42.94
CA VAL G 34 7.45 -56.19 41.66
C VAL G 34 5.96 -56.24 41.30
N SER G 35 5.28 -57.34 41.64
CA SER G 35 3.85 -57.47 41.39
C SER G 35 3.05 -56.69 42.43
N ARG G 36 3.41 -56.82 43.71
CA ARG G 36 2.76 -56.13 44.82
C ARG G 36 2.60 -54.64 44.55
N ILE G 37 3.71 -53.99 44.24
CA ILE G 37 3.76 -52.53 44.05
C ILE G 37 3.04 -52.08 42.77
N VAL G 38 3.26 -52.82 41.68
CA VAL G 38 2.62 -52.51 40.40
C VAL G 38 1.11 -52.69 40.46
N LYS G 39 0.67 -53.75 41.14
CA LYS G 39 -0.76 -54.03 41.30
C LYS G 39 -1.41 -53.01 42.24
N ARG G 40 -0.65 -52.57 43.24
CA ARG G 40 -1.03 -51.44 44.07
C ARG G 40 -1.15 -50.16 43.25
N LEU G 41 -0.16 -49.91 42.39
CA LEU G 41 -0.13 -48.68 41.60
C LEU G 41 -1.40 -48.58 40.77
N GLU G 42 -1.64 -49.58 39.95
CA GLU G 42 -2.87 -49.65 39.14
C GLU G 42 -4.12 -49.69 40.02
N GLU G 43 -3.99 -50.19 41.25
CA GLU G 43 -5.09 -50.16 42.22
C GLU G 43 -5.40 -48.73 42.64
N LYS G 44 -4.39 -47.97 43.05
CA LYS G 44 -4.63 -46.61 43.52
C LYS G 44 -4.87 -45.63 42.38
N LEU G 45 -4.36 -45.94 41.18
CA LEU G 45 -4.63 -45.11 40.00
C LEU G 45 -6.06 -45.26 39.48
N GLY G 46 -6.69 -46.38 39.78
CA GLY G 46 -8.09 -46.63 39.43
C GLY G 46 -8.26 -47.27 38.06
N VAL G 47 -7.14 -47.54 37.38
CA VAL G 47 -7.17 -48.09 36.02
C VAL G 47 -6.22 -49.26 35.89
N ASN G 48 -6.46 -50.08 34.87
CA ASN G 48 -5.62 -51.25 34.60
C ASN G 48 -4.57 -50.87 33.56
N LEU G 49 -3.31 -50.88 33.98
CA LEU G 49 -2.21 -50.39 33.15
C LEU G 49 -1.84 -51.36 32.04
N LEU G 50 -1.44 -52.58 32.42
CA LEU G 50 -1.00 -53.58 31.46
C LEU G 50 -1.90 -54.82 31.49
N ASN G 51 -1.84 -55.59 30.40
CA ASN G 51 -2.59 -56.84 30.30
C ASN G 51 -1.70 -58.07 30.52
N ARG G 52 -2.26 -59.06 31.21
CA ARG G 52 -1.61 -60.35 31.40
C ARG G 52 -2.10 -61.31 30.31
N THR G 53 -3.00 -60.84 29.46
CA THR G 53 -3.53 -61.63 28.36
C THR G 53 -2.59 -61.67 27.14
N THR G 54 -1.54 -60.84 27.16
CA THR G 54 -0.50 -60.88 26.13
C THR G 54 0.59 -61.88 26.54
N ARG G 55 1.27 -62.48 25.56
CA ARG G 55 2.36 -63.42 25.83
C ARG G 55 3.41 -62.73 26.68
N GLN G 56 3.89 -61.58 26.19
CA GLN G 56 4.75 -60.68 26.96
C GLN G 56 3.91 -59.47 27.35
N LEU G 57 3.77 -59.23 28.66
CA LEU G 57 2.86 -58.19 29.16
C LEU G 57 3.00 -56.87 28.39
N SER G 58 1.92 -56.51 27.70
CA SER G 58 1.85 -55.29 26.91
C SER G 58 0.94 -54.30 27.62
N LEU G 59 1.23 -53.01 27.43
CA LEU G 59 0.50 -51.95 28.11
C LEU G 59 -0.82 -51.64 27.41
N THR G 60 -1.84 -51.31 28.19
CA THR G 60 -3.13 -50.89 27.65
C THR G 60 -3.02 -49.45 27.16
N GLU G 61 -4.03 -49.01 26.41
CA GLU G 61 -4.08 -47.64 25.88
C GLU G 61 -3.96 -46.63 27.03
N GLU G 62 -4.56 -46.98 28.16
CA GLU G 62 -4.47 -46.18 29.37
C GLU G 62 -3.08 -46.26 29.99
N GLY G 63 -2.62 -47.48 30.24
CA GLY G 63 -1.32 -47.71 30.87
C GLY G 63 -0.13 -47.22 30.07
N ALA G 64 -0.27 -47.19 28.74
CA ALA G 64 0.77 -46.65 27.87
C ALA G 64 0.82 -45.13 27.98
N GLN G 65 -0.36 -44.51 27.97
CA GLN G 65 -0.50 -43.06 28.18
C GLN G 65 0.13 -42.61 29.49
N TYR G 66 0.03 -43.44 30.51
CA TYR G 66 0.68 -43.20 31.79
C TYR G 66 2.18 -43.32 31.67
N PHE G 67 2.66 -44.37 31.01
CA PHE G 67 4.10 -44.65 30.93
C PHE G 67 4.90 -43.48 30.38
N ARG G 68 4.38 -42.82 29.35
CA ARG G 68 5.09 -41.70 28.74
C ARG G 68 5.31 -40.56 29.74
N ARG G 69 4.33 -40.33 30.60
CA ARG G 69 4.44 -39.33 31.67
C ARG G 69 5.28 -39.89 32.81
N ALA G 70 5.06 -41.17 33.12
CA ALA G 70 5.83 -41.90 34.12
C ALA G 70 7.33 -41.82 33.82
N GLN G 71 7.67 -41.82 32.54
CA GLN G 71 9.06 -41.68 32.14
C GLN G 71 9.59 -40.28 32.46
N ARG G 72 8.92 -39.25 31.92
CA ARG G 72 9.33 -37.84 32.09
C ARG G 72 9.51 -37.43 33.56
N ILE G 73 8.63 -37.92 34.43
CA ILE G 73 8.72 -37.63 35.87
C ILE G 73 10.06 -38.13 36.41
N LEU G 74 10.36 -39.40 36.17
CA LEU G 74 11.66 -39.98 36.55
C LEU G 74 12.85 -39.35 35.82
N GLN G 75 12.64 -38.93 34.58
CA GLN G 75 13.70 -38.32 33.78
C GLN G 75 14.07 -36.94 34.31
N GLU G 76 13.08 -36.07 34.45
CA GLU G 76 13.31 -34.69 34.87
C GLU G 76 13.54 -34.60 36.39
N MET G 77 13.27 -35.70 37.09
CA MET G 77 13.72 -35.84 38.47
C MET G 77 15.21 -36.11 38.47
N ALA G 78 15.60 -37.21 37.82
CA ALA G 78 17.01 -37.57 37.63
C ALA G 78 17.80 -36.40 37.04
N ALA G 79 17.20 -35.74 36.05
CA ALA G 79 17.80 -34.57 35.40
C ALA G 79 18.03 -33.42 36.37
N ALA G 80 17.02 -33.10 37.18
CA ALA G 80 17.13 -32.01 38.16
C ALA G 80 18.11 -32.35 39.28
N GLU G 81 18.38 -33.65 39.48
CA GLU G 81 19.45 -34.07 40.38
C GLU G 81 20.79 -33.65 39.78
N THR G 82 21.04 -34.09 38.53
CA THR G 82 22.26 -33.75 37.80
C THR G 82 22.52 -32.25 37.82
N GLU G 83 21.48 -31.49 37.51
CA GLU G 83 21.51 -30.03 37.53
C GLU G 83 22.16 -29.51 38.82
N MET G 84 21.74 -30.07 39.96
CA MET G 84 22.30 -29.68 41.26
C MET G 84 23.70 -30.23 41.49
N LEU G 85 23.94 -31.47 41.04
CA LEU G 85 25.26 -32.08 41.16
C LEU G 85 26.32 -31.21 40.50
N ALA G 86 26.00 -30.73 39.29
CA ALA G 86 26.92 -29.93 38.50
C ALA G 86 27.13 -28.50 39.04
N VAL G 87 26.44 -28.13 40.12
CA VAL G 87 26.52 -26.78 40.66
C VAL G 87 27.84 -26.56 41.42
N HIS G 88 28.30 -27.59 42.14
CA HIS G 88 29.61 -27.56 42.79
C HIS G 88 30.65 -28.27 41.92
N GLU G 89 30.27 -29.44 41.39
CA GLU G 89 31.11 -30.18 40.46
C GLU G 89 31.07 -29.51 39.09
N ILE G 90 32.13 -28.81 38.71
CA ILE G 90 32.15 -28.06 37.45
C ILE G 90 32.07 -29.00 36.24
N PRO G 91 31.10 -28.75 35.32
CA PRO G 91 30.91 -29.61 34.16
C PRO G 91 31.75 -29.17 32.97
N GLN G 92 32.72 -29.98 32.56
CA GLN G 92 33.69 -29.58 31.54
C GLN G 92 34.23 -30.77 30.73
N GLY G 93 34.91 -30.44 29.62
CA GLY G 93 35.53 -31.43 28.76
C GLY G 93 34.83 -31.55 27.42
N VAL G 94 35.46 -32.28 26.50
CA VAL G 94 34.90 -32.46 25.16
C VAL G 94 33.79 -33.52 25.18
N LEU G 95 32.75 -33.29 24.38
CA LEU G 95 31.66 -34.24 24.20
C LEU G 95 31.32 -34.32 22.72
N SER G 96 31.15 -35.54 22.21
CA SER G 96 30.87 -35.76 20.78
C SER G 96 29.57 -36.52 20.60
N VAL G 97 28.70 -36.01 19.72
CA VAL G 97 27.40 -36.62 19.46
C VAL G 97 27.24 -36.96 17.98
N ASP G 98 27.34 -38.24 17.64
CA ASP G 98 27.18 -38.68 16.27
C ASP G 98 25.70 -38.83 15.98
N SER G 99 25.17 -37.91 15.17
CA SER G 99 23.75 -37.87 14.87
C SER G 99 23.53 -37.97 13.37
N ALA G 100 22.35 -38.45 12.98
CA ALA G 100 21.94 -38.45 11.58
C ALA G 100 21.83 -37.00 11.12
N MET G 101 22.22 -36.75 9.87
CA MET G 101 22.36 -35.38 9.37
C MET G 101 21.14 -34.50 9.60
N PRO G 102 19.92 -35.05 9.41
CA PRO G 102 18.71 -34.27 9.69
C PRO G 102 18.55 -33.86 11.16
N MET G 103 18.87 -34.77 12.08
CA MET G 103 18.73 -34.49 13.51
C MET G 103 19.63 -33.35 13.96
N VAL G 104 20.83 -33.27 13.40
CA VAL G 104 21.78 -32.22 13.76
C VAL G 104 21.27 -30.85 13.28
N LEU G 105 20.80 -30.81 12.05
CA LEU G 105 20.39 -29.57 11.40
C LEU G 105 19.17 -28.93 12.05
N HIS G 106 18.17 -29.74 12.35
CA HIS G 106 16.87 -29.24 12.78
C HIS G 106 16.66 -29.29 14.29
N LEU G 107 17.24 -30.28 14.96
CA LEU G 107 17.12 -30.38 16.42
C LEU G 107 18.32 -29.77 17.13
N LEU G 108 19.51 -30.30 16.86
CA LEU G 108 20.71 -29.98 17.65
C LEU G 108 21.21 -28.56 17.44
N ALA G 109 21.37 -28.17 16.18
CA ALA G 109 21.95 -26.88 15.81
C ALA G 109 21.33 -25.68 16.55
N PRO G 110 20.00 -25.49 16.44
CA PRO G 110 19.36 -24.31 17.03
C PRO G 110 19.44 -24.23 18.56
N LEU G 111 19.23 -25.37 19.21
CA LEU G 111 19.28 -25.46 20.67
C LEU G 111 20.71 -25.50 21.20
N ALA G 112 21.69 -25.66 20.31
CA ALA G 112 23.10 -25.64 20.69
C ALA G 112 23.59 -24.25 21.13
N ALA G 113 22.82 -23.20 20.78
CA ALA G 113 23.08 -21.84 21.25
C ALA G 113 22.75 -21.70 22.74
N LYS G 114 21.65 -22.33 23.16
CA LYS G 114 21.21 -22.29 24.56
C LYS G 114 22.11 -23.13 25.47
N PHE G 115 22.54 -24.30 24.99
CA PHE G 115 23.45 -25.18 25.74
C PHE G 115 24.79 -24.49 26.03
N ASN G 116 25.20 -23.63 25.13
CA ASN G 116 26.43 -22.85 25.30
C ASN G 116 26.35 -21.87 26.47
N GLU G 117 25.19 -21.24 26.64
CA GLU G 117 24.99 -20.25 27.70
C GLU G 117 24.90 -20.88 29.09
N ARG G 118 24.37 -22.11 29.17
CA ARG G 118 24.34 -22.86 30.41
C ARG G 118 25.72 -23.42 30.73
N TYR G 119 26.25 -24.21 29.80
CA TYR G 119 27.54 -24.88 29.99
C TYR G 119 28.53 -24.44 28.90
N PRO G 120 29.07 -23.22 29.04
CA PRO G 120 30.09 -22.76 28.07
C PRO G 120 31.44 -23.47 28.21
N HIS G 121 31.55 -24.36 29.19
CA HIS G 121 32.80 -25.07 29.47
C HIS G 121 32.87 -26.44 28.77
N ILE G 122 31.76 -26.85 28.15
CA ILE G 122 31.68 -28.13 27.45
C ILE G 122 31.97 -27.95 25.96
N ARG G 123 33.09 -28.50 25.50
CA ARG G 123 33.47 -28.44 24.09
C ARG G 123 32.69 -29.46 23.26
N LEU G 124 31.55 -29.03 22.72
CA LEU G 124 30.71 -29.90 21.88
C LEU G 124 31.42 -30.28 20.59
N SER G 125 31.10 -31.47 20.08
CA SER G 125 31.74 -32.01 18.89
C SER G 125 30.73 -32.86 18.09
N LEU G 126 29.77 -32.17 17.47
CA LEU G 126 28.78 -32.81 16.61
C LEU G 126 29.48 -33.45 15.41
N VAL G 127 29.16 -34.72 15.15
CA VAL G 127 29.71 -35.41 13.97
C VAL G 127 28.60 -36.15 13.22
N SER G 128 28.94 -36.69 12.05
CA SER G 128 27.96 -37.37 11.19
C SER G 128 28.58 -38.54 10.44
N SER G 129 28.22 -39.75 10.86
CA SER G 129 28.69 -40.98 10.22
C SER G 129 27.50 -41.73 9.62
N GLU G 130 27.54 -43.08 9.66
CA GLU G 130 26.45 -43.91 9.15
C GLU G 130 25.95 -44.90 10.20
N GLY G 131 26.81 -45.82 10.62
CA GLY G 131 26.42 -46.87 11.57
C GLY G 131 26.83 -46.58 13.00
N TYR G 132 26.56 -47.53 13.88
CA TYR G 132 26.95 -47.43 15.30
C TYR G 132 28.43 -47.79 15.53
N ILE G 133 29.21 -47.86 14.44
CA ILE G 133 30.64 -48.11 14.52
C ILE G 133 31.33 -47.03 15.36
N ASN G 134 31.01 -45.77 15.05
CA ASN G 134 31.71 -44.62 15.60
C ASN G 134 31.41 -44.40 17.08
N LEU G 135 30.12 -44.46 17.42
CA LEU G 135 29.63 -44.28 18.80
C LEU G 135 30.42 -45.05 19.86
N ILE G 136 30.77 -46.29 19.52
CA ILE G 136 31.33 -47.21 20.50
C ILE G 136 32.85 -47.04 20.63
N GLU G 137 33.47 -46.39 19.63
CA GLU G 137 34.94 -46.25 19.60
C GLU G 137 35.51 -45.08 20.42
N ARG G 138 34.66 -44.42 21.21
CA ARG G 138 35.05 -43.29 22.09
C ARG G 138 35.65 -42.07 21.36
N LYS G 139 35.64 -42.09 20.02
CA LYS G 139 35.86 -40.90 19.21
C LYS G 139 34.51 -40.19 19.04
N VAL G 140 33.43 -40.96 19.27
CA VAL G 140 32.08 -40.41 19.44
C VAL G 140 31.53 -40.91 20.79
N ASP G 141 30.93 -40.00 21.56
CA ASP G 141 30.47 -40.32 22.92
C ASP G 141 29.04 -40.85 22.94
N ILE G 142 28.14 -40.13 22.28
CA ILE G 142 26.71 -40.43 22.30
C ILE G 142 26.12 -40.41 20.88
N ALA G 143 25.26 -41.36 20.58
CA ALA G 143 24.66 -41.46 19.24
C ALA G 143 23.15 -41.20 19.28
N LEU G 144 22.70 -40.18 18.57
CA LEU G 144 21.28 -39.87 18.45
C LEU G 144 20.72 -40.54 17.20
N ARG G 145 20.05 -41.67 17.40
CA ARG G 145 19.55 -42.50 16.30
C ARG G 145 18.12 -42.96 16.57
N ALA G 146 17.33 -43.10 15.50
CA ALA G 146 15.99 -43.68 15.58
C ALA G 146 16.05 -45.16 15.25
N GLY G 147 16.95 -45.86 15.94
CA GLY G 147 17.22 -47.27 15.66
C GLY G 147 17.07 -48.08 16.91
N GLU G 148 16.29 -49.16 16.83
CA GLU G 148 16.09 -50.07 17.95
C GLU G 148 16.99 -51.31 17.83
N LEU G 149 18.15 -51.16 17.17
CA LEU G 149 19.15 -52.22 17.07
C LEU G 149 20.29 -51.95 18.06
N ASP G 150 19.93 -51.48 19.26
CA ASP G 150 20.88 -51.16 20.31
C ASP G 150 20.68 -52.12 21.48
N ASP G 151 21.53 -53.15 21.53
CA ASP G 151 21.35 -54.26 22.46
C ASP G 151 22.68 -54.91 22.91
N SER G 152 23.81 -54.24 22.61
CA SER G 152 25.13 -54.79 22.90
C SER G 152 25.59 -54.38 24.31
N GLY G 153 24.69 -54.48 25.28
CA GLY G 153 24.95 -54.00 26.63
C GLY G 153 25.04 -52.48 26.74
N LEU G 154 24.87 -51.78 25.62
CA LEU G 154 24.94 -50.32 25.59
C LEU G 154 23.67 -49.72 26.20
N ARG G 155 23.79 -48.48 26.66
CA ARG G 155 22.66 -47.74 27.23
C ARG G 155 21.99 -46.87 26.16
N ALA G 156 20.66 -46.89 26.15
CA ALA G 156 19.87 -46.02 25.28
C ALA G 156 19.00 -45.11 26.13
N ARG G 157 18.67 -43.93 25.60
CA ARG G 157 17.84 -42.95 26.30
C ARG G 157 16.78 -42.40 25.37
N HIS G 158 15.51 -42.58 25.75
CA HIS G 158 14.40 -42.12 24.92
C HIS G 158 14.38 -40.60 24.83
N LEU G 159 14.62 -40.08 23.62
CA LEU G 159 14.59 -38.64 23.36
C LEU G 159 13.16 -38.23 22.98
N PHE G 160 12.62 -38.85 21.92
CA PHE G 160 11.24 -38.60 21.51
C PHE G 160 10.68 -39.63 20.52
N ASP G 161 9.37 -39.87 20.60
CA ASP G 161 8.62 -40.62 19.59
C ASP G 161 8.21 -39.68 18.46
N SER G 162 8.20 -40.19 17.23
CA SER G 162 7.85 -39.38 16.07
C SER G 162 7.52 -40.26 14.86
N ARG G 163 6.30 -40.12 14.36
CA ARG G 163 5.80 -40.95 13.25
C ARG G 163 6.19 -40.39 11.88
N PHE G 164 6.08 -41.24 10.87
CA PHE G 164 6.47 -40.89 9.51
C PHE G 164 5.41 -40.00 8.85
N ARG G 165 5.74 -39.50 7.66
CA ARG G 165 4.83 -38.69 6.85
C ARG G 165 4.97 -39.08 5.37
N VAL G 166 4.10 -38.54 4.53
CA VAL G 166 4.27 -38.60 3.08
C VAL G 166 3.88 -37.26 2.50
N ILE G 167 4.81 -36.66 1.77
CA ILE G 167 4.67 -35.27 1.32
C ILE G 167 5.27 -35.06 -0.07
N ALA G 168 4.85 -33.95 -0.69
CA ALA G 168 5.34 -33.55 -2.01
C ALA G 168 5.33 -32.03 -2.11
N SER G 169 6.09 -31.51 -3.07
CA SER G 169 6.14 -30.07 -3.32
C SER G 169 4.88 -29.61 -4.05
N PRO G 170 4.51 -28.33 -3.89
CA PRO G 170 3.39 -27.78 -4.66
C PRO G 170 3.66 -27.79 -6.16
N GLU G 171 4.91 -27.59 -6.56
CA GLU G 171 5.31 -27.69 -7.97
C GLU G 171 4.86 -29.03 -8.57
N TYR G 172 5.27 -30.10 -7.93
CA TYR G 172 5.00 -31.46 -8.40
C TYR G 172 3.51 -31.76 -8.49
N LEU G 173 2.75 -31.31 -7.49
CA LEU G 173 1.31 -31.54 -7.42
C LEU G 173 0.56 -30.83 -8.55
N ALA G 174 0.94 -29.57 -8.79
CA ALA G 174 0.28 -28.74 -9.81
C ALA G 174 0.48 -29.27 -11.24
N LYS G 175 1.56 -30.02 -11.45
CA LYS G 175 1.91 -30.53 -12.78
C LYS G 175 1.62 -32.02 -12.97
N HIS G 176 2.04 -32.83 -12.00
CA HIS G 176 1.88 -34.29 -12.09
C HIS G 176 0.64 -34.82 -11.39
N GLY G 177 -0.14 -33.92 -10.79
CA GLY G 177 -1.38 -34.31 -10.11
C GLY G 177 -1.15 -35.01 -8.77
N THR G 178 -2.24 -35.31 -8.09
CA THR G 178 -2.19 -35.95 -6.76
C THR G 178 -2.61 -37.43 -6.84
N PRO G 179 -1.97 -38.31 -6.04
CA PRO G 179 -2.42 -39.70 -5.96
C PRO G 179 -3.54 -39.87 -4.93
N GLN G 180 -4.71 -40.30 -5.40
CA GLN G 180 -5.87 -40.47 -4.54
C GLN G 180 -5.67 -41.64 -3.57
N SER G 181 -5.14 -42.75 -4.10
CA SER G 181 -4.83 -43.93 -3.31
C SER G 181 -3.32 -44.19 -3.31
N THR G 182 -2.91 -45.21 -2.57
CA THR G 182 -1.51 -45.63 -2.52
C THR G 182 -1.16 -46.47 -3.75
N GLU G 183 -2.17 -47.07 -4.39
CA GLU G 183 -1.96 -47.84 -5.62
C GLU G 183 -1.65 -46.94 -6.81
N GLU G 184 -2.08 -45.67 -6.75
CA GLU G 184 -1.73 -44.68 -7.77
C GLU G 184 -0.30 -44.17 -7.61
N LEU G 185 0.37 -44.57 -6.53
CA LEU G 185 1.79 -44.24 -6.31
C LEU G 185 2.72 -45.00 -7.27
N ALA G 186 2.21 -46.05 -7.91
CA ALA G 186 2.94 -46.77 -8.95
C ALA G 186 3.18 -45.90 -10.19
N GLY G 187 2.21 -45.03 -10.51
CA GLY G 187 2.31 -44.12 -11.65
C GLY G 187 2.70 -42.70 -11.29
N HIS G 188 3.66 -42.55 -10.38
CA HIS G 188 4.17 -41.24 -9.96
C HIS G 188 5.70 -41.31 -9.80
N GLN G 189 6.32 -40.19 -9.40
CA GLN G 189 7.76 -40.13 -9.15
C GLN G 189 8.07 -40.32 -7.66
N CYS G 190 8.98 -41.26 -7.36
CA CYS G 190 9.27 -41.67 -5.98
C CYS G 190 10.63 -41.18 -5.48
N LEU G 191 10.76 -41.14 -4.15
CA LEU G 191 12.02 -40.82 -3.49
C LEU G 191 12.28 -41.82 -2.36
N GLY G 192 13.26 -42.70 -2.56
CA GLY G 192 13.64 -43.72 -1.58
C GLY G 192 15.09 -43.59 -1.12
N PHE G 193 15.54 -44.56 -0.33
CA PHE G 193 16.90 -44.56 0.23
C PHE G 193 17.84 -45.47 -0.54
N THR G 194 19.14 -45.17 -0.45
CA THR G 194 20.17 -45.95 -1.14
C THR G 194 20.31 -47.37 -0.61
N GLU G 195 20.00 -47.56 0.68
CA GLU G 195 20.13 -48.87 1.33
C GLU G 195 19.16 -49.90 0.74
N PRO G 196 19.48 -51.21 0.87
CA PRO G 196 18.70 -52.24 0.16
C PRO G 196 17.25 -52.40 0.67
N GLY G 197 16.39 -51.47 0.26
CA GLY G 197 14.96 -51.53 0.55
C GLY G 197 14.56 -51.51 2.02
N SER G 198 15.43 -50.97 2.87
CA SER G 198 15.22 -51.02 4.32
C SER G 198 14.17 -50.00 4.77
N LEU G 199 14.36 -48.75 4.34
CA LEU G 199 13.40 -47.67 4.63
C LEU G 199 12.49 -47.38 3.44
N ASN G 200 12.71 -48.06 2.32
CA ASN G 200 11.90 -47.87 1.11
C ASN G 200 10.46 -48.40 1.27
N THR G 201 10.22 -49.24 2.27
CA THR G 201 8.87 -49.65 2.65
C THR G 201 8.25 -48.56 3.50
N TRP G 202 7.26 -47.87 2.95
CA TRP G 202 6.66 -46.69 3.58
C TRP G 202 5.65 -47.08 4.66
N ALA G 203 5.22 -46.08 5.44
CA ALA G 203 4.20 -46.26 6.48
C ALA G 203 2.78 -45.99 5.97
N VAL G 204 2.59 -46.07 4.65
CA VAL G 204 1.27 -45.98 4.05
C VAL G 204 0.80 -47.40 3.73
N LEU G 205 -0.50 -47.65 3.91
CA LEU G 205 -1.07 -48.98 3.73
C LEU G 205 -1.87 -49.06 2.42
N ASP G 206 -1.63 -50.13 1.67
CA ASP G 206 -2.33 -50.38 0.40
C ASP G 206 -3.69 -51.04 0.65
N ALA G 207 -4.38 -51.40 -0.43
CA ALA G 207 -5.71 -52.02 -0.34
C ALA G 207 -5.75 -53.29 0.51
N GLN G 208 -4.63 -54.01 0.59
CA GLN G 208 -4.51 -55.18 1.45
C GLN G 208 -4.34 -54.81 2.93
N GLY G 209 -3.80 -53.62 3.19
CA GLY G 209 -3.47 -53.19 4.54
C GLY G 209 -2.00 -53.36 4.88
N ASN G 210 -1.20 -53.74 3.87
CA ASN G 210 0.24 -54.00 4.05
C ASN G 210 1.03 -52.70 3.91
N PRO G 211 2.22 -52.62 4.55
CA PRO G 211 3.06 -51.43 4.40
C PRO G 211 3.58 -51.28 2.97
N TYR G 212 3.24 -50.15 2.34
CA TYR G 212 3.46 -49.96 0.90
C TYR G 212 4.94 -49.81 0.52
N LYS G 213 5.46 -50.80 -0.20
CA LYS G 213 6.80 -50.71 -0.81
C LYS G 213 6.76 -49.80 -2.03
N ILE G 214 7.94 -49.39 -2.52
CA ILE G 214 8.01 -48.42 -3.62
C ILE G 214 9.14 -48.74 -4.61
N SER G 215 9.05 -48.08 -5.78
CA SER G 215 10.06 -48.18 -6.84
C SER G 215 10.70 -46.80 -7.06
N PRO G 216 11.82 -46.52 -6.37
CA PRO G 216 12.38 -45.17 -6.35
C PRO G 216 13.07 -44.77 -7.65
N HIS G 217 12.75 -43.57 -8.14
CA HIS G 217 13.49 -42.98 -9.26
C HIS G 217 14.84 -42.46 -8.76
N PHE G 218 14.79 -41.63 -7.72
CA PHE G 218 16.00 -41.07 -7.10
C PHE G 218 16.25 -41.81 -5.78
N THR G 219 17.52 -42.09 -5.51
CA THR G 219 17.90 -42.78 -4.27
C THR G 219 18.95 -41.97 -3.51
N ALA G 220 18.49 -41.05 -2.66
CA ALA G 220 19.37 -40.22 -1.83
C ALA G 220 19.76 -40.97 -0.56
N SER G 221 21.00 -40.78 -0.11
CA SER G 221 21.51 -41.48 1.09
C SER G 221 21.02 -40.86 2.38
N SER G 222 21.24 -39.56 2.52
CA SER G 222 20.80 -38.83 3.72
C SER G 222 19.31 -38.50 3.65
N GLY G 223 18.71 -38.31 4.82
CA GLY G 223 17.30 -37.92 4.92
C GLY G 223 17.07 -36.48 4.50
N GLU G 224 18.09 -35.64 4.66
CA GLU G 224 18.00 -34.23 4.31
C GLU G 224 18.02 -34.05 2.79
N ILE G 225 18.85 -34.82 2.10
CA ILE G 225 18.92 -34.78 0.64
C ILE G 225 17.55 -35.08 0.05
N LEU G 226 16.94 -36.18 0.52
CA LEU G 226 15.56 -36.52 0.14
C LEU G 226 14.65 -35.33 0.29
N ARG G 227 14.77 -34.65 1.45
CA ARG G 227 13.95 -33.48 1.77
C ARG G 227 14.18 -32.33 0.79
N SER G 228 15.44 -32.06 0.47
CA SER G 228 15.78 -30.99 -0.48
C SER G 228 15.31 -31.34 -1.89
N LEU G 229 15.35 -32.63 -2.23
CA LEU G 229 14.84 -33.12 -3.52
C LEU G 229 13.31 -33.05 -3.59
N CYS G 230 12.64 -33.40 -2.50
CA CYS G 230 11.19 -33.33 -2.42
C CYS G 230 10.69 -31.88 -2.33
N LEU G 231 11.51 -31.01 -1.73
CA LEU G 231 11.26 -29.57 -1.72
C LEU G 231 11.34 -29.02 -3.14
N SER G 232 12.44 -29.32 -3.82
CA SER G 232 12.68 -28.90 -5.21
C SER G 232 11.59 -29.38 -6.17
N GLY G 233 10.95 -30.50 -5.84
CA GLY G 233 9.86 -31.05 -6.63
C GLY G 233 10.27 -32.24 -7.47
N CYS G 234 11.25 -33.00 -7.00
CA CYS G 234 11.71 -34.20 -7.68
C CYS G 234 10.70 -35.35 -7.57
N GLY G 235 9.80 -35.26 -6.60
CA GLY G 235 8.72 -36.23 -6.48
C GLY G 235 8.11 -36.24 -5.09
N ILE G 236 7.66 -37.42 -4.67
CA ILE G 236 7.10 -37.63 -3.33
C ILE G 236 8.06 -38.49 -2.49
N VAL G 237 8.41 -37.99 -1.31
CA VAL G 237 9.28 -38.73 -0.39
C VAL G 237 8.54 -38.97 0.93
N CYS G 238 8.94 -40.03 1.62
CA CYS G 238 8.44 -40.33 2.95
C CYS G 238 9.59 -40.23 3.94
N LEU G 239 9.39 -39.43 4.97
CA LEU G 239 10.41 -39.17 5.98
C LEU G 239 9.76 -39.21 7.36
N SER G 240 10.55 -38.94 8.39
CA SER G 240 10.01 -38.74 9.73
C SER G 240 9.33 -37.36 9.78
N ASP G 241 8.60 -37.09 10.85
CA ASP G 241 7.81 -35.85 10.95
C ASP G 241 8.67 -34.60 11.21
N PHE G 242 9.48 -34.65 12.26
CA PHE G 242 10.33 -33.52 12.69
C PHE G 242 11.18 -32.93 11.58
N LEU G 243 11.65 -33.79 10.69
CA LEU G 243 12.48 -33.41 9.56
C LEU G 243 11.73 -32.50 8.56
N VAL G 244 10.42 -32.71 8.43
CA VAL G 244 9.60 -32.02 7.43
C VAL G 244 8.39 -31.25 7.99
N ASP G 245 8.16 -31.31 9.29
CA ASP G 245 6.95 -30.72 9.91
C ASP G 245 6.78 -29.23 9.65
N ASN G 246 7.86 -28.47 9.83
CA ASN G 246 7.81 -27.02 9.65
C ASN G 246 7.38 -26.64 8.24
N ASP G 247 7.92 -27.34 7.24
CA ASP G 247 7.59 -27.07 5.83
C ASP G 247 6.12 -27.33 5.47
N ILE G 248 5.46 -28.21 6.23
CA ILE G 248 4.02 -28.39 6.10
C ILE G 248 3.31 -27.22 6.78
N ALA G 249 3.87 -26.76 7.90
CA ALA G 249 3.39 -25.56 8.58
C ALA G 249 3.61 -24.32 7.71
N GLU G 250 4.76 -24.27 7.02
CA GLU G 250 5.05 -23.20 6.05
C GLU G 250 4.07 -23.29 4.87
N GLY G 251 3.97 -24.47 4.28
CA GLY G 251 3.23 -24.69 3.04
C GLY G 251 4.09 -25.22 1.90
N LYS G 252 5.40 -25.36 2.15
CA LYS G 252 6.37 -25.80 1.14
C LYS G 252 6.19 -27.26 0.73
N LEU G 253 5.65 -28.08 1.63
CA LEU G 253 5.35 -29.48 1.32
C LEU G 253 3.93 -29.87 1.77
N ILE G 254 3.12 -30.31 0.82
CA ILE G 254 1.71 -30.63 1.07
C ILE G 254 1.55 -32.13 1.30
N PRO G 255 1.00 -32.53 2.47
CA PRO G 255 0.78 -33.96 2.72
C PRO G 255 -0.34 -34.59 1.89
N LEU G 256 -0.18 -35.87 1.55
CA LEU G 256 -1.22 -36.63 0.84
C LEU G 256 -1.26 -38.08 1.33
N LEU G 257 -2.39 -38.74 1.05
CA LEU G 257 -2.71 -40.03 1.66
C LEU G 257 -2.54 -39.92 3.18
N ALA G 258 -3.15 -38.89 3.76
CA ALA G 258 -3.05 -38.61 5.19
C ALA G 258 -3.84 -39.61 6.03
N GLU G 259 -4.86 -40.21 5.41
CA GLU G 259 -5.69 -41.23 6.06
C GLU G 259 -5.06 -42.61 5.94
N GLN G 260 -4.32 -42.85 4.87
CA GLN G 260 -3.68 -44.15 4.62
C GLN G 260 -2.41 -44.30 5.46
N THR G 261 -1.68 -43.21 5.67
CA THR G 261 -0.43 -43.23 6.44
C THR G 261 -0.67 -43.71 7.86
N SER G 262 0.04 -44.78 8.25
CA SER G 262 -0.04 -45.31 9.60
C SER G 262 0.51 -44.30 10.60
N ASP G 263 -0.01 -44.34 11.83
CA ASP G 263 0.34 -43.37 12.87
C ASP G 263 1.27 -43.93 13.95
N LYS G 264 1.74 -45.16 13.77
CA LYS G 264 2.68 -45.76 14.72
C LYS G 264 4.01 -45.02 14.67
N THR G 265 4.35 -44.37 15.79
CA THR G 265 5.59 -43.61 15.89
C THR G 265 6.81 -44.52 16.05
N HIS G 266 8.00 -43.97 15.83
CA HIS G 266 9.24 -44.67 16.10
C HIS G 266 10.11 -43.80 17.02
N PRO G 267 10.62 -44.40 18.12
CA PRO G 267 11.41 -43.65 19.09
C PRO G 267 12.80 -43.25 18.60
N PHE G 268 13.15 -42.00 18.85
CA PHE G 268 14.50 -41.51 18.62
C PHE G 268 15.16 -41.46 19.99
N ASN G 269 16.37 -42.01 20.07
CA ASN G 269 17.02 -42.24 21.37
C ASN G 269 18.56 -42.13 21.33
N ALA G 270 19.10 -41.39 22.29
CA ALA G 270 20.53 -41.15 22.37
C ALA G 270 21.22 -42.35 23.04
N VAL G 271 21.93 -43.15 22.25
CA VAL G 271 22.63 -44.33 22.76
C VAL G 271 24.01 -43.96 23.30
N TYR G 272 24.47 -44.70 24.30
CA TYR G 272 25.81 -44.48 24.86
C TYR G 272 26.33 -45.68 25.67
N TYR G 273 27.61 -45.64 26.02
CA TYR G 273 28.27 -46.70 26.80
C TYR G 273 28.01 -46.50 28.30
N SER G 274 27.74 -47.59 29.01
CA SER G 274 27.31 -47.53 30.41
C SER G 274 28.32 -46.86 31.36
N ASP G 275 29.62 -47.09 31.13
CA ASP G 275 30.68 -46.50 31.96
C ASP G 275 30.92 -45.01 31.67
N LYS G 276 30.36 -44.50 30.58
CA LYS G 276 30.42 -43.07 30.25
C LYS G 276 29.27 -42.30 30.92
N ALA G 277 28.36 -43.02 31.58
CA ALA G 277 27.22 -42.43 32.26
C ALA G 277 27.61 -41.68 33.55
N VAL G 278 28.73 -42.05 34.15
CA VAL G 278 29.21 -41.38 35.37
C VAL G 278 29.79 -40.00 35.06
N ASN G 279 30.19 -39.76 33.82
CA ASN G 279 30.70 -38.46 33.39
C ASN G 279 29.57 -37.43 33.35
N LEU G 280 29.71 -36.37 34.13
CA LEU G 280 28.69 -35.31 34.19
C LEU G 280 28.43 -34.63 32.84
N ARG G 281 29.48 -34.48 32.04
CA ARG G 281 29.38 -33.78 30.75
C ARG G 281 28.41 -34.48 29.80
N LEU G 282 28.41 -35.82 29.80
CA LEU G 282 27.42 -36.59 29.04
C LEU G 282 26.04 -36.39 29.64
N ARG G 283 25.92 -36.61 30.95
CA ARG G 283 24.65 -36.48 31.68
C ARG G 283 23.96 -35.16 31.37
N VAL G 284 24.66 -34.04 31.60
CA VAL G 284 24.09 -32.70 31.43
C VAL G 284 23.53 -32.45 30.04
N PHE G 285 24.09 -33.12 29.04
CA PHE G 285 23.62 -32.98 27.65
C PHE G 285 22.35 -33.79 27.38
N LEU G 286 22.31 -35.03 27.86
CA LEU G 286 21.12 -35.89 27.73
C LEU G 286 19.94 -35.33 28.53
N ASP G 287 20.24 -34.90 29.76
CA ASP G 287 19.24 -34.24 30.60
C ASP G 287 18.79 -32.91 30.01
N PHE G 288 19.68 -32.29 29.24
CA PHE G 288 19.35 -31.09 28.47
C PHE G 288 18.52 -31.43 27.22
N LEU G 289 18.78 -32.58 26.62
CA LEU G 289 18.24 -32.92 25.29
C LEU G 289 16.80 -33.43 25.30
N VAL G 290 16.52 -34.46 26.10
CA VAL G 290 15.17 -35.06 26.15
C VAL G 290 14.09 -34.06 26.57
N GLU G 291 14.45 -33.11 27.44
CA GLU G 291 13.50 -32.14 27.95
C GLU G 291 13.05 -31.12 26.91
N GLU G 292 13.99 -30.65 26.09
CA GLU G 292 13.70 -29.61 25.09
C GLU G 292 12.88 -30.09 23.88
N LEU G 293 12.80 -31.40 23.68
CA LEU G 293 12.03 -31.99 22.59
C LEU G 293 11.00 -33.01 23.09
N GLY G 294 9.88 -32.50 23.62
CA GLY G 294 8.86 -33.34 24.24
C GLY G 294 8.13 -34.23 23.25
N MET H 1 43.97 -18.71 -38.10
CA MET H 1 44.01 -19.02 -36.64
C MET H 1 45.21 -19.91 -36.31
N LYS H 2 45.89 -19.59 -35.20
CA LYS H 2 47.19 -20.18 -34.89
C LYS H 2 47.25 -21.05 -33.61
N THR H 3 46.42 -20.75 -32.62
CA THR H 3 46.41 -21.52 -31.37
C THR H 3 45.70 -22.85 -31.58
N ASN H 4 46.31 -23.92 -31.06
CA ASN H 4 45.82 -25.28 -31.27
C ASN H 4 45.28 -25.83 -29.95
N SER H 5 44.18 -26.57 -30.02
CA SER H 5 43.54 -27.11 -28.82
C SER H 5 44.52 -27.87 -27.91
N GLU H 6 45.54 -28.50 -28.50
CA GLU H 6 46.59 -29.16 -27.73
C GLU H 6 47.19 -28.22 -26.69
N GLU H 7 47.59 -27.03 -27.14
CA GLU H 7 48.22 -26.06 -26.23
C GLU H 7 47.19 -25.31 -25.39
N LEU H 8 45.95 -25.18 -25.88
CA LEU H 8 44.87 -24.65 -25.06
C LEU H 8 44.60 -25.59 -23.88
N THR H 9 44.58 -26.89 -24.14
CA THR H 9 44.34 -27.88 -23.10
C THR H 9 45.52 -27.95 -22.12
N VAL H 10 46.73 -27.71 -22.62
CA VAL H 10 47.92 -27.60 -21.77
C VAL H 10 47.78 -26.40 -20.82
N PHE H 11 47.33 -25.27 -21.36
CA PHE H 11 47.23 -24.03 -20.59
C PHE H 11 46.16 -24.08 -19.50
N VAL H 12 44.99 -24.59 -19.86
CA VAL H 12 43.88 -24.72 -18.90
C VAL H 12 44.27 -25.62 -17.73
N GLN H 13 45.10 -26.62 -18.00
CA GLN H 13 45.60 -27.52 -16.96
C GLN H 13 46.51 -26.78 -15.98
N VAL H 14 47.63 -26.27 -16.50
CA VAL H 14 48.66 -25.63 -15.67
C VAL H 14 48.09 -24.58 -14.71
N VAL H 15 47.08 -23.84 -15.17
CA VAL H 15 46.46 -22.82 -14.33
C VAL H 15 45.78 -23.43 -13.11
N GLU H 16 44.71 -24.19 -13.33
CA GLU H 16 43.90 -24.72 -12.24
C GLU H 16 44.53 -25.94 -11.53
N SER H 17 45.58 -26.51 -12.10
CA SER H 17 46.30 -27.63 -11.47
C SER H 17 47.63 -27.16 -10.88
N GLY H 18 47.58 -26.06 -10.15
CA GLY H 18 48.74 -25.54 -9.45
C GLY H 18 49.67 -24.75 -10.36
N SER H 19 50.90 -25.21 -10.49
CA SER H 19 51.95 -24.49 -11.23
C SER H 19 52.49 -25.33 -12.38
N PHE H 20 53.37 -24.71 -13.16
CA PHE H 20 54.09 -25.37 -14.27
C PHE H 20 54.40 -26.86 -14.05
N SER H 21 54.82 -27.22 -12.84
CA SER H 21 55.30 -28.57 -12.53
C SER H 21 54.16 -29.57 -12.38
N ARG H 22 53.21 -29.24 -11.52
CA ARG H 22 52.11 -30.13 -11.18
C ARG H 22 51.15 -30.40 -12.34
N ALA H 23 51.17 -29.54 -13.35
CA ALA H 23 50.35 -29.71 -14.55
C ALA H 23 50.86 -30.86 -15.42
N ALA H 24 52.13 -30.77 -15.80
CA ALA H 24 52.76 -31.77 -16.65
C ALA H 24 52.67 -33.16 -16.02
N GLU H 25 52.82 -33.22 -14.71
CA GLU H 25 52.69 -34.46 -13.95
C GLU H 25 51.34 -35.15 -14.20
N GLN H 26 50.27 -34.36 -14.18
CA GLN H 26 48.92 -34.89 -14.37
C GLN H 26 48.57 -35.18 -15.83
N LEU H 27 49.37 -34.68 -16.77
CA LEU H 27 49.05 -34.79 -18.20
C LEU H 27 50.01 -35.70 -18.97
N ALA H 28 50.73 -36.57 -18.25
CA ALA H 28 51.62 -37.56 -18.85
C ALA H 28 52.72 -36.94 -19.73
N MET H 29 53.22 -35.77 -19.33
CA MET H 29 54.21 -35.04 -20.11
C MET H 29 55.27 -34.41 -19.21
N ALA H 30 56.45 -34.18 -19.77
CA ALA H 30 57.55 -33.55 -19.03
C ALA H 30 57.31 -32.04 -18.90
N ASN H 31 57.96 -31.44 -17.91
CA ASN H 31 57.90 -29.98 -17.71
C ASN H 31 58.69 -29.25 -18.79
N SER H 32 59.73 -29.89 -19.31
CA SER H 32 60.49 -29.37 -20.43
C SER H 32 59.63 -29.40 -21.71
N ALA H 33 58.78 -30.42 -21.83
CA ALA H 33 57.86 -30.54 -22.96
C ALA H 33 56.61 -29.68 -22.79
N VAL H 34 56.14 -29.52 -21.55
CA VAL H 34 54.93 -28.73 -21.27
C VAL H 34 55.19 -27.22 -21.41
N SER H 35 56.26 -26.74 -20.79
CA SER H 35 56.59 -25.31 -20.85
C SER H 35 57.03 -24.86 -22.25
N ARG H 36 57.53 -25.80 -23.06
CA ARG H 36 57.80 -25.56 -24.48
C ARG H 36 56.54 -25.07 -25.18
N ILE H 37 55.44 -25.75 -24.92
CA ILE H 37 54.14 -25.43 -25.49
C ILE H 37 53.63 -24.07 -25.04
N VAL H 38 53.51 -23.90 -23.72
CA VAL H 38 52.89 -22.70 -23.16
C VAL H 38 53.69 -21.42 -23.46
N LYS H 39 55.01 -21.55 -23.56
CA LYS H 39 55.86 -20.42 -23.97
C LYS H 39 55.59 -20.03 -25.43
N ARG H 40 55.33 -21.03 -26.27
CA ARG H 40 54.96 -20.78 -27.67
C ARG H 40 53.56 -20.18 -27.76
N LEU H 41 52.69 -20.59 -26.84
CA LEU H 41 51.30 -20.08 -26.81
C LEU H 41 51.26 -18.59 -26.51
N GLU H 42 52.15 -18.12 -25.64
CA GLU H 42 52.29 -16.70 -25.35
C GLU H 42 52.83 -15.94 -26.55
N GLU H 43 53.91 -16.46 -27.11
CA GLU H 43 54.67 -15.76 -28.14
C GLU H 43 54.05 -15.82 -29.54
N LYS H 44 52.85 -16.39 -29.67
CA LYS H 44 52.04 -16.24 -30.89
C LYS H 44 50.83 -15.33 -30.68
N LEU H 45 50.35 -15.23 -29.44
CA LEU H 45 49.32 -14.25 -29.05
C LEU H 45 49.92 -12.85 -28.84
N GLY H 46 51.23 -12.80 -28.67
CA GLY H 46 51.93 -11.53 -28.48
C GLY H 46 51.74 -10.93 -27.11
N VAL H 47 51.38 -11.77 -26.14
CA VAL H 47 51.08 -11.32 -24.78
C VAL H 47 51.53 -12.33 -23.72
N ASN H 48 51.69 -11.84 -22.50
CA ASN H 48 52.26 -12.62 -21.40
C ASN H 48 51.18 -13.11 -20.42
N LEU H 49 50.89 -14.41 -20.45
CA LEU H 49 49.87 -15.01 -19.58
C LEU H 49 50.40 -15.26 -18.17
N LEU H 50 51.55 -15.94 -18.09
CA LEU H 50 52.16 -16.29 -16.80
C LEU H 50 52.78 -15.07 -16.12
N ASN H 51 53.12 -15.23 -14.84
CA ASN H 51 53.82 -14.20 -14.09
C ASN H 51 54.60 -14.79 -12.91
N ARG H 52 55.78 -15.33 -13.23
CA ARG H 52 56.67 -15.96 -12.24
C ARG H 52 57.57 -14.97 -11.47
N THR H 53 57.16 -13.71 -11.40
CA THR H 53 57.84 -12.73 -10.55
C THR H 53 57.71 -13.14 -9.09
N THR H 54 56.51 -13.56 -8.69
CA THR H 54 56.26 -14.09 -7.35
C THR H 54 56.58 -15.58 -7.32
N ARG H 55 56.69 -16.15 -6.12
CA ARG H 55 57.03 -17.56 -5.91
C ARG H 55 56.28 -18.50 -6.87
N GLN H 56 54.96 -18.58 -6.74
CA GLN H 56 54.14 -19.38 -7.63
C GLN H 56 53.69 -18.51 -8.81
N LEU H 57 53.63 -19.09 -10.00
CA LEU H 57 53.16 -18.35 -11.17
C LEU H 57 51.70 -17.96 -10.97
N SER H 58 51.36 -16.74 -11.35
CA SER H 58 49.99 -16.24 -11.29
C SER H 58 49.59 -15.69 -12.66
N LEU H 59 48.28 -15.53 -12.85
CA LEU H 59 47.75 -15.08 -14.13
C LEU H 59 47.92 -13.57 -14.26
N THR H 60 48.37 -13.11 -15.41
CA THR H 60 48.34 -11.68 -15.71
C THR H 60 46.89 -11.26 -15.92
N GLU H 61 46.63 -9.96 -15.89
CA GLU H 61 45.27 -9.45 -16.12
C GLU H 61 44.72 -10.05 -17.42
N GLU H 62 45.58 -10.12 -18.44
CA GLU H 62 45.21 -10.70 -19.73
C GLU H 62 45.24 -12.23 -19.69
N GLY H 63 46.20 -12.79 -18.93
CA GLY H 63 46.34 -14.24 -18.80
C GLY H 63 45.15 -14.97 -18.20
N ALA H 64 44.41 -14.29 -17.34
CA ALA H 64 43.19 -14.86 -16.77
C ALA H 64 42.05 -14.80 -17.79
N GLN H 65 41.96 -13.69 -18.53
CA GLN H 65 40.89 -13.53 -19.51
C GLN H 65 41.02 -14.50 -20.69
N TYR H 66 42.25 -14.93 -21.00
CA TYR H 66 42.45 -16.00 -21.98
C TYR H 66 42.08 -17.33 -21.36
N PHE H 67 42.35 -17.48 -20.06
CA PHE H 67 41.97 -18.72 -19.37
C PHE H 67 40.45 -18.93 -19.40
N ARG H 68 39.68 -17.91 -19.04
CA ARG H 68 38.21 -18.00 -19.06
C ARG H 68 37.70 -18.47 -20.42
N ARG H 69 38.23 -17.89 -21.49
CA ARG H 69 37.89 -18.34 -22.84
C ARG H 69 38.44 -19.73 -23.13
N ALA H 70 39.70 -19.96 -22.75
CA ALA H 70 40.36 -21.24 -22.99
C ALA H 70 39.58 -22.39 -22.38
N GLN H 71 39.10 -22.18 -21.16
CA GLN H 71 38.34 -23.21 -20.43
C GLN H 71 37.03 -23.56 -21.13
N ARG H 72 36.25 -22.53 -21.51
CA ARG H 72 34.94 -22.76 -22.13
C ARG H 72 35.06 -23.49 -23.47
N ILE H 73 36.04 -23.10 -24.28
CA ILE H 73 36.32 -23.78 -25.53
C ILE H 73 36.44 -25.28 -25.28
N LEU H 74 37.36 -25.64 -24.39
CA LEU H 74 37.59 -27.05 -24.06
C LEU H 74 36.36 -27.70 -23.41
N GLN H 75 35.57 -26.92 -22.71
CA GLN H 75 34.33 -27.41 -22.10
C GLN H 75 33.31 -27.76 -23.18
N GLU H 76 32.87 -26.77 -23.94
CA GLU H 76 31.83 -26.99 -24.94
C GLU H 76 32.33 -27.68 -26.22
N MET H 77 33.62 -27.96 -26.27
CA MET H 77 34.17 -28.88 -27.26
C MET H 77 33.79 -30.30 -26.82
N ALA H 78 34.14 -30.62 -25.57
CA ALA H 78 33.75 -31.88 -24.94
C ALA H 78 32.23 -32.10 -24.95
N ALA H 79 31.46 -31.00 -24.85
CA ALA H 79 29.99 -31.08 -24.86
C ALA H 79 29.42 -31.50 -26.22
N ALA H 80 30.04 -31.04 -27.30
CA ALA H 80 29.63 -31.43 -28.64
C ALA H 80 30.17 -32.82 -28.96
N GLU H 81 31.26 -33.20 -28.29
CA GLU H 81 31.75 -34.57 -28.35
C GLU H 81 30.68 -35.47 -27.74
N THR H 82 30.22 -35.10 -26.54
CA THR H 82 29.10 -35.77 -25.83
C THR H 82 27.80 -35.79 -26.63
N GLU H 83 27.36 -34.61 -27.08
CA GLU H 83 26.12 -34.45 -27.84
C GLU H 83 26.00 -35.44 -29.03
N MET H 84 27.15 -35.82 -29.60
CA MET H 84 27.18 -36.81 -30.69
C MET H 84 27.27 -38.25 -30.18
N LEU H 85 27.99 -38.48 -29.09
CA LEU H 85 28.02 -39.80 -28.44
C LEU H 85 26.63 -40.26 -27.98
N ALA H 86 25.73 -39.30 -27.72
CA ALA H 86 24.34 -39.60 -27.35
C ALA H 86 23.39 -39.50 -28.53
N VAL H 87 23.86 -39.82 -29.74
CA VAL H 87 23.00 -39.89 -30.92
C VAL H 87 22.59 -41.36 -31.15
N HIS H 88 23.57 -42.21 -31.46
CA HIS H 88 23.34 -43.64 -31.65
C HIS H 88 23.42 -44.43 -30.34
N GLU H 89 23.44 -43.70 -29.21
CA GLU H 89 23.32 -44.28 -27.88
C GLU H 89 22.44 -43.37 -27.02
N ILE H 90 21.91 -43.90 -25.92
CA ILE H 90 20.98 -43.13 -25.09
C ILE H 90 21.31 -43.30 -23.60
N PRO H 91 21.21 -42.21 -22.82
CA PRO H 91 21.55 -42.27 -21.39
C PRO H 91 20.47 -42.97 -20.55
N GLN H 92 20.80 -44.18 -20.10
CA GLN H 92 19.92 -45.00 -19.25
C GLN H 92 20.78 -45.68 -18.19
N GLY H 93 20.29 -45.74 -16.95
CA GLY H 93 20.91 -46.56 -15.92
C GLY H 93 21.19 -45.84 -14.62
N VAL H 94 21.60 -46.62 -13.62
CA VAL H 94 21.86 -46.11 -12.28
C VAL H 94 23.12 -45.26 -12.25
N LEU H 95 23.01 -44.03 -11.75
CA LEU H 95 24.14 -43.10 -11.67
C LEU H 95 24.36 -42.68 -10.22
N SER H 96 25.50 -43.11 -9.67
CA SER H 96 25.74 -43.03 -8.24
C SER H 96 26.74 -41.94 -7.90
N VAL H 97 26.23 -40.80 -7.44
CA VAL H 97 27.08 -39.65 -7.11
C VAL H 97 27.36 -39.58 -5.61
N ASP H 98 28.63 -39.38 -5.27
CA ASP H 98 29.11 -39.28 -3.87
C ASP H 98 29.66 -37.89 -3.60
N SER H 99 28.81 -37.00 -3.08
CA SER H 99 29.19 -35.60 -2.85
C SER H 99 29.20 -35.24 -1.37
N ALA H 100 29.95 -34.18 -1.04
CA ALA H 100 29.90 -33.57 0.28
C ALA H 100 28.50 -33.02 0.50
N MET H 101 28.04 -33.06 1.75
CA MET H 101 26.67 -32.66 2.07
C MET H 101 26.36 -31.21 1.64
N PRO H 102 27.27 -30.26 1.90
CA PRO H 102 27.04 -28.90 1.41
C PRO H 102 26.64 -28.81 -0.06
N MET H 103 27.27 -29.62 -0.90
CA MET H 103 27.06 -29.55 -2.36
C MET H 103 25.73 -30.13 -2.81
N VAL H 104 25.47 -31.39 -2.45
CA VAL H 104 24.23 -32.07 -2.86
C VAL H 104 22.99 -31.27 -2.42
N LEU H 105 23.05 -30.71 -1.22
CA LEU H 105 21.95 -29.89 -0.69
C LEU H 105 21.72 -28.59 -1.46
N HIS H 106 22.81 -27.90 -1.80
CA HIS H 106 22.71 -26.57 -2.38
C HIS H 106 22.80 -26.54 -3.90
N LEU H 107 23.71 -27.33 -4.47
CA LEU H 107 23.95 -27.28 -5.90
C LEU H 107 23.09 -28.30 -6.63
N LEU H 108 23.18 -29.56 -6.21
CA LEU H 108 22.53 -30.66 -6.93
C LEU H 108 21.02 -30.68 -6.71
N ALA H 109 20.60 -30.50 -5.46
CA ALA H 109 19.18 -30.61 -5.09
C ALA H 109 18.25 -29.77 -5.96
N PRO H 110 18.50 -28.44 -6.05
CA PRO H 110 17.65 -27.60 -6.89
C PRO H 110 17.90 -27.72 -8.41
N LEU H 111 18.85 -28.56 -8.81
CA LEU H 111 19.13 -28.83 -10.24
C LEU H 111 18.68 -30.23 -10.69
N ALA H 112 18.44 -31.12 -9.73
CA ALA H 112 17.90 -32.45 -10.04
C ALA H 112 16.58 -32.32 -10.81
N ALA H 113 15.78 -31.33 -10.43
CA ALA H 113 14.51 -31.02 -11.11
C ALA H 113 14.69 -30.95 -12.63
N LYS H 114 15.67 -30.15 -13.05
CA LYS H 114 16.02 -30.00 -14.45
C LYS H 114 16.59 -31.31 -15.00
N PHE H 115 17.64 -31.80 -14.36
CA PHE H 115 18.34 -33.01 -14.80
C PHE H 115 17.42 -34.22 -14.96
N ASN H 116 16.39 -34.29 -14.11
CA ASN H 116 15.37 -35.34 -14.21
C ASN H 116 14.72 -35.35 -15.58
N GLU H 117 14.06 -34.24 -15.94
CA GLU H 117 13.29 -34.14 -17.18
C GLU H 117 14.11 -34.50 -18.41
N ARG H 118 15.30 -33.91 -18.51
CA ARG H 118 16.15 -34.07 -19.70
C ARG H 118 16.61 -35.52 -19.93
N TYR H 119 16.86 -36.24 -18.84
CA TYR H 119 17.33 -37.63 -18.92
C TYR H 119 16.52 -38.48 -17.94
N PRO H 120 15.26 -38.80 -18.32
CA PRO H 120 14.36 -39.51 -17.40
C PRO H 120 14.65 -41.01 -17.26
N HIS H 121 15.52 -41.54 -18.13
CA HIS H 121 15.95 -42.94 -18.03
C HIS H 121 17.11 -43.15 -17.06
N ILE H 122 17.75 -42.05 -16.61
CA ILE H 122 18.85 -42.13 -15.67
C ILE H 122 18.34 -42.22 -14.25
N ARG H 123 18.68 -43.31 -13.56
CA ARG H 123 18.33 -43.48 -12.15
C ARG H 123 19.43 -42.89 -11.27
N LEU H 124 19.20 -41.67 -10.79
CA LEU H 124 20.21 -40.96 -10.01
C LEU H 124 20.24 -41.48 -8.57
N SER H 125 21.45 -41.68 -8.06
CA SER H 125 21.66 -42.14 -6.69
C SER H 125 22.58 -41.16 -5.96
N LEU H 126 21.97 -40.19 -5.29
CA LEU H 126 22.70 -39.23 -4.48
C LEU H 126 23.18 -39.90 -3.19
N VAL H 127 24.45 -40.32 -3.19
CA VAL H 127 25.04 -40.87 -1.98
C VAL H 127 25.99 -39.82 -1.39
N SER H 128 26.55 -40.10 -0.23
CA SER H 128 27.51 -39.19 0.41
C SER H 128 28.46 -39.95 1.33
N SER H 129 29.73 -39.54 1.31
CA SER H 129 30.79 -40.21 2.06
C SER H 129 31.87 -39.21 2.46
N GLU H 130 32.81 -39.65 3.30
CA GLU H 130 33.90 -38.80 3.78
C GLU H 130 35.14 -38.94 2.89
N GLY H 131 35.57 -40.18 2.67
CA GLY H 131 36.75 -40.45 1.86
C GLY H 131 36.41 -40.83 0.42
N TYR H 132 37.45 -41.02 -0.38
CA TYR H 132 37.31 -41.42 -1.80
C TYR H 132 37.32 -42.95 -1.98
N ILE H 133 37.17 -43.69 -0.88
CA ILE H 133 37.35 -45.15 -0.87
C ILE H 133 36.32 -45.85 -1.76
N ASN H 134 35.06 -45.52 -1.54
CA ASN H 134 33.95 -46.04 -2.34
C ASN H 134 34.18 -45.91 -3.85
N LEU H 135 34.54 -44.70 -4.29
CA LEU H 135 34.74 -44.44 -5.72
C LEU H 135 35.87 -45.29 -6.32
N ILE H 136 36.93 -45.49 -5.53
CA ILE H 136 38.04 -46.37 -5.93
C ILE H 136 37.53 -47.78 -6.12
N GLU H 137 36.63 -48.20 -5.24
CA GLU H 137 36.02 -49.53 -5.31
C GLU H 137 34.89 -49.62 -6.34
N ARG H 138 34.55 -48.48 -6.96
CA ARG H 138 33.57 -48.42 -8.05
C ARG H 138 32.16 -48.82 -7.60
N LYS H 139 31.84 -48.56 -6.32
CA LYS H 139 30.47 -48.68 -5.80
C LYS H 139 29.71 -47.36 -6.01
N VAL H 140 30.46 -46.27 -6.11
CA VAL H 140 29.96 -44.99 -6.61
C VAL H 140 30.65 -44.69 -7.94
N ASP H 141 29.95 -43.95 -8.81
CA ASP H 141 30.44 -43.68 -10.16
C ASP H 141 31.25 -42.39 -10.24
N ILE H 142 30.82 -41.36 -9.52
CA ILE H 142 31.42 -40.02 -9.59
C ILE H 142 31.33 -39.34 -8.23
N ALA H 143 32.41 -38.67 -7.81
CA ALA H 143 32.43 -37.96 -6.54
C ALA H 143 32.74 -36.48 -6.75
N LEU H 144 31.87 -35.62 -6.21
CA LEU H 144 32.06 -34.16 -6.26
C LEU H 144 32.78 -33.71 -4.98
N ARG H 145 34.04 -33.29 -5.11
CA ARG H 145 34.87 -33.04 -3.95
C ARG H 145 35.78 -31.83 -4.15
N ALA H 146 35.76 -30.91 -3.20
CA ALA H 146 36.59 -29.71 -3.25
C ALA H 146 38.03 -29.99 -2.87
N GLY H 147 38.54 -31.16 -3.24
CA GLY H 147 39.84 -31.63 -2.76
C GLY H 147 40.83 -31.75 -3.89
N GLU H 148 42.01 -31.17 -3.70
CA GLU H 148 43.07 -31.26 -4.71
C GLU H 148 44.21 -32.16 -4.22
N LEU H 149 43.83 -33.34 -3.74
CA LEU H 149 44.78 -34.38 -3.38
C LEU H 149 44.45 -35.64 -4.20
N ASP H 150 44.21 -35.44 -5.49
CA ASP H 150 43.73 -36.48 -6.39
C ASP H 150 44.71 -36.74 -7.54
N ASP H 151 46.01 -36.69 -7.24
CA ASP H 151 47.06 -36.95 -8.24
C ASP H 151 47.24 -38.46 -8.39
N SER H 152 46.18 -39.12 -8.84
CA SER H 152 46.07 -40.56 -8.79
C SER H 152 45.73 -41.19 -10.14
N GLY H 153 45.96 -40.48 -11.24
CA GLY H 153 45.59 -40.97 -12.56
C GLY H 153 44.09 -40.90 -12.84
N LEU H 154 43.28 -41.09 -11.80
CA LEU H 154 41.84 -40.87 -11.88
C LEU H 154 41.57 -39.39 -12.14
N ARG H 155 40.68 -39.14 -13.09
CA ARG H 155 40.47 -37.80 -13.62
C ARG H 155 39.88 -36.86 -12.56
N ALA H 156 40.20 -35.57 -12.66
CA ALA H 156 39.66 -34.55 -11.76
C ALA H 156 39.11 -33.38 -12.57
N ARG H 157 37.86 -33.52 -13.01
CA ARG H 157 37.20 -32.53 -13.86
C ARG H 157 36.72 -31.32 -13.05
N HIS H 158 37.32 -30.16 -13.28
CA HIS H 158 36.93 -28.92 -12.61
C HIS H 158 35.45 -28.60 -12.82
N LEU H 159 34.82 -28.02 -11.82
CA LEU H 159 33.41 -27.61 -11.87
C LEU H 159 33.27 -26.10 -11.74
N PHE H 160 33.73 -25.56 -10.61
CA PHE H 160 33.67 -24.12 -10.35
C PHE H 160 34.68 -23.70 -9.28
N ASP H 161 34.81 -22.39 -9.07
CA ASP H 161 35.71 -21.85 -8.06
C ASP H 161 34.90 -21.13 -6.98
N SER H 162 35.43 -21.11 -5.76
CA SER H 162 34.70 -20.56 -4.61
C SER H 162 35.63 -19.87 -3.62
N ARG H 163 35.32 -18.62 -3.29
CA ARG H 163 36.00 -17.91 -2.21
C ARG H 163 35.39 -18.33 -0.87
N PHE H 164 36.18 -18.19 0.19
CA PHE H 164 35.68 -18.35 1.55
C PHE H 164 35.00 -17.05 1.98
N ARG H 165 34.12 -17.14 2.97
CA ARG H 165 33.47 -15.95 3.55
C ARG H 165 33.19 -16.16 5.04
N VAL H 166 33.86 -15.36 5.89
CA VAL H 166 33.62 -15.39 7.32
C VAL H 166 32.29 -14.70 7.62
N ILE H 167 31.39 -15.43 8.28
CA ILE H 167 30.00 -14.99 8.44
C ILE H 167 29.48 -15.23 9.85
N ALA H 168 28.49 -14.42 10.25
CA ALA H 168 27.80 -14.58 11.54
C ALA H 168 26.31 -14.25 11.38
N SER H 169 25.56 -14.44 12.46
CA SER H 169 24.13 -14.13 12.49
C SER H 169 23.91 -12.70 13.01
N PRO H 170 22.84 -12.02 12.53
CA PRO H 170 22.54 -10.67 13.01
C PRO H 170 22.09 -10.62 14.46
N GLU H 171 21.60 -11.75 14.98
CA GLU H 171 21.32 -11.88 16.41
C GLU H 171 22.62 -12.01 17.20
N TYR H 172 23.58 -12.79 16.68
CA TYR H 172 24.87 -12.98 17.35
C TYR H 172 25.72 -11.72 17.35
N LEU H 173 25.86 -11.09 16.18
CA LEU H 173 26.68 -9.88 16.04
C LEU H 173 26.11 -8.69 16.82
N ALA H 174 24.79 -8.55 16.85
CA ALA H 174 24.13 -7.48 17.58
C ALA H 174 23.97 -7.79 19.08
N LYS H 175 24.35 -9.00 19.50
CA LYS H 175 24.37 -9.37 20.93
C LYS H 175 25.72 -9.94 21.43
N HIS H 176 26.74 -9.91 20.58
CA HIS H 176 28.13 -10.15 21.01
C HIS H 176 29.17 -9.28 20.27
N GLY H 177 28.70 -8.26 19.56
CA GLY H 177 29.59 -7.33 18.85
C GLY H 177 29.99 -7.80 17.46
N THR H 178 30.42 -6.84 16.64
CA THR H 178 30.94 -7.09 15.30
C THR H 178 32.43 -6.73 15.27
N PRO H 179 33.31 -7.73 15.10
CA PRO H 179 34.76 -7.48 15.14
C PRO H 179 35.26 -6.76 13.89
N GLN H 180 35.96 -5.64 14.08
CA GLN H 180 36.44 -4.82 12.96
C GLN H 180 37.78 -5.35 12.45
N SER H 181 38.74 -5.51 13.36
CA SER H 181 40.06 -6.03 13.02
C SER H 181 40.07 -7.56 13.05
N THR H 182 41.07 -8.13 12.39
CA THR H 182 41.26 -9.59 12.37
C THR H 182 41.92 -10.11 13.65
N GLU H 183 42.35 -9.20 14.52
CA GLU H 183 42.92 -9.54 15.82
C GLU H 183 41.84 -9.66 16.90
N GLU H 184 40.70 -9.01 16.68
CA GLU H 184 39.57 -9.05 17.62
C GLU H 184 38.79 -10.37 17.56
N LEU H 185 39.15 -11.25 16.63
CA LEU H 185 38.48 -12.53 16.47
C LEU H 185 38.67 -13.46 17.66
N ALA H 186 39.84 -13.39 18.29
CA ALA H 186 40.17 -14.24 19.44
C ALA H 186 39.11 -14.19 20.55
N GLY H 187 38.47 -13.04 20.73
CA GLY H 187 37.45 -12.85 21.77
C GLY H 187 36.01 -13.04 21.30
N HIS H 188 35.83 -13.69 20.15
CA HIS H 188 34.50 -14.05 19.65
C HIS H 188 34.41 -15.56 19.46
N GLN H 189 33.19 -16.09 19.45
CA GLN H 189 32.97 -17.53 19.29
C GLN H 189 33.24 -17.96 17.84
N CYS H 190 34.24 -18.81 17.66
CA CYS H 190 34.67 -19.23 16.32
C CYS H 190 34.48 -20.72 16.07
N LEU H 191 33.46 -21.06 15.29
CA LEU H 191 33.13 -22.44 14.98
C LEU H 191 34.05 -22.93 13.86
N GLY H 192 34.64 -24.11 14.07
CA GLY H 192 35.57 -24.69 13.09
C GLY H 192 35.26 -26.15 12.81
N PHE H 193 36.14 -26.80 12.06
CA PHE H 193 36.00 -28.22 11.72
C PHE H 193 36.58 -29.12 12.80
N THR H 194 36.12 -30.37 12.83
CA THR H 194 36.57 -31.36 13.81
C THR H 194 37.98 -31.88 13.57
N GLU H 195 38.48 -31.71 12.35
CA GLU H 195 39.80 -32.22 11.95
C GLU H 195 40.91 -31.30 12.46
N PRO H 196 41.89 -31.85 13.21
CA PRO H 196 43.02 -31.06 13.74
C PRO H 196 43.81 -30.23 12.71
N GLY H 197 43.58 -28.92 12.69
CA GLY H 197 44.37 -27.98 11.89
C GLY H 197 44.19 -28.04 10.37
N SER H 198 43.15 -28.73 9.90
CA SER H 198 42.93 -28.90 8.46
C SER H 198 42.41 -27.59 7.82
N LEU H 199 41.09 -27.35 7.89
CA LEU H 199 40.52 -26.09 7.43
C LEU H 199 40.27 -25.12 8.58
N ASN H 200 40.63 -25.52 9.80
CA ASN H 200 40.62 -24.63 10.95
C ASN H 200 41.63 -23.48 10.78
N THR H 201 42.56 -23.65 9.85
CA THR H 201 43.40 -22.54 9.37
C THR H 201 42.57 -21.72 8.38
N TRP H 202 41.89 -20.69 8.89
CA TRP H 202 41.00 -19.86 8.08
C TRP H 202 41.80 -19.05 7.06
N ALA H 203 41.16 -18.70 5.95
CA ALA H 203 41.78 -17.91 4.88
C ALA H 203 41.48 -16.42 5.07
N VAL H 204 41.88 -15.87 6.22
CA VAL H 204 41.73 -14.44 6.53
C VAL H 204 43.06 -13.90 7.04
N LEU H 205 43.60 -12.90 6.33
CA LEU H 205 44.96 -12.42 6.55
C LEU H 205 45.09 -11.59 7.84
N ASP H 206 45.86 -12.11 8.79
CA ASP H 206 46.12 -11.42 10.06
C ASP H 206 46.91 -10.11 9.84
N ALA H 207 47.28 -9.43 10.92
CA ALA H 207 48.03 -8.16 10.83
C ALA H 207 49.42 -8.31 10.20
N GLN H 208 49.93 -9.54 10.12
CA GLN H 208 51.23 -9.84 9.51
C GLN H 208 51.11 -10.32 8.05
N GLY H 209 49.91 -10.72 7.64
CA GLY H 209 49.66 -11.18 6.26
C GLY H 209 49.69 -12.69 6.10
N ASN H 210 49.09 -13.40 7.06
CA ASN H 210 49.08 -14.86 7.09
C ASN H 210 47.68 -15.40 7.35
N PRO H 211 47.41 -16.68 7.01
CA PRO H 211 46.09 -17.27 7.27
C PRO H 211 45.79 -17.45 8.76
N TYR H 212 44.65 -16.93 9.21
CA TYR H 212 44.28 -16.94 10.62
C TYR H 212 44.00 -18.36 11.12
N LYS H 213 44.67 -18.76 12.20
CA LYS H 213 44.50 -20.08 12.79
C LYS H 213 43.58 -19.97 13.99
N ILE H 214 42.52 -20.77 14.01
CA ILE H 214 41.43 -20.61 14.98
C ILE H 214 41.35 -21.72 16.02
N SER H 215 41.25 -21.32 17.28
CA SER H 215 40.99 -22.21 18.40
C SER H 215 39.48 -22.46 18.46
N PRO H 216 39.02 -23.61 17.92
CA PRO H 216 37.59 -23.78 17.75
C PRO H 216 36.89 -24.24 19.03
N HIS H 217 35.86 -23.52 19.45
CA HIS H 217 35.07 -23.91 20.62
C HIS H 217 34.13 -25.04 20.24
N PHE H 218 33.20 -24.75 19.33
CA PHE H 218 32.37 -25.78 18.72
C PHE H 218 33.14 -26.34 17.52
N THR H 219 33.06 -27.66 17.35
CA THR H 219 33.73 -28.34 16.25
C THR H 219 32.77 -29.30 15.54
N ALA H 220 32.22 -28.85 14.41
CA ALA H 220 31.28 -29.65 13.63
C ALA H 220 32.02 -30.39 12.53
N SER H 221 31.63 -31.63 12.26
CA SER H 221 32.31 -32.44 11.25
C SER H 221 31.79 -32.23 9.82
N SER H 222 30.89 -31.26 9.63
CA SER H 222 30.41 -30.91 8.29
C SER H 222 30.26 -29.40 8.10
N GLY H 223 30.44 -28.94 6.86
CA GLY H 223 30.29 -27.54 6.52
C GLY H 223 28.84 -27.08 6.65
N GLU H 224 27.92 -27.95 6.26
CA GLU H 224 26.49 -27.67 6.35
C GLU H 224 25.99 -27.58 7.81
N ILE H 225 26.63 -28.31 8.71
CA ILE H 225 26.30 -28.23 10.13
C ILE H 225 26.79 -26.91 10.72
N LEU H 226 28.03 -26.54 10.39
CA LEU H 226 28.61 -25.27 10.81
C LEU H 226 27.73 -24.08 10.38
N ARG H 227 27.07 -24.22 9.24
CA ARG H 227 26.13 -23.22 8.75
C ARG H 227 24.95 -23.07 9.71
N SER H 228 24.28 -24.18 10.02
CA SER H 228 23.08 -24.16 10.87
C SER H 228 23.38 -23.95 12.36
N LEU H 229 24.64 -24.10 12.75
CA LEU H 229 25.11 -23.63 14.06
C LEU H 229 25.13 -22.10 14.03
N CYS H 230 25.84 -21.56 13.05
CA CYS H 230 25.99 -20.12 12.89
C CYS H 230 24.67 -19.42 12.60
N LEU H 231 23.89 -19.97 11.68
CA LEU H 231 22.60 -19.41 11.30
C LEU H 231 21.67 -19.18 12.51
N SER H 232 21.81 -20.02 13.53
CA SER H 232 21.05 -19.88 14.78
C SER H 232 21.92 -19.41 15.96
N GLY H 233 22.85 -18.50 15.68
CA GLY H 233 23.66 -17.83 16.70
C GLY H 233 24.42 -18.75 17.63
N CYS H 234 25.46 -19.41 17.11
CA CYS H 234 26.37 -20.21 17.92
C CYS H 234 27.83 -19.78 17.78
N GLY H 235 28.10 -18.85 16.88
CA GLY H 235 29.46 -18.37 16.61
C GLY H 235 29.69 -18.16 15.13
N ILE H 236 30.68 -17.32 14.80
CA ILE H 236 31.02 -17.05 13.41
C ILE H 236 31.82 -18.22 12.82
N VAL H 237 31.56 -18.51 11.55
CA VAL H 237 32.14 -19.69 10.91
C VAL H 237 32.63 -19.36 9.50
N CYS H 238 33.68 -20.06 9.07
CA CYS H 238 34.28 -19.84 7.75
C CYS H 238 34.03 -21.04 6.83
N LEU H 239 33.25 -20.79 5.78
CA LEU H 239 32.86 -21.80 4.81
C LEU H 239 32.93 -21.23 3.38
N SER H 240 32.64 -22.06 2.39
CA SER H 240 32.65 -21.63 0.98
C SER H 240 31.49 -20.68 0.70
N ASP H 241 31.66 -19.84 -0.32
CA ASP H 241 30.68 -18.79 -0.61
C ASP H 241 29.33 -19.33 -1.10
N PHE H 242 29.36 -20.39 -1.92
CA PHE H 242 28.12 -20.95 -2.49
C PHE H 242 27.20 -21.53 -1.40
N LEU H 243 27.81 -22.00 -0.32
CA LEU H 243 27.06 -22.55 0.80
C LEU H 243 26.12 -21.53 1.43
N VAL H 244 26.56 -20.26 1.50
CA VAL H 244 25.84 -19.23 2.26
C VAL H 244 25.61 -17.88 1.55
N ASP H 245 26.11 -17.71 0.33
CA ASP H 245 25.87 -16.46 -0.43
C ASP H 245 24.38 -16.14 -0.56
N ASN H 246 23.56 -17.18 -0.62
CA ASN H 246 22.11 -17.03 -0.72
C ASN H 246 21.51 -16.47 0.57
N ASP H 247 22.00 -16.96 1.71
CA ASP H 247 21.53 -16.53 3.02
C ASP H 247 21.85 -15.06 3.30
N ILE H 248 23.09 -14.66 3.04
CA ILE H 248 23.49 -13.26 3.23
C ILE H 248 22.75 -12.31 2.29
N ALA H 249 22.30 -12.82 1.14
CA ALA H 249 21.45 -12.06 0.22
C ALA H 249 20.05 -11.85 0.82
N GLU H 250 19.50 -12.91 1.41
CA GLU H 250 18.20 -12.84 2.09
C GLU H 250 18.26 -11.94 3.33
N GLY H 251 19.45 -11.84 3.93
CA GLY H 251 19.67 -10.98 5.08
C GLY H 251 19.65 -11.71 6.41
N LYS H 252 19.73 -13.04 6.36
CA LYS H 252 19.71 -13.85 7.58
C LYS H 252 21.13 -14.11 8.10
N LEU H 253 22.14 -13.79 7.29
CA LEU H 253 23.54 -13.91 7.70
C LEU H 253 24.35 -12.67 7.30
N ILE H 254 25.40 -12.40 8.06
CA ILE H 254 26.20 -11.19 7.91
C ILE H 254 27.62 -11.53 7.49
N PRO H 255 28.16 -10.84 6.46
CA PRO H 255 29.57 -11.00 6.12
C PRO H 255 30.48 -10.28 7.11
N LEU H 256 31.62 -10.90 7.45
CA LEU H 256 32.55 -10.36 8.45
C LEU H 256 33.95 -10.18 7.85
N LEU H 257 34.57 -9.03 8.13
CA LEU H 257 35.92 -8.69 7.66
C LEU H 257 36.10 -8.82 6.13
N ALA H 258 35.45 -7.93 5.39
CA ALA H 258 35.46 -7.96 3.92
C ALA H 258 36.87 -7.76 3.35
N GLU H 259 37.59 -6.79 3.91
CA GLU H 259 38.93 -6.43 3.43
C GLU H 259 40.01 -7.42 3.89
N GLN H 260 39.88 -7.92 5.12
CA GLN H 260 40.88 -8.79 5.73
C GLN H 260 40.72 -10.27 5.33
N THR H 261 39.61 -10.60 4.68
CA THR H 261 39.39 -11.96 4.17
C THR H 261 40.01 -12.08 2.77
N SER H 262 40.61 -13.24 2.49
CA SER H 262 41.35 -13.49 1.24
C SER H 262 40.41 -13.57 0.02
N ASP H 263 40.96 -13.32 -1.16
CA ASP H 263 40.19 -13.27 -2.42
C ASP H 263 40.41 -14.49 -3.33
N LYS H 264 41.48 -15.25 -3.10
CA LYS H 264 41.79 -16.41 -3.93
C LYS H 264 40.72 -17.50 -3.76
N THR H 265 40.44 -18.21 -4.85
CA THR H 265 39.26 -19.09 -4.91
C THR H 265 39.61 -20.59 -4.88
N HIS H 266 38.89 -21.34 -4.06
CA HIS H 266 39.08 -22.78 -3.94
C HIS H 266 38.33 -23.50 -5.04
N PRO H 267 39.04 -24.32 -5.85
CA PRO H 267 38.38 -25.06 -6.92
C PRO H 267 37.72 -26.35 -6.48
N PHE H 268 36.47 -26.53 -6.89
CA PHE H 268 35.72 -27.76 -6.66
C PHE H 268 35.71 -28.56 -7.96
N ASN H 269 35.86 -29.86 -7.87
CA ASN H 269 35.86 -30.71 -9.07
C ASN H 269 35.22 -32.09 -8.87
N ALA H 270 34.68 -32.63 -9.95
CA ALA H 270 34.06 -33.96 -9.93
C ALA H 270 35.08 -35.00 -10.37
N VAL H 271 35.64 -35.75 -9.41
CA VAL H 271 36.68 -36.75 -9.69
C VAL H 271 36.11 -38.15 -9.87
N TYR H 272 36.72 -38.93 -10.76
CA TYR H 272 36.20 -40.23 -11.17
C TYR H 272 37.28 -41.02 -11.93
N TYR H 273 36.98 -42.26 -12.30
CA TYR H 273 37.93 -43.09 -13.07
C TYR H 273 38.11 -42.59 -14.50
N SER H 274 39.30 -42.78 -15.03
CA SER H 274 39.58 -42.48 -16.44
C SER H 274 38.86 -43.46 -17.38
N ASP H 275 38.82 -44.73 -16.98
CA ASP H 275 38.19 -45.80 -17.79
C ASP H 275 36.67 -45.70 -17.83
N LYS H 276 36.10 -45.07 -16.79
CA LYS H 276 34.64 -44.88 -16.66
C LYS H 276 34.16 -43.59 -17.36
N ALA H 277 35.09 -42.86 -17.99
CA ALA H 277 34.76 -41.68 -18.78
C ALA H 277 34.00 -42.06 -20.06
N VAL H 278 34.20 -43.29 -20.54
CA VAL H 278 33.50 -43.80 -21.73
C VAL H 278 32.00 -44.03 -21.51
N ASN H 279 31.52 -43.82 -20.29
CA ASN H 279 30.10 -43.95 -19.97
C ASN H 279 29.34 -42.70 -20.35
N LEU H 280 28.46 -42.82 -21.35
CA LEU H 280 27.61 -41.72 -21.82
C LEU H 280 26.78 -41.13 -20.68
N ARG H 281 26.36 -42.00 -19.76
CA ARG H 281 25.58 -41.58 -18.58
C ARG H 281 26.39 -40.63 -17.70
N LEU H 282 27.61 -41.03 -17.36
CA LEU H 282 28.50 -40.22 -16.54
C LEU H 282 28.93 -38.96 -17.28
N ARG H 283 29.09 -39.06 -18.60
CA ARG H 283 29.58 -37.94 -19.42
C ARG H 283 28.58 -36.79 -19.43
N VAL H 284 27.29 -37.12 -19.55
CA VAL H 284 26.24 -36.09 -19.65
C VAL H 284 25.91 -35.42 -18.32
N PHE H 285 26.34 -36.02 -17.21
CA PHE H 285 26.14 -35.46 -15.87
C PHE H 285 27.18 -34.40 -15.54
N LEU H 286 28.43 -34.65 -15.93
CA LEU H 286 29.50 -33.68 -15.75
C LEU H 286 29.34 -32.53 -16.74
N ASP H 287 28.83 -32.83 -17.93
CA ASP H 287 28.48 -31.79 -18.91
C ASP H 287 27.38 -30.89 -18.36
N PHE H 288 26.37 -31.52 -17.77
CA PHE H 288 25.27 -30.78 -17.14
C PHE H 288 25.78 -29.89 -16.02
N LEU H 289 26.63 -30.45 -15.16
CA LEU H 289 27.13 -29.74 -13.99
C LEU H 289 28.02 -28.55 -14.36
N VAL H 290 28.90 -28.69 -15.35
CA VAL H 290 29.72 -27.54 -15.77
C VAL H 290 28.83 -26.42 -16.29
N GLU H 291 27.92 -26.75 -17.22
CA GLU H 291 27.09 -25.75 -17.87
C GLU H 291 25.83 -25.40 -17.09
N GLU H 292 25.81 -25.71 -15.79
CA GLU H 292 24.79 -25.15 -14.91
C GLU H 292 25.40 -24.32 -13.79
N LEU H 293 26.65 -24.59 -13.45
CA LEU H 293 27.35 -23.84 -12.41
C LEU H 293 28.52 -23.05 -13.03
N GLY H 294 28.19 -22.20 -14.01
CA GLY H 294 29.17 -21.36 -14.69
C GLY H 294 28.52 -20.32 -15.60
#